data_6QKY
#
_entry.id   6QKY
#
_cell.length_a   104.810
_cell.length_b   138.620
_cell.length_c   107.250
_cell.angle_alpha   90.00
_cell.angle_beta   117.21
_cell.angle_gamma   90.00
#
_symmetry.space_group_name_H-M   'P 1 21 1'
#
loop_
_entity.id
_entity.type
_entity.pdbx_description
1 polymer 'Tryptophan synthase alpha chain'
2 non-polymer GLYCEROL
3 non-polymer 'ACETIC ACID'
4 non-polymer DI(HYDROXYETHYL)ETHER
5 water water
#
_entity_poly.entity_id   1
_entity_poly.type   'polypeptide(L)'
_entity_poly.pdbx_seq_one_letter_code
;SNA(MSE)PKTLTEKLNAIKAAGKGIFVPYI(MSE)AGDHEKGLDGLAETIHFLEDLGVSAIEVGIPFSDPVADGPVIEE
AGLRSLAHGTSTQALVETLKTIETEIPLVI(MSE)TYFNPLFQYGVENFVKDLADTAVKGLIIPDLPHEHANFVEPFLAN
TDIALIPLVSLTTGIERQKELIEGAEGFIYAVAINGVTGKSGNYRADLDKHLAQLHQVADIPVLTGFGVSSQADLERFNA
VSDGVIVGSKIVKALHQGEPIQDFIRQAVAYQK
;
_entity_poly.pdbx_strand_id   A,B,C,D,E,F,G,H,I,J
#
# COMPACT_ATOMS: atom_id res chain seq x y z
N ALA A 3 -36.23 18.20 -44.76
CA ALA A 3 -36.89 16.91 -45.13
C ALA A 3 -37.96 16.55 -44.09
N PRO A 5 -39.45 15.94 -40.70
CA PRO A 5 -39.09 16.43 -39.36
C PRO A 5 -38.81 15.25 -38.40
N LYS A 6 -37.80 15.40 -37.54
CA LYS A 6 -37.38 14.32 -36.69
C LYS A 6 -38.31 14.22 -35.49
N THR A 7 -38.65 13.00 -35.08
CA THR A 7 -39.60 12.82 -33.99
C THR A 7 -39.05 13.41 -32.68
N LEU A 8 -37.75 13.40 -32.46
CA LEU A 8 -37.23 13.95 -31.15
C LEU A 8 -37.54 15.45 -31.06
N THR A 9 -37.34 16.17 -32.16
CA THR A 9 -37.64 17.60 -32.18
C THR A 9 -39.13 17.84 -31.89
N GLU A 10 -39.99 17.03 -32.53
CA GLU A 10 -41.42 17.19 -32.35
C GLU A 10 -41.81 16.95 -30.88
N LYS A 11 -41.28 15.90 -30.29
CA LYS A 11 -41.68 15.51 -28.96
C LYS A 11 -41.26 16.58 -27.94
N LEU A 12 -40.08 17.16 -28.13
CA LEU A 12 -39.58 18.16 -27.19
C LEU A 12 -40.33 19.48 -27.40
N ASN A 13 -40.57 19.85 -28.65
CA ASN A 13 -41.39 21.04 -28.97
C ASN A 13 -42.76 20.94 -28.27
N ALA A 14 -43.37 19.76 -28.28
CA ALA A 14 -44.70 19.53 -27.68
C ALA A 14 -44.66 19.78 -26.18
N ILE A 15 -43.60 19.35 -25.52
CA ILE A 15 -43.48 19.54 -24.07
C ILE A 15 -43.34 21.04 -23.78
N LYS A 16 -42.50 21.69 -24.58
CA LYS A 16 -42.28 23.12 -24.45
C LYS A 16 -43.60 23.88 -24.70
N ALA A 17 -44.29 23.51 -25.78
CA ALA A 17 -45.56 24.15 -26.16
C ALA A 17 -46.59 24.00 -25.04
N ALA A 18 -46.53 22.90 -24.28
CA ALA A 18 -47.44 22.66 -23.17
C ALA A 18 -47.02 23.45 -21.92
N GLY A 19 -45.94 24.23 -22.01
CA GLY A 19 -45.46 25.04 -20.89
C GLY A 19 -44.76 24.20 -19.81
N LYS A 20 -44.29 23.02 -20.17
CA LYS A 20 -43.60 22.16 -19.21
C LYS A 20 -42.09 22.19 -19.50
N GLY A 21 -41.30 22.02 -18.45
CA GLY A 21 -39.84 21.96 -18.61
C GLY A 21 -39.40 20.62 -19.16
N ILE A 22 -38.43 20.64 -20.04
CA ILE A 22 -37.85 19.41 -20.55
C ILE A 22 -36.86 18.87 -19.52
N PHE A 23 -36.94 17.58 -19.25
CA PHE A 23 -36.04 16.96 -18.30
C PHE A 23 -35.43 15.69 -18.93
N VAL A 24 -34.11 15.67 -19.07
CA VAL A 24 -33.42 14.54 -19.70
C VAL A 24 -32.35 14.00 -18.76
N PRO A 25 -32.61 12.83 -18.17
CA PRO A 25 -31.56 12.17 -17.40
C PRO A 25 -30.55 11.48 -18.34
N TYR A 26 -29.32 11.40 -17.88
CA TYR A 26 -28.26 10.64 -18.53
C TYR A 26 -27.95 9.39 -17.70
N ILE A 27 -27.82 8.25 -18.36
CA ILE A 27 -27.37 7.02 -17.72
C ILE A 27 -26.25 6.42 -18.56
N ALA A 29 -24.85 3.26 -20.18
CA ALA A 29 -25.28 1.93 -20.55
C ALA A 29 -24.31 0.92 -19.96
N GLY A 30 -24.86 -0.10 -19.30
CA GLY A 30 -24.04 -1.16 -18.75
C GLY A 30 -23.65 -0.91 -17.30
N ASP A 31 -23.89 0.31 -16.75
CA ASP A 31 -23.60 0.59 -15.33
C ASP A 31 -24.82 0.16 -14.52
N HIS A 32 -24.82 -1.11 -14.15
CA HIS A 32 -25.92 -1.75 -13.49
C HIS A 32 -25.41 -3.05 -12.90
N GLU A 33 -26.06 -3.55 -11.84
CA GLU A 33 -25.70 -4.84 -11.26
C GLU A 33 -25.69 -5.93 -12.33
N LYS A 34 -26.61 -5.83 -13.31
CA LYS A 34 -26.77 -6.86 -14.34
C LYS A 34 -26.13 -6.41 -15.67
N GLY A 35 -25.33 -5.35 -15.65
CA GLY A 35 -24.73 -4.84 -16.87
C GLY A 35 -25.77 -4.39 -17.87
N LEU A 36 -25.57 -4.74 -19.14
CA LEU A 36 -26.50 -4.34 -20.19
C LEU A 36 -27.87 -4.95 -19.97
N ASP A 37 -27.94 -6.05 -19.24
CA ASP A 37 -29.24 -6.70 -18.99
C ASP A 37 -30.08 -5.86 -18.03
N GLY A 38 -29.46 -4.88 -17.38
CA GLY A 38 -30.19 -3.99 -16.49
C GLY A 38 -30.71 -2.74 -17.19
N LEU A 39 -30.36 -2.54 -18.46
CA LEU A 39 -30.66 -1.27 -19.16
C LEU A 39 -32.17 -1.07 -19.30
N ALA A 40 -32.90 -2.12 -19.70
CA ALA A 40 -34.35 -1.99 -19.89
C ALA A 40 -35.02 -1.53 -18.59
N GLU A 41 -34.59 -2.14 -17.49
CA GLU A 41 -35.14 -1.84 -16.18
C GLU A 41 -34.93 -0.37 -15.85
N THR A 42 -33.72 0.14 -16.12
CA THR A 42 -33.41 1.51 -15.82
C THR A 42 -34.25 2.44 -16.69
N ILE A 43 -34.39 2.11 -17.98
CA ILE A 43 -35.12 2.96 -18.91
C ILE A 43 -36.59 3.03 -18.48
N HIS A 44 -37.16 1.89 -18.13
CA HIS A 44 -38.57 1.83 -17.77
C HIS A 44 -38.80 2.55 -16.43
N PHE A 45 -37.84 2.46 -15.54
CA PHE A 45 -37.91 3.19 -14.29
C PHE A 45 -38.02 4.70 -14.56
N LEU A 46 -37.24 5.20 -15.49
CA LEU A 46 -37.23 6.62 -15.83
C LEU A 46 -38.48 6.99 -16.63
N GLU A 47 -38.93 6.08 -17.49
CA GLU A 47 -40.16 6.28 -18.27
C GLU A 47 -41.36 6.47 -17.34
N ASP A 48 -41.43 5.64 -16.29
CA ASP A 48 -42.50 5.68 -15.33
C ASP A 48 -42.55 7.04 -14.63
N LEU A 49 -41.42 7.74 -14.56
CA LEU A 49 -41.38 9.04 -13.89
C LEU A 49 -41.66 10.17 -14.89
N GLY A 50 -41.87 9.85 -16.16
CA GLY A 50 -42.34 10.85 -17.14
C GLY A 50 -41.24 11.79 -17.61
N VAL A 51 -40.00 11.28 -17.76
CA VAL A 51 -38.91 12.10 -18.29
C VAL A 51 -39.16 12.35 -19.78
N SER A 52 -38.54 13.41 -20.30
CA SER A 52 -38.78 13.89 -21.67
C SER A 52 -38.06 12.99 -22.67
N ALA A 53 -36.82 12.66 -22.32
CA ALA A 53 -35.99 11.80 -23.14
C ALA A 53 -34.89 11.23 -22.23
N ILE A 54 -34.15 10.24 -22.70
CA ILE A 54 -33.09 9.65 -21.91
C ILE A 54 -31.81 9.62 -22.76
N GLU A 55 -30.76 10.20 -22.20
CA GLU A 55 -29.43 10.17 -22.74
C GLU A 55 -28.75 8.87 -22.30
N VAL A 56 -28.31 8.06 -23.24
CA VAL A 56 -27.71 6.75 -22.94
C VAL A 56 -26.25 6.77 -23.38
N GLY A 57 -25.37 6.74 -22.40
CA GLY A 57 -23.95 6.85 -22.66
C GLY A 57 -23.33 5.52 -23.08
N ILE A 58 -22.38 5.58 -24.00
CA ILE A 58 -21.55 4.46 -24.37
C ILE A 58 -20.18 4.65 -23.70
N PRO A 59 -19.71 3.64 -22.97
CA PRO A 59 -18.41 3.75 -22.37
C PRO A 59 -17.30 3.79 -23.44
N PHE A 60 -16.26 4.54 -23.16
CA PHE A 60 -15.18 4.74 -24.08
C PHE A 60 -14.06 3.74 -23.83
N SER A 61 -13.70 2.95 -24.81
CA SER A 61 -12.46 2.13 -24.70
C SER A 61 -11.45 2.64 -25.73
N ASP A 62 -10.21 2.74 -25.34
CA ASP A 62 -9.21 3.21 -26.26
C ASP A 62 -8.80 2.02 -27.15
N PRO A 63 -8.30 2.31 -28.32
CA PRO A 63 -7.86 1.39 -29.33
C PRO A 63 -6.38 1.03 -29.24
N VAL A 64 -5.67 1.60 -28.28
CA VAL A 64 -4.24 1.36 -28.13
C VAL A 64 -3.98 -0.10 -27.78
N ALA A 65 -3.13 -0.74 -28.57
CA ALA A 65 -2.82 -2.15 -28.47
C ALA A 65 -1.31 -2.36 -28.59
N ASP A 66 -0.51 -1.39 -28.19
CA ASP A 66 0.91 -1.41 -28.52
C ASP A 66 1.71 -2.17 -27.46
N GLY A 67 1.12 -2.41 -26.28
CA GLY A 67 1.83 -3.08 -25.18
C GLY A 67 2.35 -2.07 -24.16
N PRO A 68 2.75 -2.57 -22.99
CA PRO A 68 3.08 -1.72 -21.84
C PRO A 68 4.21 -0.71 -22.09
N VAL A 69 5.28 -1.12 -22.72
CA VAL A 69 6.44 -0.23 -22.91
C VAL A 69 6.02 1.03 -23.67
N ILE A 70 5.31 0.82 -24.77
CA ILE A 70 4.95 1.91 -25.64
C ILE A 70 3.76 2.68 -25.05
N GLU A 71 2.86 1.98 -24.37
CA GLU A 71 1.76 2.65 -23.67
C GLU A 71 2.34 3.65 -22.66
N GLU A 72 3.35 3.22 -21.89
CA GLU A 72 3.97 4.10 -20.88
C GLU A 72 4.67 5.26 -21.57
N ALA A 73 5.33 4.99 -22.70
CA ALA A 73 6.04 6.05 -23.45
C ALA A 73 5.05 7.13 -23.92
N GLY A 74 3.86 6.71 -24.33
CA GLY A 74 2.81 7.64 -24.71
C GLY A 74 2.38 8.54 -23.56
N LEU A 75 2.23 7.95 -22.38
CA LEU A 75 1.84 8.73 -21.19
C LEU A 75 2.95 9.73 -20.84
N ARG A 76 4.20 9.32 -20.95
CA ARG A 76 5.30 10.22 -20.65
C ARG A 76 5.27 11.39 -21.66
N SER A 77 5.03 11.05 -22.93
CA SER A 77 5.00 12.05 -23.99
C SER A 77 3.89 13.06 -23.74
N LEU A 78 2.73 12.58 -23.36
CA LEU A 78 1.60 13.49 -23.10
C LEU A 78 1.91 14.36 -21.88
N ALA A 79 2.63 13.80 -20.90
CA ALA A 79 2.95 14.54 -19.67
C ALA A 79 3.99 15.64 -19.97
N HIS A 80 4.71 15.51 -21.06
CA HIS A 80 5.61 16.58 -21.54
C HIS A 80 4.86 17.61 -22.39
N GLY A 81 3.54 17.46 -22.55
CA GLY A 81 2.75 18.47 -23.26
C GLY A 81 2.76 18.25 -24.75
N THR A 82 3.11 17.06 -25.21
CA THR A 82 3.06 16.73 -26.63
C THR A 82 1.63 16.87 -27.15
N SER A 83 1.47 17.55 -28.26
CA SER A 83 0.21 17.60 -28.98
C SER A 83 0.48 17.28 -30.46
N THR A 84 -0.56 16.88 -31.19
CA THR A 84 -0.40 16.64 -32.61
C THR A 84 0.10 17.93 -33.29
N GLN A 85 -0.51 19.06 -32.94
CA GLN A 85 -0.15 20.32 -33.59
C GLN A 85 1.34 20.64 -33.37
N ALA A 86 1.79 20.48 -32.15
CA ALA A 86 3.19 20.79 -31.80
C ALA A 86 4.13 19.80 -32.48
N LEU A 87 3.70 18.55 -32.64
CA LEU A 87 4.53 17.56 -33.34
C LEU A 87 4.71 17.98 -34.80
N VAL A 88 3.62 18.36 -35.45
CA VAL A 88 3.69 18.75 -36.85
C VAL A 88 4.66 19.92 -36.98
N GLU A 89 4.51 20.92 -36.11
CA GLU A 89 5.34 22.13 -36.17
C GLU A 89 6.80 21.75 -35.94
N THR A 90 7.06 20.89 -34.98
CA THR A 90 8.43 20.44 -34.69
C THR A 90 9.00 19.72 -35.93
N LEU A 91 8.20 18.93 -36.61
CA LEU A 91 8.69 18.14 -37.74
C LEU A 91 9.11 19.05 -38.90
N LYS A 92 8.47 20.20 -39.05
CA LYS A 92 8.86 21.14 -40.10
C LYS A 92 10.27 21.67 -39.86
N THR A 93 10.65 21.70 -38.61
CA THR A 93 11.96 22.17 -38.15
C THR A 93 13.07 21.18 -38.52
N ILE A 94 12.75 19.90 -38.64
CA ILE A 94 13.78 18.88 -38.61
C ILE A 94 14.24 18.56 -40.03
N GLU A 95 15.54 18.62 -40.23
CA GLU A 95 16.13 18.29 -41.52
C GLU A 95 16.89 16.98 -41.39
N THR A 96 16.55 16.02 -42.25
CA THR A 96 17.18 14.71 -42.23
C THR A 96 16.99 14.04 -43.60
N GLU A 97 17.96 13.22 -43.98
CA GLU A 97 17.91 12.45 -45.21
C GLU A 97 17.11 11.16 -44.99
N ILE A 98 16.90 10.80 -43.73
CA ILE A 98 16.18 9.60 -43.36
C ILE A 98 14.68 9.86 -43.54
N PRO A 99 14.00 8.97 -44.27
CA PRO A 99 12.54 9.12 -44.36
C PRO A 99 11.84 8.77 -43.03
N LEU A 100 10.87 9.60 -42.65
CA LEU A 100 10.12 9.40 -41.43
C LEU A 100 8.73 8.86 -41.78
N VAL A 101 8.28 7.90 -40.99
CA VAL A 101 6.98 7.28 -41.15
C VAL A 101 6.18 7.54 -39.88
N ILE A 102 5.08 8.25 -40.00
CA ILE A 102 4.24 8.56 -38.88
C ILE A 102 3.35 7.35 -38.59
N THR A 104 0.19 6.49 -36.25
CA THR A 104 -0.82 7.05 -35.39
C THR A 104 -2.12 6.27 -35.53
N TYR A 105 -2.91 6.27 -34.48
CA TYR A 105 -4.28 5.79 -34.59
C TYR A 105 -5.12 6.86 -35.26
N PHE A 106 -6.29 6.48 -35.70
CA PHE A 106 -7.05 7.35 -36.54
C PHE A 106 -7.52 8.60 -35.79
N ASN A 107 -7.89 8.48 -34.50
CA ASN A 107 -8.59 9.60 -33.84
C ASN A 107 -7.73 10.87 -33.87
N PRO A 108 -6.44 10.81 -33.50
CA PRO A 108 -5.65 12.03 -33.45
C PRO A 108 -5.59 12.71 -34.82
N LEU A 109 -5.51 11.88 -35.85
CA LEU A 109 -5.50 12.35 -37.22
C LEU A 109 -6.82 13.04 -37.56
N PHE A 110 -7.90 12.39 -37.19
CA PHE A 110 -9.22 12.86 -37.45
C PHE A 110 -9.48 14.20 -36.74
N GLN A 111 -9.02 14.30 -35.51
CA GLN A 111 -9.21 15.52 -34.71
C GLN A 111 -8.43 16.67 -35.33
N TYR A 112 -7.23 16.40 -35.80
CA TYR A 112 -6.39 17.42 -36.42
C TYR A 112 -6.97 17.83 -37.77
N GLY A 113 -7.57 16.88 -38.45
CA GLY A 113 -7.99 17.04 -39.84
C GLY A 113 -7.04 16.33 -40.75
N VAL A 114 -7.52 15.29 -41.43
CA VAL A 114 -6.63 14.45 -42.22
C VAL A 114 -5.95 15.30 -43.30
N GLU A 115 -6.74 16.08 -44.03
CA GLU A 115 -6.23 16.87 -45.13
C GLU A 115 -5.19 17.88 -44.61
N ASN A 116 -5.55 18.57 -43.54
CA ASN A 116 -4.66 19.52 -42.90
C ASN A 116 -3.32 18.84 -42.55
N PHE A 117 -3.40 17.65 -41.98
CA PHE A 117 -2.22 16.95 -41.51
C PHE A 117 -1.28 16.69 -42.68
N VAL A 118 -1.85 16.21 -43.77
CA VAL A 118 -1.05 15.84 -44.93
C VAL A 118 -0.45 17.09 -45.56
N LYS A 119 -1.25 18.13 -45.73
CA LYS A 119 -0.78 19.35 -46.35
C LYS A 119 0.32 19.98 -45.47
N ASP A 120 0.11 19.99 -44.16
CA ASP A 120 1.06 20.62 -43.26
C ASP A 120 2.40 19.87 -43.27
N LEU A 121 2.42 18.60 -43.68
CA LEU A 121 3.68 17.84 -43.69
C LEU A 121 4.30 17.79 -45.10
N ALA A 122 3.76 18.58 -46.03
CA ALA A 122 4.20 18.51 -47.41
C ALA A 122 5.72 18.76 -47.51
N ASP A 123 6.25 19.67 -46.73
CA ASP A 123 7.61 20.10 -46.94
C ASP A 123 8.58 19.41 -45.95
N THR A 124 8.15 18.33 -45.31
CA THR A 124 8.91 17.73 -44.21
C THR A 124 9.61 16.44 -44.67
N ALA A 125 10.29 15.80 -43.74
CA ALA A 125 10.95 14.53 -43.94
C ALA A 125 9.96 13.38 -43.81
N VAL A 126 8.68 13.66 -43.63
CA VAL A 126 7.68 12.59 -43.51
C VAL A 126 7.38 12.01 -44.90
N LYS A 127 7.55 10.70 -45.04
CA LYS A 127 7.36 10.04 -46.32
C LYS A 127 6.35 8.89 -46.23
N GLY A 128 5.83 8.61 -45.04
CA GLY A 128 4.98 7.48 -44.87
C GLY A 128 4.02 7.69 -43.71
N LEU A 129 2.93 6.93 -43.74
CA LEU A 129 1.89 7.03 -42.75
C LEU A 129 1.31 5.64 -42.48
N ILE A 130 1.25 5.27 -41.19
CA ILE A 130 0.67 3.99 -40.78
C ILE A 130 -0.47 4.26 -39.81
N ILE A 131 -1.63 3.69 -40.07
CA ILE A 131 -2.78 3.88 -39.24
C ILE A 131 -3.35 2.51 -38.86
N PRO A 132 -2.89 1.96 -37.76
CA PRO A 132 -3.18 0.61 -37.34
C PRO A 132 -4.67 0.29 -37.23
N ASP A 133 -5.50 1.25 -36.86
CA ASP A 133 -6.91 0.93 -36.61
C ASP A 133 -7.77 1.45 -37.78
N LEU A 134 -7.16 1.75 -38.92
CA LEU A 134 -7.96 2.10 -40.09
C LEU A 134 -8.19 0.87 -40.94
N PRO A 135 -9.42 0.40 -41.02
CA PRO A 135 -9.76 -0.77 -41.85
C PRO A 135 -9.56 -0.46 -43.34
N HIS A 136 -9.13 -1.46 -44.11
CA HIS A 136 -8.90 -1.32 -45.55
C HIS A 136 -10.15 -0.76 -46.24
N GLU A 137 -11.34 -1.20 -45.78
CA GLU A 137 -12.54 -0.75 -46.46
C GLU A 137 -12.71 0.77 -46.31
N HIS A 138 -12.05 1.40 -45.36
CA HIS A 138 -12.19 2.83 -45.09
C HIS A 138 -10.91 3.59 -45.48
N ALA A 139 -10.13 3.06 -46.42
CA ALA A 139 -8.91 3.72 -46.88
C ALA A 139 -9.20 5.10 -47.54
N ASN A 140 -10.42 5.28 -48.05
CA ASN A 140 -10.86 6.53 -48.71
C ASN A 140 -10.80 7.73 -47.75
N PHE A 141 -10.78 7.49 -46.44
CA PHE A 141 -10.67 8.56 -45.45
C PHE A 141 -9.30 9.24 -45.54
N VAL A 142 -8.29 8.52 -46.06
CA VAL A 142 -6.95 9.08 -46.10
C VAL A 142 -6.45 9.17 -47.56
N GLU A 143 -6.70 8.15 -48.38
CA GLU A 143 -5.96 7.95 -49.65
C GLU A 143 -6.07 9.15 -50.59
N PRO A 144 -7.25 9.69 -50.80
CA PRO A 144 -7.44 10.85 -51.67
C PRO A 144 -6.50 12.03 -51.35
N PHE A 145 -6.26 12.27 -50.06
CA PHE A 145 -5.48 13.42 -49.63
C PHE A 145 -3.99 13.18 -49.87
N LEU A 146 -3.61 11.92 -50.08
CA LEU A 146 -2.21 11.57 -50.32
C LEU A 146 -1.90 11.58 -51.83
N ALA A 147 -2.90 11.85 -52.65
CA ALA A 147 -2.78 11.69 -54.10
C ALA A 147 -1.56 12.46 -54.65
N ASN A 148 -1.43 13.76 -54.38
CA ASN A 148 -0.36 14.51 -55.09
C ASN A 148 0.92 14.56 -54.24
N THR A 149 0.97 13.81 -53.13
CA THR A 149 1.98 14.02 -52.08
C THR A 149 3.11 13.00 -52.19
N ASP A 150 4.13 13.19 -51.36
CA ASP A 150 5.22 12.24 -51.25
C ASP A 150 5.05 11.39 -49.99
N ILE A 151 3.82 11.15 -49.58
CA ILE A 151 3.56 10.36 -48.38
C ILE A 151 2.85 9.07 -48.76
N ALA A 152 3.49 7.96 -48.47
CA ALA A 152 2.96 6.63 -48.76
C ALA A 152 2.09 6.17 -47.58
N LEU A 153 0.93 5.62 -47.91
CA LEU A 153 0.10 4.95 -46.91
C LEU A 153 0.51 3.49 -46.78
N ILE A 154 1.10 3.12 -45.66
CA ILE A 154 1.63 1.76 -45.48
C ILE A 154 0.52 0.85 -44.97
N PRO A 155 0.28 -0.26 -45.66
CA PRO A 155 -0.71 -1.23 -45.22
C PRO A 155 -0.15 -2.27 -44.25
N LEU A 156 -0.94 -2.56 -43.22
CA LEU A 156 -0.59 -3.62 -42.29
C LEU A 156 -1.26 -4.89 -42.75
N VAL A 157 -0.47 -5.92 -42.96
CA VAL A 157 -0.95 -7.16 -43.49
C VAL A 157 -0.72 -8.26 -42.48
N SER A 158 -1.79 -8.94 -42.11
CA SER A 158 -1.73 -10.10 -41.23
C SER A 158 -1.17 -11.31 -41.99
N LEU A 159 -0.19 -11.98 -41.39
CA LEU A 159 0.42 -13.12 -42.02
C LEU A 159 -0.46 -14.38 -41.96
N THR A 160 -1.44 -14.40 -41.05
CA THR A 160 -2.18 -15.63 -40.86
C THR A 160 -3.41 -15.65 -41.74
N THR A 161 -3.76 -14.54 -42.39
CA THR A 161 -4.90 -14.56 -43.32
C THR A 161 -4.50 -15.22 -44.65
N GLY A 162 -5.50 -15.66 -45.39
CA GLY A 162 -5.33 -16.25 -46.71
C GLY A 162 -4.61 -15.29 -47.67
N ILE A 163 -3.91 -15.89 -48.62
CA ILE A 163 -3.05 -15.18 -49.57
C ILE A 163 -3.87 -14.28 -50.50
N GLU A 164 -5.08 -14.67 -50.87
CA GLU A 164 -5.89 -13.82 -51.76
C GLU A 164 -6.24 -12.53 -51.05
N ARG A 165 -6.51 -12.62 -49.76
CA ARG A 165 -6.82 -11.44 -48.95
C ARG A 165 -5.57 -10.56 -48.83
N GLN A 166 -4.40 -11.15 -48.73
CA GLN A 166 -3.20 -10.37 -48.57
C GLN A 166 -2.91 -9.59 -49.85
N LYS A 167 -3.19 -10.21 -50.99
CA LYS A 167 -2.98 -9.56 -52.29
C LYS A 167 -3.85 -8.32 -52.41
N GLU A 168 -5.07 -8.42 -51.89
CA GLU A 168 -6.06 -7.35 -51.95
C GLU A 168 -5.55 -6.16 -51.13
N LEU A 169 -5.00 -6.43 -49.97
CA LEU A 169 -4.54 -5.38 -49.07
C LEU A 169 -3.37 -4.65 -49.70
N ILE A 170 -2.49 -5.39 -50.39
CA ILE A 170 -1.25 -4.81 -50.85
C ILE A 170 -1.39 -4.30 -52.28
N GLU A 171 -2.52 -4.48 -52.95
CA GLU A 171 -2.72 -3.95 -54.29
C GLU A 171 -2.58 -2.42 -54.30
N GLY A 172 -1.65 -1.91 -55.10
CA GLY A 172 -1.39 -0.47 -55.20
C GLY A 172 -0.64 0.08 -53.98
N ALA A 173 -0.07 -0.80 -53.15
CA ALA A 173 0.67 -0.37 -51.98
C ALA A 173 1.93 0.39 -52.38
N GLU A 174 2.29 1.37 -51.54
CA GLU A 174 3.48 2.16 -51.72
C GLU A 174 4.26 2.16 -50.41
N GLY A 175 5.54 2.53 -50.50
CA GLY A 175 6.40 2.62 -49.36
C GLY A 175 6.97 1.26 -48.99
N PHE A 176 6.20 0.52 -48.17
CA PHE A 176 6.54 -0.85 -47.87
C PHE A 176 5.31 -1.54 -47.30
N ILE A 177 5.43 -2.84 -47.08
CA ILE A 177 4.37 -3.61 -46.49
C ILE A 177 4.79 -4.04 -45.09
N TYR A 178 3.92 -3.75 -44.14
CA TYR A 178 4.17 -4.00 -42.75
C TYR A 178 3.50 -5.33 -42.39
N ALA A 179 4.28 -6.36 -42.22
CA ALA A 179 3.74 -7.67 -41.92
C ALA A 179 3.58 -7.79 -40.40
N VAL A 180 2.41 -8.20 -39.99
CA VAL A 180 2.10 -8.38 -38.58
C VAL A 180 1.59 -9.80 -38.34
N ALA A 181 1.87 -10.29 -37.16
CA ALA A 181 1.50 -11.64 -36.78
C ALA A 181 1.04 -11.57 -35.34
N ILE A 182 -0.19 -12.03 -35.11
CA ILE A 182 -0.87 -11.65 -33.86
C ILE A 182 -0.85 -12.88 -32.97
N SER A 189 -3.88 -17.99 -29.68
CA SER A 189 -4.71 -19.18 -29.44
C SER A 189 -4.80 -20.04 -30.73
N GLY A 190 -5.51 -21.16 -30.61
CA GLY A 190 -5.70 -22.07 -31.70
C GLY A 190 -4.81 -23.29 -31.53
N ASN A 191 -5.31 -24.45 -32.00
CA ASN A 191 -4.54 -25.71 -31.95
C ASN A 191 -3.59 -25.76 -33.16
N TYR A 192 -3.78 -24.86 -34.13
CA TYR A 192 -2.92 -24.78 -35.31
C TYR A 192 -1.75 -23.83 -35.06
N ARG A 193 -0.52 -24.34 -35.10
CA ARG A 193 0.68 -23.50 -35.08
C ARG A 193 1.07 -23.11 -36.52
N ALA A 194 0.93 -21.82 -36.84
CA ALA A 194 1.31 -21.28 -38.15
C ALA A 194 2.83 -21.19 -38.26
N ASP A 195 3.34 -21.57 -39.43
CA ASP A 195 4.74 -21.36 -39.75
C ASP A 195 4.84 -19.91 -40.25
N LEU A 196 5.38 -19.06 -39.38
CA LEU A 196 5.47 -17.64 -39.68
C LEU A 196 6.50 -17.41 -40.79
N ASP A 197 7.60 -18.15 -40.73
CA ASP A 197 8.66 -18.01 -41.74
C ASP A 197 8.09 -18.31 -43.12
N LYS A 198 7.32 -19.36 -43.25
CA LYS A 198 6.71 -19.73 -44.55
C LYS A 198 5.80 -18.59 -45.02
N HIS A 199 4.96 -18.07 -44.15
CA HIS A 199 3.97 -17.05 -44.55
C HIS A 199 4.67 -15.74 -44.94
N LEU A 200 5.74 -15.43 -44.20
CA LEU A 200 6.49 -14.23 -44.45
C LEU A 200 7.13 -14.29 -45.84
N ALA A 201 7.76 -15.43 -46.10
CA ALA A 201 8.40 -15.70 -47.38
C ALA A 201 7.37 -15.66 -48.50
N GLN A 202 6.19 -16.20 -48.30
CA GLN A 202 5.14 -16.21 -49.35
C GLN A 202 4.75 -14.75 -49.64
N LEU A 203 4.55 -13.97 -48.61
CA LEU A 203 4.18 -12.56 -48.79
C LEU A 203 5.29 -11.81 -49.52
N HIS A 204 6.53 -12.12 -49.13
CA HIS A 204 7.71 -11.54 -49.75
C HIS A 204 7.72 -11.77 -51.28
N GLN A 205 7.44 -12.97 -51.71
CA GLN A 205 7.46 -13.35 -53.15
C GLN A 205 6.36 -12.57 -53.88
N VAL A 206 5.18 -12.46 -53.27
CA VAL A 206 4.00 -11.95 -53.94
C VAL A 206 4.08 -10.42 -54.09
N ALA A 207 4.78 -9.77 -53.17
CA ALA A 207 4.73 -8.31 -53.08
C ALA A 207 5.66 -7.67 -54.12
N ASP A 208 5.27 -6.52 -54.62
CA ASP A 208 6.05 -5.74 -55.60
C ASP A 208 6.86 -4.64 -54.91
N ILE A 209 6.67 -4.46 -53.61
CA ILE A 209 7.47 -3.52 -52.84
C ILE A 209 8.06 -4.25 -51.63
N PRO A 210 8.91 -3.58 -50.85
CA PRO A 210 9.59 -4.23 -49.77
C PRO A 210 8.64 -4.70 -48.67
N VAL A 211 8.93 -5.88 -48.11
CA VAL A 211 8.13 -6.42 -47.04
C VAL A 211 8.94 -6.40 -45.76
N LEU A 212 8.43 -5.75 -44.74
CA LEU A 212 9.14 -5.70 -43.46
C LEU A 212 8.37 -6.49 -42.41
N THR A 213 9.15 -7.16 -41.58
CA THR A 213 8.64 -7.90 -40.45
C THR A 213 8.49 -7.00 -39.24
N GLY A 214 7.31 -6.88 -38.71
CA GLY A 214 7.02 -5.80 -37.74
C GLY A 214 6.61 -6.35 -36.39
N PHE A 215 7.02 -7.58 -36.08
CA PHE A 215 6.70 -8.20 -34.83
C PHE A 215 7.93 -9.01 -34.40
N GLY A 216 8.03 -9.18 -33.11
CA GLY A 216 8.92 -10.16 -32.50
C GLY A 216 10.39 -10.03 -32.82
N VAL A 217 10.95 -8.84 -32.99
CA VAL A 217 12.39 -8.73 -33.19
C VAL A 217 13.03 -8.09 -31.95
N SER A 218 13.69 -8.87 -31.12
CA SER A 218 14.30 -8.40 -29.92
C SER A 218 15.77 -8.83 -29.83
N SER A 219 16.28 -9.62 -30.76
CA SER A 219 17.66 -10.12 -30.65
C SER A 219 18.29 -10.27 -32.04
N GLN A 220 19.59 -10.47 -32.08
CA GLN A 220 20.30 -10.63 -33.33
C GLN A 220 19.80 -11.90 -34.03
N ALA A 221 19.49 -12.91 -33.23
CA ALA A 221 18.95 -14.16 -33.77
C ALA A 221 17.62 -13.90 -34.46
N ASP A 222 16.76 -13.12 -33.82
CA ASP A 222 15.47 -12.80 -34.40
C ASP A 222 15.70 -12.10 -35.75
N LEU A 223 16.63 -11.17 -35.73
CA LEU A 223 16.87 -10.30 -36.86
C LEU A 223 17.35 -11.09 -38.07
N GLU A 224 18.25 -12.03 -37.85
CA GLU A 224 18.81 -12.81 -38.96
C GLU A 224 17.71 -13.73 -39.53
N ARG A 225 16.90 -14.30 -38.65
CA ARG A 225 15.86 -15.22 -39.05
C ARG A 225 14.90 -14.55 -40.04
N PHE A 226 14.44 -13.35 -39.70
CA PHE A 226 13.40 -12.68 -40.46
C PHE A 226 13.98 -12.06 -41.72
N ASN A 227 15.24 -11.69 -41.69
CA ASN A 227 15.89 -11.13 -42.88
C ASN A 227 16.05 -12.22 -43.96
N ALA A 228 16.05 -13.47 -43.56
CA ALA A 228 16.15 -14.57 -44.52
C ALA A 228 14.85 -14.65 -45.35
N VAL A 229 13.73 -14.18 -44.82
CA VAL A 229 12.44 -14.42 -45.44
C VAL A 229 11.73 -13.08 -45.72
N SER A 230 12.43 -11.96 -45.56
CA SER A 230 11.81 -10.66 -45.81
C SER A 230 12.89 -9.64 -46.12
N ASP A 231 12.51 -8.38 -46.31
CA ASP A 231 13.44 -7.37 -46.71
C ASP A 231 14.00 -6.67 -45.46
N GLY A 232 13.47 -6.95 -44.27
CA GLY A 232 13.95 -6.25 -43.09
C GLY A 232 13.00 -6.28 -41.91
N VAL A 233 13.28 -5.47 -40.89
CA VAL A 233 12.56 -5.56 -39.62
C VAL A 233 12.23 -4.17 -39.11
N ILE A 234 11.17 -4.14 -38.32
CA ILE A 234 10.79 -2.99 -37.56
C ILE A 234 10.88 -3.36 -36.08
N VAL A 235 11.55 -2.51 -35.31
CA VAL A 235 11.81 -2.80 -33.90
C VAL A 235 11.30 -1.64 -33.06
N GLY A 236 10.36 -1.92 -32.18
CA GLY A 236 9.66 -0.89 -31.42
C GLY A 236 10.05 -0.87 -29.94
N SER A 237 9.41 -1.76 -29.18
CA SER A 237 9.54 -1.77 -27.71
C SER A 237 11.01 -1.71 -27.28
N LYS A 238 11.85 -2.50 -27.93
CA LYS A 238 13.23 -2.61 -27.50
C LYS A 238 13.91 -1.24 -27.53
N ILE A 239 13.65 -0.48 -28.55
CA ILE A 239 14.34 0.79 -28.76
C ILE A 239 13.75 1.83 -27.80
N VAL A 240 12.42 1.85 -27.69
CA VAL A 240 11.77 2.83 -26.86
C VAL A 240 12.22 2.64 -25.39
N LYS A 241 12.26 1.40 -24.95
CA LYS A 241 12.61 1.07 -23.60
C LYS A 241 14.07 1.46 -23.36
N ALA A 242 14.95 1.12 -24.31
CA ALA A 242 16.38 1.37 -24.16
C ALA A 242 16.64 2.88 -24.08
N LEU A 243 16.00 3.64 -24.97
CA LEU A 243 16.21 5.08 -24.95
C LEU A 243 15.75 5.66 -23.61
N HIS A 244 14.62 5.19 -23.12
CA HIS A 244 14.07 5.74 -21.89
C HIS A 244 14.95 5.39 -20.68
N GLN A 245 15.38 4.12 -20.64
CA GLN A 245 16.13 3.62 -19.50
C GLN A 245 17.62 3.90 -19.63
N GLY A 246 18.05 4.43 -20.74
CA GLY A 246 19.44 4.80 -20.92
C GLY A 246 20.34 3.61 -21.15
N GLU A 247 19.80 2.46 -21.56
CA GLU A 247 20.63 1.31 -21.95
C GLU A 247 21.24 1.63 -23.31
N PRO A 248 22.51 1.19 -23.55
CA PRO A 248 23.09 1.41 -24.89
C PRO A 248 22.41 0.44 -25.87
N ILE A 249 22.05 0.96 -27.02
CA ILE A 249 21.32 0.25 -28.07
C ILE A 249 22.06 0.44 -29.41
N GLN A 250 23.12 1.26 -29.42
CA GLN A 250 23.93 1.54 -30.57
C GLN A 250 24.46 0.24 -31.18
N ASP A 251 24.99 -0.68 -30.35
CA ASP A 251 25.62 -1.89 -30.87
C ASP A 251 24.59 -2.72 -31.64
N PHE A 252 23.41 -2.86 -31.03
CA PHE A 252 22.36 -3.66 -31.63
C PHE A 252 21.99 -3.07 -33.00
N ILE A 253 21.84 -1.75 -33.06
CA ILE A 253 21.40 -1.09 -34.28
C ILE A 253 22.50 -1.17 -35.32
N ARG A 254 23.73 -0.89 -34.94
CA ARG A 254 24.88 -0.97 -35.87
C ARG A 254 24.90 -2.35 -36.52
N GLN A 255 24.82 -3.38 -35.72
CA GLN A 255 24.88 -4.75 -36.21
C GLN A 255 23.69 -5.03 -37.12
N ALA A 256 22.52 -4.56 -36.74
CA ALA A 256 21.31 -4.80 -37.51
C ALA A 256 21.39 -4.14 -38.90
N VAL A 257 21.88 -2.90 -38.92
CA VAL A 257 21.99 -2.13 -40.17
C VAL A 257 22.96 -2.84 -41.11
N ALA A 258 23.99 -3.47 -40.54
CA ALA A 258 25.08 -4.08 -41.31
C ALA A 258 24.70 -5.46 -41.83
N TYR A 259 23.47 -5.93 -41.66
CA TYR A 259 23.05 -7.20 -42.24
C TYR A 259 23.28 -7.20 -43.76
N GLN A 260 23.94 -8.26 -44.26
CA GLN A 260 24.30 -8.39 -45.67
C GLN A 260 23.67 -9.65 -46.28
N LYS A 261 23.28 -9.52 -47.55
CA LYS A 261 22.55 -10.56 -48.31
C LYS A 261 21.36 -11.05 -47.47
N SER B 1 2.18 4.87 -62.27
CA SER B 1 1.32 5.38 -63.39
C SER B 1 1.75 6.81 -63.77
N ASN B 2 0.75 7.68 -63.96
CA ASN B 2 0.97 9.07 -64.32
C ASN B 2 1.54 9.86 -63.13
N ALA B 3 1.26 9.44 -61.91
CA ALA B 3 1.78 10.17 -60.73
C ALA B 3 3.26 9.82 -60.48
N PRO B 5 6.19 8.39 -58.52
CA PRO B 5 6.44 7.34 -57.54
C PRO B 5 7.00 7.89 -56.21
N LYS B 6 6.63 7.28 -55.10
CA LYS B 6 6.93 7.79 -53.80
C LYS B 6 8.38 7.49 -53.42
N THR B 7 9.00 8.49 -52.81
CA THR B 7 10.42 8.44 -52.49
C THR B 7 10.68 7.28 -51.49
N LEU B 8 9.75 6.99 -50.60
CA LEU B 8 9.99 5.94 -49.59
C LEU B 8 10.17 4.58 -50.27
N THR B 9 9.36 4.28 -51.27
CA THR B 9 9.52 3.02 -51.99
C THR B 9 10.90 2.93 -52.62
N GLU B 10 11.33 4.02 -53.25
CA GLU B 10 12.60 4.05 -53.95
C GLU B 10 13.74 3.84 -52.97
N LYS B 11 13.70 4.52 -51.84
CA LYS B 11 14.80 4.47 -50.91
C LYS B 11 14.96 3.06 -50.33
N LEU B 12 13.84 2.40 -50.04
CA LEU B 12 13.90 1.06 -49.45
C LEU B 12 14.30 0.04 -50.53
N ASN B 13 13.77 0.19 -51.74
CA ASN B 13 14.18 -0.66 -52.88
C ASN B 13 15.71 -0.60 -53.07
N ALA B 14 16.29 0.59 -52.95
CA ALA B 14 17.73 0.78 -53.14
C ALA B 14 18.53 0.00 -52.08
N ILE B 15 18.06 -0.01 -50.85
CA ILE B 15 18.76 -0.74 -49.80
C ILE B 15 18.67 -2.23 -50.08
N LYS B 16 17.49 -2.68 -50.47
CA LYS B 16 17.27 -4.07 -50.81
C LYS B 16 18.14 -4.47 -52.01
N ALA B 17 18.14 -3.63 -53.05
CA ALA B 17 18.91 -3.91 -54.27
C ALA B 17 20.41 -4.00 -53.94
N ALA B 18 20.87 -3.29 -52.92
CA ALA B 18 22.28 -3.35 -52.49
C ALA B 18 22.55 -4.60 -51.64
N GLY B 19 21.54 -5.42 -51.42
CA GLY B 19 21.69 -6.67 -50.64
C GLY B 19 21.80 -6.41 -49.14
N LYS B 20 21.32 -5.25 -48.68
CA LYS B 20 21.36 -4.94 -47.26
C LYS B 20 19.96 -5.08 -46.68
N GLY B 21 19.90 -5.45 -45.41
CA GLY B 21 18.65 -5.54 -44.69
C GLY B 21 18.12 -4.17 -44.33
N ILE B 22 16.81 -4.00 -44.46
CA ILE B 22 16.16 -2.78 -44.06
C ILE B 22 15.97 -2.83 -42.54
N PHE B 23 16.28 -1.73 -41.88
CA PHE B 23 16.10 -1.64 -40.45
C PHE B 23 15.37 -0.36 -40.09
N VAL B 24 14.21 -0.48 -39.46
CA VAL B 24 13.37 0.67 -39.09
C VAL B 24 13.10 0.67 -37.58
N PRO B 25 13.74 1.57 -36.85
CA PRO B 25 13.38 1.76 -35.46
C PRO B 25 12.08 2.56 -35.32
N TYR B 26 11.34 2.26 -34.25
CA TYR B 26 10.18 3.05 -33.84
C TYR B 26 10.52 3.86 -32.58
N ILE B 27 10.14 5.13 -32.56
CA ILE B 27 10.26 5.98 -31.38
C ILE B 27 8.92 6.67 -31.13
N ALA B 29 7.21 10.01 -30.36
CA ALA B 29 7.47 11.43 -30.37
C ALA B 29 7.10 12.00 -29.00
N GLY B 30 7.99 12.79 -28.42
CA GLY B 30 7.73 13.43 -27.14
C GLY B 30 8.27 12.61 -25.97
N ASP B 31 8.67 11.36 -26.17
CA ASP B 31 9.21 10.54 -25.07
C ASP B 31 10.72 10.80 -24.98
N HIS B 32 11.07 11.84 -24.25
CA HIS B 32 12.43 12.34 -24.17
C HIS B 32 12.53 13.27 -22.96
N GLU B 33 13.72 13.44 -22.41
CA GLU B 33 13.92 14.39 -21.30
C GLU B 33 13.37 15.77 -21.66
N LYS B 34 13.50 16.17 -22.95
CA LYS B 34 13.13 17.50 -23.42
C LYS B 34 11.79 17.46 -24.16
N GLY B 35 11.07 16.35 -24.08
CA GLY B 35 9.79 16.22 -24.79
C GLY B 35 9.97 16.34 -26.30
N LEU B 36 9.09 17.08 -26.97
CA LEU B 36 9.17 17.24 -28.41
C LEU B 36 10.48 17.93 -28.82
N ASP B 37 11.07 18.69 -27.93
CA ASP B 37 12.32 19.39 -28.26
C ASP B 37 13.46 18.38 -28.37
N GLY B 38 13.26 17.15 -27.91
CA GLY B 38 14.27 16.13 -28.02
C GLY B 38 14.17 15.30 -29.29
N LEU B 39 13.12 15.54 -30.10
CA LEU B 39 12.85 14.66 -31.24
C LEU B 39 13.98 14.72 -32.29
N ALA B 40 14.45 15.94 -32.62
CA ALA B 40 15.50 16.10 -33.60
C ALA B 40 16.75 15.32 -33.18
N GLU B 41 17.08 15.42 -31.91
CA GLU B 41 18.26 14.79 -31.35
C GLU B 41 18.15 13.28 -31.52
N THR B 42 16.98 12.74 -31.23
CA THR B 42 16.78 11.30 -31.34
C THR B 42 16.88 10.86 -32.81
N ILE B 43 16.30 11.65 -33.71
CA ILE B 43 16.30 11.28 -35.12
C ILE B 43 17.73 11.31 -35.66
N HIS B 44 18.49 12.33 -35.28
CA HIS B 44 19.86 12.46 -35.76
C HIS B 44 20.74 11.34 -35.18
N PHE B 45 20.46 10.96 -33.96
CA PHE B 45 21.17 9.86 -33.33
C PHE B 45 20.99 8.59 -34.16
N LEU B 46 19.76 8.34 -34.61
CA LEU B 46 19.44 7.14 -35.38
C LEU B 46 19.97 7.28 -36.81
N GLU B 47 19.93 8.48 -37.37
CA GLU B 47 20.47 8.75 -38.71
C GLU B 47 21.96 8.44 -38.76
N ASP B 48 22.68 8.84 -37.71
CA ASP B 48 24.12 8.62 -37.60
C ASP B 48 24.42 7.12 -37.61
N LEU B 49 23.49 6.29 -37.20
CA LEU B 49 23.73 4.84 -37.17
C LEU B 49 23.28 4.20 -38.48
N GLY B 50 22.75 4.97 -39.42
CA GLY B 50 22.46 4.49 -40.77
C GLY B 50 21.20 3.63 -40.85
N VAL B 51 20.18 3.97 -40.09
CA VAL B 51 18.89 3.25 -40.18
C VAL B 51 18.21 3.60 -41.51
N SER B 52 17.31 2.72 -41.96
CA SER B 52 16.70 2.82 -43.27
C SER B 52 15.60 3.89 -43.25
N ALA B 53 14.82 3.87 -42.19
CA ALA B 53 13.75 4.83 -41.99
C ALA B 53 13.42 4.85 -40.49
N ILE B 54 12.65 5.83 -40.05
CA ILE B 54 12.27 5.92 -38.66
C ILE B 54 10.75 6.06 -38.56
N GLU B 55 10.16 5.16 -37.80
CA GLU B 55 8.76 5.20 -37.43
C GLU B 55 8.60 6.13 -36.21
N VAL B 56 7.78 7.15 -36.34
CA VAL B 56 7.59 8.16 -35.31
C VAL B 56 6.14 8.09 -34.81
N GLY B 57 5.99 7.66 -33.58
CA GLY B 57 4.67 7.45 -33.02
C GLY B 57 4.07 8.75 -32.49
N ILE B 58 2.76 8.89 -32.65
CA ILE B 58 1.98 9.93 -32.02
C ILE B 58 1.24 9.35 -30.82
N PRO B 59 1.39 9.96 -29.65
CA PRO B 59 0.67 9.44 -28.49
C PRO B 59 -0.84 9.62 -28.66
N PHE B 60 -1.60 8.64 -28.17
CA PHE B 60 -3.04 8.72 -28.21
C PHE B 60 -3.58 9.40 -26.95
N SER B 61 -4.32 10.48 -27.09
CA SER B 61 -4.83 11.17 -25.92
C SER B 61 -6.31 10.90 -25.72
N ASP B 62 -6.65 10.60 -24.50
CA ASP B 62 -7.98 10.24 -24.14
C ASP B 62 -8.91 11.45 -24.21
N PRO B 63 -10.09 11.27 -24.79
CA PRO B 63 -11.00 12.38 -25.04
C PRO B 63 -12.01 12.59 -23.91
N VAL B 64 -11.98 11.71 -22.92
CA VAL B 64 -13.05 11.67 -21.92
C VAL B 64 -12.90 12.91 -21.02
N ALA B 65 -13.98 13.66 -20.89
CA ALA B 65 -14.00 14.87 -20.12
C ALA B 65 -15.27 14.93 -19.25
N ASP B 66 -15.79 13.77 -18.86
CA ASP B 66 -17.14 13.72 -18.29
C ASP B 66 -17.12 13.98 -16.79
N GLY B 67 -15.97 13.89 -16.14
CA GLY B 67 -15.89 14.03 -14.67
C GLY B 67 -15.84 12.69 -13.95
N PRO B 68 -15.47 12.70 -12.68
CA PRO B 68 -15.15 11.47 -11.94
C PRO B 68 -16.31 10.47 -11.83
N VAL B 69 -17.50 10.95 -11.54
CA VAL B 69 -18.65 10.05 -11.33
C VAL B 69 -18.91 9.24 -12.61
N ILE B 70 -18.93 9.91 -13.74
CA ILE B 70 -19.26 9.27 -14.99
C ILE B 70 -18.04 8.47 -15.50
N GLU B 71 -16.84 8.95 -15.26
CA GLU B 71 -15.63 8.21 -15.60
C GLU B 71 -15.66 6.85 -14.89
N GLU B 72 -16.00 6.85 -13.60
CA GLU B 72 -16.05 5.62 -12.83
C GLU B 72 -17.17 4.71 -13.37
N ALA B 73 -18.30 5.30 -13.73
CA ALA B 73 -19.43 4.54 -14.24
C ALA B 73 -19.04 3.82 -15.54
N GLY B 74 -18.25 4.50 -16.38
CA GLY B 74 -17.74 3.88 -17.61
C GLY B 74 -16.86 2.67 -17.32
N LEU B 75 -16.00 2.79 -16.32
CA LEU B 75 -15.13 1.67 -15.96
C LEU B 75 -15.95 0.51 -15.43
N ARG B 76 -16.99 0.79 -14.64
CA ARG B 76 -17.84 -0.27 -14.13
C ARG B 76 -18.53 -0.96 -15.30
N SER B 77 -19.00 -0.16 -16.26
CA SER B 77 -19.73 -0.68 -17.41
C SER B 77 -18.82 -1.59 -18.24
N LEU B 78 -17.58 -1.16 -18.44
CA LEU B 78 -16.65 -1.97 -19.22
C LEU B 78 -16.33 -3.26 -18.47
N ALA B 79 -16.29 -3.20 -17.14
CA ALA B 79 -15.96 -4.37 -16.33
C ALA B 79 -17.11 -5.37 -16.36
N HIS B 80 -18.32 -4.92 -16.70
CA HIS B 80 -19.45 -5.82 -16.90
C HIS B 80 -19.48 -6.37 -18.34
N GLY B 81 -18.47 -6.06 -19.16
CA GLY B 81 -18.39 -6.63 -20.49
C GLY B 81 -19.21 -5.85 -21.53
N THR B 82 -19.57 -4.63 -21.20
CA THR B 82 -20.34 -3.79 -22.12
C THR B 82 -19.50 -3.53 -23.38
N SER B 83 -20.12 -3.73 -24.54
CA SER B 83 -19.53 -3.34 -25.82
C SER B 83 -20.55 -2.54 -26.62
N THR B 84 -20.10 -1.77 -27.59
CA THR B 84 -21.00 -1.06 -28.47
C THR B 84 -21.94 -2.06 -29.16
N GLN B 85 -21.40 -3.15 -29.64
CA GLN B 85 -22.18 -4.12 -30.39
C GLN B 85 -23.31 -4.68 -29.49
N ALA B 86 -22.97 -5.03 -28.27
CA ALA B 86 -23.94 -5.59 -27.32
C ALA B 86 -24.98 -4.54 -26.93
N LEU B 87 -24.57 -3.27 -26.86
CA LEU B 87 -25.52 -2.20 -26.54
C LEU B 87 -26.56 -2.09 -27.67
N VAL B 88 -26.09 -2.08 -28.91
CA VAL B 88 -26.99 -1.96 -30.04
C VAL B 88 -27.99 -3.12 -30.01
N GLU B 89 -27.49 -4.33 -29.79
CA GLU B 89 -28.36 -5.52 -29.78
C GLU B 89 -29.37 -5.41 -28.64
N THR B 90 -28.94 -4.97 -27.48
CA THR B 90 -29.83 -4.80 -26.34
C THR B 90 -30.91 -3.76 -26.69
N LEU B 91 -30.54 -2.70 -27.38
CA LEU B 91 -31.49 -1.62 -27.67
C LEU B 91 -32.58 -2.11 -28.61
N LYS B 92 -32.29 -3.07 -29.48
CA LYS B 92 -33.32 -3.61 -30.38
C LYS B 92 -34.41 -4.33 -29.57
N THR B 93 -34.01 -4.83 -28.43
CA THR B 93 -34.90 -5.53 -27.50
C THR B 93 -35.89 -4.58 -26.83
N ILE B 94 -35.52 -3.32 -26.66
CA ILE B 94 -36.21 -2.46 -25.70
C ILE B 94 -37.33 -1.69 -26.39
N GLU B 95 -38.51 -1.78 -25.80
CA GLU B 95 -39.66 -1.02 -26.29
C GLU B 95 -39.97 0.10 -25.28
N THR B 96 -40.01 1.33 -25.78
CA THR B 96 -40.32 2.48 -24.94
C THR B 96 -40.85 3.64 -25.80
N GLU B 97 -41.73 4.43 -25.21
CA GLU B 97 -42.29 5.60 -25.86
C GLU B 97 -41.34 6.79 -25.71
N ILE B 98 -40.39 6.67 -24.78
CA ILE B 98 -39.42 7.72 -24.52
C ILE B 98 -38.37 7.71 -25.62
N PRO B 99 -38.09 8.86 -26.23
CA PRO B 99 -36.99 8.89 -27.21
C PRO B 99 -35.62 8.78 -26.52
N LEU B 100 -34.74 7.96 -27.08
CA LEU B 100 -33.40 7.76 -26.52
C LEU B 100 -32.36 8.52 -27.36
N VAL B 101 -31.42 9.13 -26.68
CA VAL B 101 -30.34 9.86 -27.29
C VAL B 101 -29.03 9.18 -26.91
N ILE B 102 -28.30 8.71 -27.90
CA ILE B 102 -27.01 8.09 -27.66
C ILE B 102 -25.96 9.18 -27.50
N THR B 104 -21.95 9.37 -27.36
CA THR B 104 -20.71 8.64 -27.52
C THR B 104 -19.62 9.56 -28.07
N TYR B 105 -18.39 9.22 -27.75
CA TYR B 105 -17.26 9.83 -28.41
C TYR B 105 -17.12 9.21 -29.80
N PHE B 106 -16.36 9.84 -30.65
CA PHE B 106 -16.33 9.47 -32.04
C PHE B 106 -15.65 8.11 -32.21
N ASN B 107 -14.63 7.79 -31.41
CA ASN B 107 -13.82 6.62 -31.75
C ASN B 107 -14.65 5.31 -31.74
N PRO B 108 -15.48 5.11 -30.71
CA PRO B 108 -16.28 3.89 -30.68
C PRO B 108 -17.22 3.78 -31.90
N LEU B 109 -17.71 4.90 -32.32
CA LEU B 109 -18.57 5.00 -33.48
C LEU B 109 -17.79 4.65 -34.75
N PHE B 110 -16.60 5.19 -34.84
CA PHE B 110 -15.71 4.96 -35.97
C PHE B 110 -15.37 3.46 -36.05
N GLN B 111 -15.08 2.85 -34.91
CA GLN B 111 -14.68 1.44 -34.87
C GLN B 111 -15.86 0.57 -35.32
N TYR B 112 -17.06 0.92 -34.88
CA TYR B 112 -18.26 0.16 -35.21
C TYR B 112 -18.60 0.32 -36.68
N GLY B 113 -18.32 1.52 -37.20
CA GLY B 113 -18.77 1.92 -38.52
C GLY B 113 -19.99 2.83 -38.37
N VAL B 114 -19.84 4.08 -38.77
CA VAL B 114 -20.90 5.05 -38.54
C VAL B 114 -22.18 4.58 -39.26
N GLU B 115 -22.06 4.23 -40.52
CA GLU B 115 -23.22 3.85 -41.33
C GLU B 115 -23.89 2.62 -40.70
N ASN B 116 -23.08 1.62 -40.38
CA ASN B 116 -23.60 0.42 -39.71
C ASN B 116 -24.38 0.78 -38.45
N PHE B 117 -23.82 1.68 -37.65
CA PHE B 117 -24.42 2.04 -36.37
C PHE B 117 -25.82 2.63 -36.62
N VAL B 118 -25.90 3.52 -37.58
CA VAL B 118 -27.15 4.21 -37.86
C VAL B 118 -28.18 3.21 -38.41
N LYS B 119 -27.75 2.38 -39.35
CA LYS B 119 -28.66 1.41 -39.95
C LYS B 119 -29.11 0.40 -38.90
N ASP B 120 -28.21 -0.03 -38.04
CA ASP B 120 -28.54 -1.04 -37.02
C ASP B 120 -29.53 -0.46 -36.01
N LEU B 121 -29.63 0.87 -35.88
CA LEU B 121 -30.58 1.45 -34.91
C LEU B 121 -31.89 1.90 -35.61
N ALA B 122 -32.07 1.55 -36.86
CA ALA B 122 -33.15 2.14 -37.67
C ALA B 122 -34.50 1.91 -37.02
N ASP B 123 -34.73 0.73 -36.46
CA ASP B 123 -36.12 0.44 -36.05
C ASP B 123 -36.23 0.53 -34.52
N THR B 124 -35.33 1.25 -33.89
CA THR B 124 -35.24 1.25 -32.42
C THR B 124 -35.78 2.56 -31.83
N ALA B 125 -35.68 2.71 -30.52
CA ALA B 125 -36.15 3.87 -29.80
C ALA B 125 -35.11 4.99 -29.83
N VAL B 126 -34.00 4.80 -30.55
CA VAL B 126 -32.97 5.85 -30.59
C VAL B 126 -33.39 6.94 -31.58
N LYS B 127 -33.46 8.18 -31.10
CA LYS B 127 -33.91 9.29 -31.92
C LYS B 127 -32.90 10.42 -31.97
N GLY B 128 -31.79 10.28 -31.29
CA GLY B 128 -30.81 11.34 -31.19
C GLY B 128 -29.42 10.81 -30.98
N LEU B 129 -28.44 11.64 -31.33
CA LEU B 129 -27.06 11.25 -31.24
C LEU B 129 -26.23 12.48 -30.84
N ILE B 130 -25.40 12.33 -29.81
CA ILE B 130 -24.50 13.38 -29.35
C ILE B 130 -23.06 12.88 -29.44
N ILE B 131 -22.20 13.63 -30.12
CA ILE B 131 -20.82 13.23 -30.28
C ILE B 131 -19.93 14.40 -29.88
N PRO B 132 -19.57 14.46 -28.62
CA PRO B 132 -18.90 15.63 -28.06
C PRO B 132 -17.59 16.00 -28.75
N ASP B 133 -16.86 15.03 -29.28
CA ASP B 133 -15.55 15.30 -29.84
C ASP B 133 -15.61 15.21 -31.37
N LEU B 134 -16.78 15.35 -31.96
CA LEU B 134 -16.89 15.48 -33.42
C LEU B 134 -16.81 16.95 -33.81
N PRO B 135 -15.72 17.37 -34.46
CA PRO B 135 -15.57 18.76 -34.87
C PRO B 135 -16.58 19.14 -35.97
N HIS B 136 -17.12 20.37 -35.92
CA HIS B 136 -18.18 20.75 -36.85
C HIS B 136 -17.69 20.62 -38.29
N GLU B 137 -16.43 20.97 -38.49
CA GLU B 137 -15.81 20.95 -39.80
C GLU B 137 -15.87 19.54 -40.39
N HIS B 138 -15.94 18.50 -39.55
CA HIS B 138 -15.86 17.12 -40.03
C HIS B 138 -17.22 16.41 -39.83
N ALA B 139 -18.31 17.19 -39.84
CA ALA B 139 -19.65 16.64 -39.65
C ALA B 139 -20.05 15.71 -40.81
N ASN B 140 -19.40 15.83 -41.96
CA ASN B 140 -19.63 14.97 -43.16
C ASN B 140 -19.39 13.49 -42.84
N PHE B 141 -18.65 13.18 -41.78
CA PHE B 141 -18.43 11.79 -41.41
C PHE B 141 -19.72 11.15 -40.87
N VAL B 142 -20.64 11.97 -40.36
CA VAL B 142 -21.83 11.44 -39.72
C VAL B 142 -23.10 11.90 -40.45
N GLU B 143 -23.17 13.17 -40.81
CA GLU B 143 -24.46 13.81 -41.19
C GLU B 143 -25.13 13.10 -42.36
N PRO B 144 -24.38 12.80 -43.42
CA PRO B 144 -24.93 12.10 -44.58
C PRO B 144 -25.72 10.83 -44.23
N PHE B 145 -25.23 10.06 -43.27
CA PHE B 145 -25.83 8.78 -42.94
C PHE B 145 -27.12 8.97 -42.15
N LEU B 146 -27.32 10.16 -41.59
CA LEU B 146 -28.52 10.45 -40.81
C LEU B 146 -29.61 11.05 -41.71
N ALA B 147 -29.31 11.24 -42.99
CA ALA B 147 -30.18 12.03 -43.87
C ALA B 147 -31.60 11.45 -43.90
N ASN B 148 -31.77 10.16 -44.17
CA ASN B 148 -33.15 9.64 -44.38
C ASN B 148 -33.70 9.07 -43.07
N THR B 149 -33.02 9.28 -41.94
CA THR B 149 -33.31 8.56 -40.69
C THR B 149 -34.14 9.41 -39.75
N ASP B 150 -34.53 8.78 -38.63
CA ASP B 150 -35.24 9.50 -37.57
C ASP B 150 -34.27 9.80 -36.42
N ILE B 151 -32.99 9.98 -36.72
CA ILE B 151 -32.00 10.22 -35.68
C ILE B 151 -31.42 11.63 -35.86
N ALA B 152 -31.64 12.46 -34.85
CA ALA B 152 -31.19 13.84 -34.88
C ALA B 152 -29.77 13.93 -34.31
N LEU B 153 -28.92 14.68 -35.00
CA LEU B 153 -27.58 14.94 -34.51
C LEU B 153 -27.59 16.20 -33.65
N ILE B 154 -27.41 16.05 -32.35
CA ILE B 154 -27.52 17.16 -31.41
C ILE B 154 -26.17 17.85 -31.28
N PRO B 155 -26.14 19.15 -31.51
CA PRO B 155 -24.90 19.90 -31.35
C PRO B 155 -24.68 20.40 -29.91
N LEU B 156 -23.43 20.35 -29.46
CA LEU B 156 -22.97 21.05 -28.30
C LEU B 156 -22.56 22.48 -28.65
N VAL B 157 -23.16 23.41 -27.97
CA VAL B 157 -22.88 24.79 -28.17
C VAL B 157 -22.30 25.40 -26.90
N SER B 158 -21.11 25.95 -27.02
CA SER B 158 -20.45 26.58 -25.88
C SER B 158 -21.03 27.96 -25.63
N LEU B 159 -21.42 28.27 -24.40
CA LEU B 159 -21.93 29.58 -24.07
C LEU B 159 -20.80 30.60 -23.90
N THR B 160 -19.58 30.12 -23.69
CA THR B 160 -18.50 31.05 -23.36
C THR B 160 -17.89 31.58 -24.66
N THR B 161 -18.03 30.78 -25.78
CA THR B 161 -17.17 31.07 -26.91
C THR B 161 -17.93 32.02 -27.84
N GLY B 162 -19.19 32.33 -27.54
CA GLY B 162 -19.90 33.40 -28.25
C GLY B 162 -20.79 32.84 -29.36
N ILE B 163 -22.10 33.18 -29.32
CA ILE B 163 -23.13 32.48 -30.07
C ILE B 163 -22.96 32.73 -31.57
N GLU B 164 -22.54 33.94 -31.96
CA GLU B 164 -22.54 34.27 -33.40
C GLU B 164 -21.49 33.42 -34.10
N ARG B 165 -20.39 33.13 -33.42
CA ARG B 165 -19.35 32.27 -33.95
C ARG B 165 -19.87 30.86 -34.24
N GLN B 166 -20.77 30.36 -33.41
CA GLN B 166 -21.30 29.00 -33.57
C GLN B 166 -22.62 28.99 -34.36
N LYS B 167 -22.81 29.97 -35.20
CA LYS B 167 -24.04 30.21 -35.96
C LYS B 167 -24.35 28.99 -36.84
N GLU B 168 -23.32 28.41 -37.43
CA GLU B 168 -23.49 27.27 -38.33
C GLU B 168 -24.02 26.07 -37.55
N LEU B 169 -23.48 25.84 -36.36
CA LEU B 169 -23.90 24.72 -35.52
C LEU B 169 -25.38 24.88 -35.14
N ILE B 170 -25.76 26.09 -34.82
CA ILE B 170 -27.07 26.33 -34.25
C ILE B 170 -28.11 26.26 -35.39
N GLU B 171 -27.76 26.79 -36.56
CA GLU B 171 -28.74 26.87 -37.64
C GLU B 171 -28.98 25.44 -38.16
N GLY B 172 -27.95 24.61 -38.15
CA GLY B 172 -28.05 23.27 -38.66
C GLY B 172 -28.24 22.37 -37.47
N ALA B 173 -29.19 22.69 -36.56
CA ALA B 173 -29.40 21.83 -35.39
C ALA B 173 -30.71 21.06 -35.50
N GLU B 174 -30.68 19.82 -35.02
CA GLU B 174 -31.91 19.01 -34.98
C GLU B 174 -32.07 18.42 -33.57
N GLY B 175 -33.28 18.11 -33.19
CA GLY B 175 -33.55 17.49 -31.89
C GLY B 175 -33.62 18.49 -30.76
N PHE B 176 -32.47 18.93 -30.29
CA PHE B 176 -32.35 20.04 -29.37
C PHE B 176 -30.93 20.56 -29.41
N ILE B 177 -30.69 21.65 -28.72
CA ILE B 177 -29.38 22.25 -28.61
C ILE B 177 -28.87 22.06 -27.19
N TYR B 178 -27.68 21.49 -27.09
CA TYR B 178 -27.07 21.18 -25.81
C TYR B 178 -26.12 22.32 -25.45
N ALA B 179 -26.54 23.17 -24.53
CA ALA B 179 -25.73 24.31 -24.16
C ALA B 179 -24.77 23.90 -23.05
N VAL B 180 -23.51 24.21 -23.23
CA VAL B 180 -22.48 23.83 -22.26
C VAL B 180 -21.67 25.06 -21.87
N ALA B 181 -21.05 25.00 -20.70
CA ALA B 181 -20.25 26.17 -20.23
C ALA B 181 -19.10 25.68 -19.38
N SER B 189 -27.55 36.23 -10.07
CA SER B 189 -27.53 37.01 -8.83
C SER B 189 -26.19 36.85 -8.10
N GLY B 190 -25.37 35.87 -8.52
CA GLY B 190 -24.18 35.51 -7.75
C GLY B 190 -22.96 35.10 -8.58
N ASN B 191 -21.80 35.65 -8.20
CA ASN B 191 -20.48 35.37 -8.78
C ASN B 191 -20.19 36.37 -9.91
N TYR B 192 -21.19 37.12 -10.32
CA TYR B 192 -21.13 38.07 -11.43
C TYR B 192 -20.54 37.46 -12.73
N ARG B 193 -20.80 36.16 -12.95
CA ARG B 193 -20.72 35.52 -14.25
C ARG B 193 -22.20 35.32 -14.62
N ALA B 194 -22.90 36.45 -14.75
CA ALA B 194 -24.26 36.51 -15.27
C ALA B 194 -24.18 36.62 -16.78
N ASP B 195 -23.00 36.50 -17.37
CA ASP B 195 -22.80 36.31 -18.79
C ASP B 195 -23.42 35.00 -19.24
N LEU B 196 -23.48 33.98 -18.38
CA LEU B 196 -24.09 32.72 -18.80
C LEU B 196 -25.59 32.90 -19.00
N ASP B 197 -26.24 33.60 -18.08
CA ASP B 197 -27.69 33.83 -18.19
C ASP B 197 -27.98 34.61 -19.48
N LYS B 198 -27.19 35.64 -19.72
CA LYS B 198 -27.37 36.49 -20.92
C LYS B 198 -27.16 35.62 -22.16
N HIS B 199 -26.09 34.82 -22.19
CA HIS B 199 -25.76 34.04 -23.38
C HIS B 199 -26.81 32.95 -23.64
N LEU B 200 -27.33 32.39 -22.56
CA LEU B 200 -28.34 31.35 -22.65
C LEU B 200 -29.60 31.93 -23.28
N ALA B 201 -30.00 33.09 -22.78
CA ALA B 201 -31.18 33.80 -23.27
C ALA B 201 -30.97 34.16 -24.74
N GLN B 202 -29.79 34.62 -25.13
CA GLN B 202 -29.52 35.00 -26.52
C GLN B 202 -29.67 33.76 -27.41
N LEU B 203 -29.08 32.65 -26.97
CA LEU B 203 -29.14 31.40 -27.73
C LEU B 203 -30.60 30.93 -27.85
N HIS B 204 -31.32 31.08 -26.76
CA HIS B 204 -32.73 30.70 -26.67
C HIS B 204 -33.56 31.41 -27.75
N GLN B 205 -33.36 32.72 -27.90
CA GLN B 205 -34.12 33.52 -28.88
C GLN B 205 -33.78 33.06 -30.30
N VAL B 206 -32.50 32.81 -30.55
CA VAL B 206 -32.00 32.58 -31.90
C VAL B 206 -32.36 31.17 -32.40
N ALA B 207 -32.56 30.24 -31.47
CA ALA B 207 -32.69 28.83 -31.83
C ALA B 207 -34.12 28.54 -32.29
N ASP B 208 -34.23 27.62 -33.27
CA ASP B 208 -35.54 27.20 -33.82
C ASP B 208 -36.02 25.92 -33.14
N ILE B 209 -35.20 25.33 -32.30
CA ILE B 209 -35.56 24.13 -31.56
C ILE B 209 -35.24 24.36 -30.07
N PRO B 210 -35.57 23.40 -29.22
CA PRO B 210 -35.40 23.57 -27.81
C PRO B 210 -33.93 23.69 -27.42
N VAL B 211 -33.65 24.54 -26.42
CA VAL B 211 -32.32 24.69 -25.90
C VAL B 211 -32.29 24.10 -24.48
N LEU B 212 -31.42 23.13 -24.25
CA LEU B 212 -31.30 22.51 -22.97
C LEU B 212 -29.96 22.86 -22.33
N THR B 213 -30.01 22.96 -21.03
CA THR B 213 -28.89 23.27 -20.19
C THR B 213 -28.21 21.97 -19.78
N GLY B 214 -26.90 21.91 -20.01
CA GLY B 214 -26.12 20.76 -19.63
C GLY B 214 -25.07 21.10 -18.60
N PHE B 215 -25.27 22.16 -17.85
CA PHE B 215 -24.44 22.46 -16.70
C PHE B 215 -24.86 21.52 -15.58
N GLY B 216 -24.01 21.43 -14.57
CA GLY B 216 -24.27 20.67 -13.39
C GLY B 216 -25.59 21.07 -12.73
N VAL B 217 -26.57 20.18 -12.84
CA VAL B 217 -27.79 20.26 -12.07
C VAL B 217 -27.69 19.21 -10.96
N SER B 218 -27.58 19.71 -9.73
CA SER B 218 -27.49 18.81 -8.58
C SER B 218 -28.59 19.15 -7.55
N SER B 219 -29.39 20.19 -7.78
CA SER B 219 -30.44 20.55 -6.83
C SER B 219 -31.63 21.15 -7.58
N GLN B 220 -32.75 21.25 -6.87
CA GLN B 220 -33.96 21.84 -7.43
C GLN B 220 -33.68 23.31 -7.77
N ALA B 221 -32.87 23.97 -6.96
CA ALA B 221 -32.49 25.35 -7.19
C ALA B 221 -31.73 25.47 -8.50
N ASP B 222 -30.81 24.57 -8.76
CA ASP B 222 -30.08 24.57 -10.02
C ASP B 222 -31.08 24.49 -11.18
N LEU B 223 -32.02 23.56 -11.03
CA LEU B 223 -32.95 23.23 -12.08
C LEU B 223 -33.82 24.45 -12.43
N GLU B 224 -34.31 25.13 -11.41
CA GLU B 224 -35.23 26.24 -11.63
C GLU B 224 -34.48 27.42 -12.24
N ARG B 225 -33.24 27.64 -11.83
CA ARG B 225 -32.43 28.74 -12.33
C ARG B 225 -32.31 28.65 -13.85
N PHE B 226 -31.97 27.46 -14.35
CA PHE B 226 -31.66 27.30 -15.75
C PHE B 226 -32.95 27.28 -16.58
N ASN B 227 -34.04 26.79 -16.00
CA ASN B 227 -35.32 26.73 -16.68
C ASN B 227 -35.87 28.14 -16.92
N ALA B 228 -35.41 29.12 -16.14
CA ALA B 228 -35.81 30.51 -16.36
C ALA B 228 -35.26 31.04 -17.70
N VAL B 229 -34.16 30.48 -18.19
CA VAL B 229 -33.50 31.07 -19.37
C VAL B 229 -33.37 30.01 -20.50
N SER B 230 -34.00 28.87 -20.34
CA SER B 230 -33.88 27.82 -21.34
C SER B 230 -35.13 26.92 -21.31
N ASP B 231 -35.14 25.89 -22.14
CA ASP B 231 -36.31 25.07 -22.28
C ASP B 231 -36.22 23.87 -21.33
N GLY B 232 -35.08 23.67 -20.66
CA GLY B 232 -34.94 22.48 -19.81
C GLY B 232 -33.51 22.13 -19.47
N VAL B 233 -33.27 20.96 -18.89
CA VAL B 233 -31.96 20.56 -18.38
C VAL B 233 -31.70 19.11 -18.72
N ILE B 234 -30.42 18.78 -18.73
CA ILE B 234 -29.91 17.45 -18.73
C ILE B 234 -29.18 17.19 -17.41
N VAL B 235 -29.47 16.05 -16.81
CA VAL B 235 -28.94 15.73 -15.49
C VAL B 235 -28.17 14.43 -15.58
N GLY B 236 -26.86 14.51 -15.33
CA GLY B 236 -25.97 13.39 -15.56
C GLY B 236 -25.43 12.78 -14.28
N SER B 237 -24.37 13.39 -13.79
CA SER B 237 -23.64 12.91 -12.60
C SER B 237 -24.60 12.59 -11.46
N LYS B 238 -25.56 13.48 -11.20
CA LYS B 238 -26.39 13.32 -10.04
C LYS B 238 -27.16 11.98 -10.10
N ILE B 239 -27.64 11.65 -11.29
CA ILE B 239 -28.47 10.48 -11.46
C ILE B 239 -27.60 9.22 -11.45
N VAL B 240 -26.48 9.28 -12.15
CA VAL B 240 -25.59 8.14 -12.24
C VAL B 240 -25.10 7.77 -10.84
N LYS B 241 -24.71 8.78 -10.08
CA LYS B 241 -24.17 8.56 -8.75
C LYS B 241 -25.26 8.00 -7.85
N ALA B 242 -26.45 8.56 -7.93
CA ALA B 242 -27.56 8.14 -7.07
C ALA B 242 -27.95 6.69 -7.37
N LEU B 243 -28.05 6.34 -8.64
CA LEU B 243 -28.41 4.98 -9.00
C LEU B 243 -27.35 4.01 -8.48
N HIS B 244 -26.08 4.37 -8.62
CA HIS B 244 -25.01 3.48 -8.24
C HIS B 244 -24.95 3.32 -6.73
N GLN B 245 -25.09 4.42 -6.02
CA GLN B 245 -24.90 4.45 -4.57
C GLN B 245 -26.20 4.14 -3.85
N GLY B 246 -27.31 4.02 -4.57
CA GLY B 246 -28.60 3.79 -3.88
C GLY B 246 -29.08 5.01 -3.08
N GLU B 247 -28.69 6.19 -3.48
CA GLU B 247 -29.26 7.44 -2.94
C GLU B 247 -30.67 7.63 -3.53
N PRO B 248 -31.53 8.37 -2.81
CA PRO B 248 -32.90 8.59 -3.28
C PRO B 248 -32.93 9.51 -4.52
N ILE B 249 -33.65 9.11 -5.57
CA ILE B 249 -33.63 9.92 -6.79
C ILE B 249 -35.05 10.11 -7.33
N GLN B 250 -36.01 9.29 -6.90
CA GLN B 250 -37.33 9.33 -7.54
C GLN B 250 -38.01 10.69 -7.27
N ASP B 251 -37.90 11.15 -6.03
CA ASP B 251 -38.55 12.41 -5.63
C ASP B 251 -37.97 13.56 -6.46
N PHE B 252 -36.65 13.58 -6.59
CA PHE B 252 -36.02 14.65 -7.33
C PHE B 252 -36.55 14.68 -8.77
N ILE B 253 -36.65 13.50 -9.40
CA ILE B 253 -37.04 13.42 -10.79
C ILE B 253 -38.52 13.79 -10.91
N ARG B 254 -39.36 13.25 -10.04
CA ARG B 254 -40.79 13.57 -10.06
C ARG B 254 -41.00 15.08 -10.02
N GLN B 255 -40.33 15.72 -9.07
CA GLN B 255 -40.48 17.16 -8.88
C GLN B 255 -39.97 17.89 -10.13
N ALA B 256 -38.85 17.42 -10.69
CA ALA B 256 -38.22 18.09 -11.79
C ALA B 256 -39.12 18.03 -13.02
N VAL B 257 -39.70 16.85 -13.27
CA VAL B 257 -40.52 16.64 -14.45
C VAL B 257 -41.76 17.54 -14.37
N ALA B 258 -42.25 17.76 -13.14
CA ALA B 258 -43.53 18.44 -12.96
C ALA B 258 -43.35 19.97 -12.98
N TYR B 259 -42.12 20.47 -13.08
CA TYR B 259 -41.90 21.89 -12.75
C TYR B 259 -42.61 22.77 -13.79
N GLN B 260 -43.39 23.74 -13.31
CA GLN B 260 -44.07 24.72 -14.15
C GLN B 260 -43.55 26.14 -13.83
N LYS B 261 -43.22 26.88 -14.89
CA LYS B 261 -42.50 28.16 -14.76
C LYS B 261 -43.41 29.13 -13.98
N PRO C 5 -33.11 48.05 14.99
CA PRO C 5 -32.47 46.96 15.74
C PRO C 5 -32.62 45.60 15.04
N LYS C 6 -31.62 44.73 15.16
CA LYS C 6 -31.63 43.47 14.45
C LYS C 6 -32.50 42.45 15.19
N THR C 7 -33.27 41.71 14.42
CA THR C 7 -34.27 40.81 14.98
C THR C 7 -33.58 39.70 15.79
N LEU C 8 -32.38 39.29 15.37
CA LEU C 8 -31.67 38.19 16.04
C LEU C 8 -31.39 38.56 17.50
N THR C 9 -30.97 39.79 17.74
CA THR C 9 -30.73 40.22 19.12
C THR C 9 -32.00 40.11 19.97
N GLU C 10 -33.09 40.56 19.41
CA GLU C 10 -34.38 40.55 20.12
C GLU C 10 -34.78 39.12 20.45
N LYS C 11 -34.67 38.23 19.49
CA LYS C 11 -35.18 36.88 19.68
C LYS C 11 -34.38 36.16 20.77
N LEU C 12 -33.05 36.38 20.79
CA LEU C 12 -32.21 35.72 21.77
C LEU C 12 -32.41 36.36 23.16
N ASN C 13 -32.51 37.68 23.20
CA ASN C 13 -32.83 38.39 24.46
C ASN C 13 -34.14 37.83 25.07
N ALA C 14 -35.15 37.56 24.25
CA ALA C 14 -36.44 37.06 24.72
C ALA C 14 -36.28 35.69 25.39
N ILE C 15 -35.44 34.82 24.82
CA ILE C 15 -35.23 33.50 25.40
C ILE C 15 -34.53 33.65 26.75
N LYS C 16 -33.53 34.51 26.78
CA LYS C 16 -32.78 34.79 27.99
C LYS C 16 -33.72 35.38 29.07
N ALA C 17 -34.52 36.36 28.67
CA ALA C 17 -35.45 37.04 29.57
C ALA C 17 -36.44 36.03 30.17
N ALA C 18 -36.79 34.98 29.41
CA ALA C 18 -37.70 33.94 29.89
C ALA C 18 -36.99 32.95 30.82
N GLY C 19 -35.68 33.15 31.06
CA GLY C 19 -34.92 32.28 31.95
C GLY C 19 -34.57 30.95 31.29
N LYS C 20 -34.58 30.89 29.98
CA LYS C 20 -34.22 29.65 29.27
C LYS C 20 -32.83 29.81 28.66
N GLY C 21 -32.12 28.71 28.55
CA GLY C 21 -30.81 28.69 27.90
C GLY C 21 -30.94 28.76 26.38
N ILE C 22 -30.07 29.54 25.75
CA ILE C 22 -30.04 29.60 24.31
C ILE C 22 -29.30 28.38 23.78
N PHE C 23 -29.89 27.77 22.75
CA PHE C 23 -29.30 26.58 22.18
C PHE C 23 -29.27 26.72 20.66
N VAL C 24 -28.06 26.68 20.09
CA VAL C 24 -27.86 26.88 18.64
C VAL C 24 -27.10 25.69 18.06
N PRO C 25 -27.81 24.83 17.31
CA PRO C 25 -27.13 23.79 16.57
C PRO C 25 -26.48 24.36 15.29
N TYR C 26 -25.37 23.75 14.90
CA TYR C 26 -24.73 24.00 13.62
C TYR C 26 -24.96 22.82 12.68
N ILE C 27 -25.32 23.12 11.43
CA ILE C 27 -25.41 22.10 10.39
C ILE C 27 -24.64 22.57 9.16
N ALA C 29 -24.67 23.05 5.35
CA ALA C 29 -25.59 23.08 4.24
C ALA C 29 -25.10 22.11 3.16
N GLY C 30 -26.01 21.26 2.69
CA GLY C 30 -25.71 20.31 1.63
C GLY C 30 -25.28 18.96 2.18
N ASP C 31 -25.00 18.82 3.47
CA ASP C 31 -24.59 17.53 4.04
C ASP C 31 -25.85 16.73 4.43
N HIS C 32 -26.40 16.05 3.44
CA HIS C 32 -27.67 15.36 3.56
C HIS C 32 -27.77 14.34 2.42
N GLU C 33 -28.57 13.32 2.58
CA GLU C 33 -28.83 12.33 1.54
C GLU C 33 -29.22 13.03 0.23
N LYS C 34 -30.01 14.12 0.36
CA LYS C 34 -30.58 14.82 -0.78
C LYS C 34 -29.81 16.11 -1.08
N GLY C 35 -28.64 16.30 -0.47
CA GLY C 35 -27.87 17.51 -0.66
C GLY C 35 -28.63 18.74 -0.19
N LEU C 36 -28.58 19.81 -0.95
CA LEU C 36 -29.26 21.06 -0.59
C LEU C 36 -30.76 20.85 -0.50
N ASP C 37 -31.30 19.85 -1.20
CA ASP C 37 -32.74 19.62 -1.19
C ASP C 37 -33.16 19.05 0.18
N GLY C 38 -32.19 18.63 1.00
CA GLY C 38 -32.49 18.15 2.32
C GLY C 38 -32.43 19.24 3.39
N LEU C 39 -32.03 20.45 3.01
CA LEU C 39 -31.76 21.52 4.00
C LEU C 39 -33.07 21.92 4.71
N ALA C 40 -34.14 22.11 3.98
CA ALA C 40 -35.44 22.49 4.57
C ALA C 40 -35.85 21.46 5.64
N GLU C 41 -35.70 20.20 5.29
CA GLU C 41 -36.08 19.10 6.16
C GLU C 41 -35.29 19.18 7.46
N THR C 42 -33.99 19.43 7.34
CA THR C 42 -33.14 19.49 8.52
C THR C 42 -33.53 20.70 9.38
N ILE C 43 -33.79 21.84 8.74
CA ILE C 43 -34.12 23.06 9.47
C ILE C 43 -35.43 22.86 10.22
N HIS C 44 -36.42 22.27 9.55
CA HIS C 44 -37.74 22.08 10.16
C HIS C 44 -37.65 21.05 11.29
N PHE C 45 -36.79 20.07 11.14
CA PHE C 45 -36.56 19.10 12.19
C PHE C 45 -36.07 19.81 13.46
N LEU C 46 -35.15 20.75 13.29
CA LEU C 46 -34.57 21.48 14.40
C LEU C 46 -35.58 22.51 14.95
N GLU C 47 -36.35 23.12 14.07
CA GLU C 47 -37.38 24.07 14.46
C GLU C 47 -38.42 23.39 15.37
N ASP C 48 -38.81 22.18 15.01
CA ASP C 48 -39.79 21.40 15.76
C ASP C 48 -39.26 21.13 17.17
N LEU C 49 -37.95 21.12 17.37
CA LEU C 49 -37.39 20.86 18.68
C LEU C 49 -37.20 22.17 19.47
N GLY C 50 -37.51 23.32 18.87
CA GLY C 50 -37.53 24.59 19.60
C GLY C 50 -36.14 25.16 19.85
N VAL C 51 -35.21 24.99 18.90
CA VAL C 51 -33.89 25.57 19.02
C VAL C 51 -33.99 27.09 18.85
N SER C 52 -33.00 27.80 19.38
CA SER C 52 -33.03 29.26 19.45
C SER C 52 -32.72 29.87 18.10
N ALA C 53 -31.72 29.29 17.45
CA ALA C 53 -31.29 29.72 16.13
C ALA C 53 -30.52 28.55 15.51
N ILE C 54 -30.27 28.64 14.21
CA ILE C 54 -29.52 27.59 13.54
C ILE C 54 -28.35 28.22 12.79
N GLU C 55 -27.17 27.71 13.08
CA GLU C 55 -25.96 28.04 12.36
C GLU C 55 -25.87 27.16 11.10
N VAL C 56 -25.79 27.79 9.93
CA VAL C 56 -25.78 27.06 8.67
C VAL C 56 -24.44 27.27 7.98
N GLY C 57 -23.66 26.20 7.90
CA GLY C 57 -22.32 26.28 7.36
C GLY C 57 -22.30 26.23 5.85
N ILE C 58 -21.39 26.99 5.25
CA ILE C 58 -21.09 26.93 3.84
C ILE C 58 -19.78 26.16 3.66
N PRO C 59 -19.78 25.11 2.84
CA PRO C 59 -18.52 24.41 2.62
C PRO C 59 -17.52 25.31 1.87
N PHE C 60 -16.26 25.15 2.18
CA PHE C 60 -15.21 25.95 1.60
C PHE C 60 -14.64 25.27 0.36
N SER C 61 -14.63 25.95 -0.77
CA SER C 61 -13.85 25.49 -1.92
C SER C 61 -12.67 26.44 -2.14
N ASP C 62 -11.52 25.89 -2.43
CA ASP C 62 -10.38 26.68 -2.77
C ASP C 62 -10.55 27.14 -4.23
N PRO C 63 -9.93 28.26 -4.54
CA PRO C 63 -9.95 28.90 -5.84
C PRO C 63 -8.82 28.47 -6.78
N VAL C 64 -7.94 27.60 -6.31
CA VAL C 64 -6.74 27.25 -7.07
C VAL C 64 -7.17 26.48 -8.34
N ALA C 65 -6.68 26.96 -9.47
CA ALA C 65 -7.03 26.43 -10.78
C ALA C 65 -5.76 26.30 -11.63
N ASP C 66 -4.62 26.11 -11.00
CA ASP C 66 -3.33 26.23 -11.67
C ASP C 66 -2.93 24.88 -12.30
N GLY C 67 -3.56 23.78 -11.90
CA GLY C 67 -3.18 22.46 -12.38
C GLY C 67 -2.29 21.71 -11.40
N PRO C 68 -2.14 20.40 -11.62
CA PRO C 68 -1.49 19.51 -10.65
C PRO C 68 -0.03 19.88 -10.33
N VAL C 69 0.76 20.22 -11.34
CA VAL C 69 2.19 20.49 -11.12
C VAL C 69 2.35 21.65 -10.14
N ILE C 70 1.61 22.72 -10.36
CA ILE C 70 1.75 23.93 -9.56
C ILE C 70 1.04 23.74 -8.22
N GLU C 71 -0.07 23.01 -8.21
CA GLU C 71 -0.76 22.69 -6.96
C GLU C 71 0.22 21.94 -6.03
N GLU C 72 0.94 20.96 -6.57
CA GLU C 72 1.89 20.18 -5.78
C GLU C 72 3.03 21.08 -5.30
N ALA C 73 3.49 21.99 -6.17
CA ALA C 73 4.57 22.91 -5.82
C ALA C 73 4.17 23.79 -4.64
N GLY C 74 2.90 24.23 -4.63
CA GLY C 74 2.37 25.02 -3.52
C GLY C 74 2.42 24.26 -2.21
N LEU C 75 2.03 22.98 -2.26
CA LEU C 75 2.03 22.17 -1.06
C LEU C 75 3.46 21.97 -0.55
N ARG C 76 4.41 21.77 -1.46
CA ARG C 76 5.80 21.61 -1.06
C ARG C 76 6.27 22.91 -0.40
N SER C 77 5.91 24.04 -0.99
CA SER C 77 6.33 25.35 -0.50
C SER C 77 5.79 25.58 0.91
N LEU C 78 4.53 25.22 1.13
CA LEU C 78 3.94 25.40 2.45
C LEU C 78 4.62 24.48 3.46
N ALA C 79 5.02 23.30 3.02
CA ALA C 79 5.66 22.33 3.90
C ALA C 79 7.08 22.80 4.28
N HIS C 80 7.66 23.69 3.49
CA HIS C 80 8.92 24.33 3.84
C HIS C 80 8.71 25.55 4.75
N GLY C 81 7.47 25.83 5.16
CA GLY C 81 7.21 26.91 6.10
C GLY C 81 7.09 28.27 5.44
N THR C 82 6.84 28.28 4.13
CA THR C 82 6.65 29.53 3.41
C THR C 82 5.43 30.25 3.96
N SER C 83 5.58 31.54 4.23
CA SER C 83 4.44 32.40 4.55
C SER C 83 4.52 33.67 3.69
N THR C 84 3.40 34.38 3.55
CA THR C 84 3.40 35.65 2.86
C THR C 84 4.41 36.59 3.51
N GLN C 85 4.39 36.67 4.84
CA GLN C 85 5.24 37.63 5.56
C GLN C 85 6.72 37.31 5.27
N ALA C 86 7.07 36.04 5.32
CA ALA C 86 8.46 35.63 5.09
C ALA C 86 8.86 35.87 3.64
N LEU C 87 7.92 35.72 2.71
CA LEU C 87 8.22 35.98 1.30
C LEU C 87 8.54 37.46 1.12
N VAL C 88 7.72 38.33 1.69
CA VAL C 88 7.93 39.76 1.56
C VAL C 88 9.33 40.11 2.10
N GLU C 89 9.65 39.59 3.27
CA GLU C 89 10.94 39.90 3.91
C GLU C 89 12.09 39.38 3.03
N THR C 90 11.94 38.17 2.49
CA THR C 90 12.96 37.59 1.63
C THR C 90 13.13 38.47 0.38
N LEU C 91 12.04 39.00 -0.15
CA LEU C 91 12.12 39.77 -1.40
C LEU C 91 12.89 41.08 -1.18
N LYS C 92 12.85 41.63 0.03
CA LYS C 92 13.61 42.85 0.32
C LYS C 92 15.11 42.58 0.23
N THR C 93 15.47 41.34 0.49
CA THR C 93 16.85 40.85 0.43
C THR C 93 17.38 40.79 -1.01
N ILE C 94 16.50 40.59 -1.98
CA ILE C 94 16.96 40.10 -3.29
C ILE C 94 17.22 41.29 -4.21
N GLU C 95 18.42 41.33 -4.78
CA GLU C 95 18.80 42.36 -5.72
C GLU C 95 18.89 41.74 -7.12
N THR C 96 18.14 42.30 -8.06
CA THR C 96 18.11 41.79 -9.44
C THR C 96 17.64 42.89 -10.37
N GLU C 97 18.13 42.85 -11.60
CA GLU C 97 17.72 43.79 -12.64
C GLU C 97 16.40 43.33 -13.29
N ILE C 98 16.07 42.06 -13.08
CA ILE C 98 14.87 41.47 -13.66
C ILE C 98 13.66 41.93 -12.86
N PRO C 99 12.64 42.46 -13.53
CA PRO C 99 11.41 42.79 -12.81
C PRO C 99 10.65 41.53 -12.36
N LEU C 100 10.17 41.54 -11.13
CA LEU C 100 9.40 40.43 -10.57
C LEU C 100 7.92 40.79 -10.56
N VAL C 101 7.10 39.80 -10.93
CA VAL C 101 5.66 39.95 -10.93
C VAL C 101 5.10 38.92 -9.93
N ILE C 102 4.44 39.41 -8.90
CA ILE C 102 3.85 38.54 -7.90
C ILE C 102 2.51 38.03 -8.42
N THR C 104 -0.67 35.96 -7.06
CA THR C 104 -1.34 35.40 -5.90
C THR C 104 -2.85 35.52 -6.04
N TYR C 105 -3.55 34.61 -5.38
CA TYR C 105 -4.98 34.75 -5.23
C TYR C 105 -5.27 35.81 -4.16
N PHE C 106 -6.50 36.27 -4.14
CA PHE C 106 -6.80 37.41 -3.36
C PHE C 106 -6.70 37.15 -1.87
N ASN C 107 -7.05 35.96 -1.40
CA ASN C 107 -7.22 35.75 0.05
C ASN C 107 -5.90 36.03 0.80
N PRO C 108 -4.77 35.50 0.34
CA PRO C 108 -3.53 35.72 1.07
C PRO C 108 -3.20 37.22 1.19
N LEU C 109 -3.51 37.93 0.10
CA LEU C 109 -3.30 39.35 0.04
C LEU C 109 -4.22 40.06 1.06
N PHE C 110 -5.45 39.64 1.07
CA PHE C 110 -6.45 40.22 1.92
C PHE C 110 -6.11 39.99 3.39
N GLN C 111 -5.63 38.80 3.71
CA GLN C 111 -5.26 38.47 5.09
C GLN C 111 -4.07 39.31 5.53
N TYR C 112 -3.10 39.49 4.65
CA TYR C 112 -1.89 40.27 4.96
C TYR C 112 -2.25 41.74 5.10
N GLY C 113 -3.24 42.18 4.31
CA GLY C 113 -3.55 43.58 4.18
C GLY C 113 -2.99 44.10 2.87
N VAL C 114 -3.88 44.50 1.99
CA VAL C 114 -3.47 44.87 0.64
C VAL C 114 -2.49 46.05 0.72
N GLU C 115 -2.87 47.08 1.48
CA GLU C 115 -2.05 48.29 1.56
C GLU C 115 -0.68 47.94 2.13
N ASN C 116 -0.68 47.19 3.22
CA ASN C 116 0.56 46.75 3.84
C ASN C 116 1.44 46.03 2.84
N PHE C 117 0.85 45.14 2.06
CA PHE C 117 1.61 44.32 1.12
C PHE C 117 2.33 45.23 0.13
N VAL C 118 1.60 46.19 -0.41
CA VAL C 118 2.13 47.05 -1.43
C VAL C 118 3.24 47.93 -0.83
N LYS C 119 2.97 48.52 0.34
CA LYS C 119 3.93 49.41 0.97
C LYS C 119 5.19 48.62 1.34
N ASP C 120 5.02 47.41 1.86
CA ASP C 120 6.16 46.61 2.30
C ASP C 120 7.02 46.21 1.10
N LEU C 121 6.51 46.23 -0.12
CA LEU C 121 7.32 45.87 -1.30
C LEU C 121 7.85 47.11 -2.03
N ALA C 122 7.71 48.29 -1.42
CA ALA C 122 7.98 49.54 -2.15
C ALA C 122 9.39 49.54 -2.73
N ASP C 123 10.37 49.08 -2.00
CA ASP C 123 11.76 49.23 -2.48
C ASP C 123 12.30 47.84 -2.76
N THR C 124 11.48 47.06 -3.45
CA THR C 124 11.91 45.69 -3.89
C THR C 124 12.02 45.61 -5.42
N ALA C 125 12.37 44.45 -5.91
CA ALA C 125 12.42 44.16 -7.36
C ALA C 125 11.02 43.86 -7.91
N VAL C 126 9.98 43.95 -7.08
CA VAL C 126 8.62 43.66 -7.52
C VAL C 126 8.08 44.84 -8.34
N LYS C 127 7.65 44.56 -9.56
CA LYS C 127 7.16 45.62 -10.46
C LYS C 127 5.76 45.32 -10.97
N GLY C 128 5.19 44.19 -10.58
CA GLY C 128 3.92 43.78 -11.11
C GLY C 128 3.18 42.88 -10.16
N LEU C 129 1.86 42.84 -10.35
CA LEU C 129 1.01 42.06 -9.49
C LEU C 129 -0.12 41.45 -10.32
N ILE C 130 -0.31 40.13 -10.18
CA ILE C 130 -1.40 39.43 -10.85
C ILE C 130 -2.28 38.78 -9.80
N ILE C 131 -3.57 39.03 -9.87
CA ILE C 131 -4.51 38.44 -8.94
C ILE C 131 -5.63 37.78 -9.75
N PRO C 132 -5.46 36.52 -10.06
CA PRO C 132 -6.32 35.80 -10.97
C PRO C 132 -7.80 35.80 -10.57
N ASP C 133 -8.10 35.81 -9.27
CA ASP C 133 -9.50 35.69 -8.87
C ASP C 133 -10.04 37.04 -8.41
N LEU C 134 -9.37 38.14 -8.77
CA LEU C 134 -9.93 39.46 -8.50
C LEU C 134 -10.69 39.96 -9.73
N PRO C 135 -12.01 40.04 -9.64
CA PRO C 135 -12.84 40.54 -10.74
C PRO C 135 -12.57 42.02 -11.06
N HIS C 136 -12.69 42.40 -12.32
CA HIS C 136 -12.51 43.79 -12.78
C HIS C 136 -13.39 44.73 -11.96
N GLU C 137 -14.63 44.29 -11.65
CA GLU C 137 -15.54 45.19 -10.96
C GLU C 137 -14.99 45.53 -9.56
N HIS C 138 -14.11 44.70 -9.03
CA HIS C 138 -13.60 44.88 -7.65
C HIS C 138 -12.12 45.31 -7.68
N ALA C 139 -11.68 45.94 -8.76
CA ALA C 139 -10.29 46.39 -8.91
C ALA C 139 -9.95 47.47 -7.86
N ASN C 140 -10.97 48.20 -7.36
CA ASN C 140 -10.75 49.29 -6.39
C ASN C 140 -10.19 48.76 -5.07
N PHE C 141 -10.27 47.47 -4.83
CA PHE C 141 -9.71 46.87 -3.60
C PHE C 141 -8.19 46.88 -3.66
N VAL C 142 -7.60 46.98 -4.85
CA VAL C 142 -6.15 47.01 -4.97
C VAL C 142 -5.67 48.32 -5.62
N GLU C 143 -6.36 48.82 -6.63
CA GLU C 143 -5.79 49.83 -7.58
C GLU C 143 -5.34 51.09 -6.85
N PRO C 144 -6.14 51.64 -5.95
CA PRO C 144 -5.80 52.82 -5.18
C PRO C 144 -4.42 52.75 -4.51
N PHE C 145 -4.08 51.58 -3.98
CA PHE C 145 -2.86 51.41 -3.19
C PHE C 145 -1.64 51.37 -4.12
N LEU C 146 -1.86 51.13 -5.40
CA LEU C 146 -0.76 51.09 -6.37
C LEU C 146 -0.51 52.46 -6.99
N ALA C 147 -1.30 53.45 -6.60
CA ALA C 147 -1.27 54.76 -7.25
C ALA C 147 0.14 55.35 -7.28
N ASN C 148 0.84 55.46 -6.15
CA ASN C 148 2.13 56.21 -6.18
C ASN C 148 3.31 55.24 -6.39
N THR C 149 3.02 53.98 -6.71
CA THR C 149 4.04 52.91 -6.65
C THR C 149 4.59 52.59 -8.04
N ASP C 150 5.60 51.72 -8.05
CA ASP C 150 6.16 51.21 -9.28
C ASP C 150 5.65 49.79 -9.55
N ILE C 151 4.44 49.49 -9.08
CA ILE C 151 3.88 48.16 -9.26
C ILE C 151 2.65 48.23 -10.18
N ALA C 152 2.75 47.53 -11.29
CA ALA C 152 1.66 47.47 -12.27
C ALA C 152 0.71 46.33 -11.90
N LEU C 153 -0.58 46.61 -11.93
CA LEU C 153 -1.58 45.55 -11.78
C LEU C 153 -1.89 44.97 -13.18
N ILE C 154 -1.51 43.72 -13.39
CA ILE C 154 -1.67 43.08 -14.68
C ILE C 154 -3.08 42.51 -14.82
N PRO C 155 -3.78 42.89 -15.89
CA PRO C 155 -5.14 42.42 -16.13
C PRO C 155 -5.16 41.09 -16.90
N LEU C 156 -6.04 40.19 -16.47
CA LEU C 156 -6.23 38.95 -17.16
C LEU C 156 -7.39 39.12 -18.13
N VAL C 157 -7.12 38.85 -19.40
CA VAL C 157 -8.11 39.07 -20.42
C VAL C 157 -8.39 37.74 -21.09
N SER C 158 -9.65 37.37 -21.07
CA SER C 158 -10.16 36.19 -21.74
C SER C 158 -10.22 36.44 -23.26
N LEU C 159 -9.70 35.50 -24.03
CA LEU C 159 -9.70 35.64 -25.47
C LEU C 159 -11.09 35.36 -26.08
N THR C 160 -12.00 34.74 -25.35
CA THR C 160 -13.27 34.36 -25.88
C THR C 160 -14.29 35.49 -25.73
N THR C 161 -14.01 36.51 -24.92
CA THR C 161 -14.95 37.61 -24.78
C THR C 161 -14.85 38.55 -25.98
N GLY C 162 -15.90 39.35 -26.18
CA GLY C 162 -15.93 40.33 -27.27
C GLY C 162 -14.80 41.34 -27.17
N ILE C 163 -14.43 41.92 -28.28
CA ILE C 163 -13.35 42.92 -28.39
C ILE C 163 -13.72 44.19 -27.63
N GLU C 164 -14.98 44.60 -27.59
CA GLU C 164 -15.37 45.80 -26.84
C GLU C 164 -15.06 45.59 -25.35
N ARG C 165 -15.36 44.39 -24.88
CA ARG C 165 -15.15 44.02 -23.49
C ARG C 165 -13.65 43.97 -23.20
N GLN C 166 -12.85 43.51 -24.16
CA GLN C 166 -11.41 43.40 -23.92
C GLN C 166 -10.83 44.80 -23.79
N LYS C 167 -11.33 45.75 -24.57
CA LYS C 167 -10.85 47.14 -24.52
C LYS C 167 -11.08 47.74 -23.13
N GLU C 168 -12.23 47.41 -22.57
CA GLU C 168 -12.67 47.91 -21.26
C GLU C 168 -11.70 47.41 -20.19
N LEU C 169 -11.33 46.14 -20.27
CA LEU C 169 -10.47 45.52 -19.27
C LEU C 169 -9.09 46.15 -19.31
N ILE C 170 -8.61 46.47 -20.51
CA ILE C 170 -7.24 46.86 -20.68
C ILE C 170 -7.11 48.37 -20.69
N GLU C 171 -8.22 49.12 -20.57
CA GLU C 171 -8.15 50.58 -20.46
C GLU C 171 -7.29 50.98 -19.25
N GLY C 172 -6.26 51.77 -19.52
CA GLY C 172 -5.33 52.24 -18.49
C GLY C 172 -4.35 51.17 -18.01
N ALA C 173 -4.27 50.04 -18.70
CA ALA C 173 -3.46 48.92 -18.25
C ALA C 173 -1.96 49.27 -18.31
N GLU C 174 -1.22 48.72 -17.35
CA GLU C 174 0.20 48.85 -17.28
C GLU C 174 0.85 47.47 -17.14
N GLY C 175 2.14 47.44 -17.41
CA GLY C 175 2.93 46.23 -17.32
C GLY C 175 2.80 45.42 -18.58
N PHE C 176 1.78 44.56 -18.59
CA PHE C 176 1.45 43.81 -19.80
C PHE C 176 0.03 43.28 -19.65
N ILE C 177 -0.45 42.67 -20.72
CA ILE C 177 -1.76 42.05 -20.71
C ILE C 177 -1.59 40.54 -20.77
N TYR C 178 -2.25 39.87 -19.84
CA TYR C 178 -2.16 38.44 -19.69
C TYR C 178 -3.35 37.82 -20.42
N ALA C 179 -3.09 37.26 -21.58
CA ALA C 179 -4.16 36.68 -22.37
C ALA C 179 -4.36 35.24 -21.95
N VAL C 180 -5.60 34.88 -21.68
CA VAL C 180 -5.91 33.53 -21.24
C VAL C 180 -7.06 32.98 -22.08
N ALA C 181 -7.09 31.66 -22.15
CA ALA C 181 -8.24 30.87 -22.55
C ALA C 181 -8.16 29.52 -21.83
N ILE C 182 -9.23 28.73 -21.85
CA ILE C 182 -9.09 27.26 -21.67
C ILE C 182 -8.85 26.55 -23.03
N ASN C 183 -7.66 25.96 -23.20
CA ASN C 183 -7.10 25.54 -24.55
C ASN C 183 -7.25 24.02 -24.83
N GLY C 184 -6.84 23.15 -23.90
CA GLY C 184 -6.89 21.68 -24.08
C GLY C 184 -8.31 21.13 -23.91
N VAL C 185 -9.12 21.29 -24.95
CA VAL C 185 -10.56 21.03 -24.85
C VAL C 185 -11.08 20.50 -26.20
N THR C 186 -10.85 19.20 -26.44
CA THR C 186 -11.38 18.48 -27.63
C THR C 186 -12.90 18.28 -27.48
N GLY C 187 -13.33 17.76 -26.31
CA GLY C 187 -14.75 17.42 -26.05
C GLY C 187 -15.30 18.12 -24.81
N LYS C 188 -16.59 18.49 -24.90
CA LYS C 188 -17.30 19.30 -23.86
C LYS C 188 -16.78 20.75 -23.83
N SER C 189 -16.12 21.15 -24.92
CA SER C 189 -15.77 22.55 -25.20
C SER C 189 -16.78 23.14 -26.22
N GLY C 190 -17.81 22.36 -26.55
CA GLY C 190 -18.65 22.60 -27.71
C GLY C 190 -18.15 21.76 -28.89
N ASN C 191 -18.97 21.66 -29.93
CA ASN C 191 -18.58 20.96 -31.19
C ASN C 191 -17.78 21.92 -32.09
N TYR C 192 -17.77 23.20 -31.72
CA TYR C 192 -17.04 24.26 -32.42
C TYR C 192 -15.69 24.49 -31.70
N ARG C 193 -14.60 24.39 -32.48
CA ARG C 193 -13.26 24.76 -32.00
C ARG C 193 -12.96 26.24 -32.29
N ALA C 194 -12.76 26.98 -31.20
CA ALA C 194 -12.51 28.44 -31.26
C ALA C 194 -11.10 28.76 -31.79
N ASP C 195 -11.04 29.79 -32.63
CA ASP C 195 -9.76 30.23 -33.21
C ASP C 195 -9.03 31.21 -32.25
N LEU C 196 -8.13 30.62 -31.51
CA LEU C 196 -7.39 31.35 -30.47
C LEU C 196 -6.41 32.30 -31.16
N ASP C 197 -5.75 31.82 -32.22
CA ASP C 197 -4.76 32.61 -32.92
C ASP C 197 -5.40 33.90 -33.43
N LYS C 198 -6.59 33.79 -34.01
CA LYS C 198 -7.31 34.96 -34.53
C LYS C 198 -7.58 35.95 -33.39
N HIS C 199 -8.09 35.46 -32.28
CA HIS C 199 -8.50 36.33 -31.16
C HIS C 199 -7.27 37.00 -30.52
N LEU C 200 -6.18 36.25 -30.48
CA LEU C 200 -4.95 36.73 -29.90
C LEU C 200 -4.44 37.91 -30.73
N ALA C 201 -4.40 37.70 -32.03
CA ALA C 201 -3.98 38.70 -33.00
C ALA C 201 -4.88 39.94 -32.90
N GLN C 202 -6.17 39.77 -32.76
CA GLN C 202 -7.10 40.91 -32.69
C GLN C 202 -6.81 41.70 -31.42
N LEU C 203 -6.62 41.00 -30.30
CA LEU C 203 -6.31 41.66 -29.03
C LEU C 203 -4.97 42.41 -29.14
N HIS C 204 -4.02 41.76 -29.80
CA HIS C 204 -2.69 42.29 -29.99
C HIS C 204 -2.73 43.64 -30.71
N GLN C 205 -3.54 43.77 -31.76
CA GLN C 205 -3.64 45.02 -32.53
C GLN C 205 -4.21 46.13 -31.64
N VAL C 206 -5.21 45.79 -30.84
CA VAL C 206 -5.97 46.77 -30.07
C VAL C 206 -5.17 47.27 -28.85
N ALA C 207 -4.25 46.49 -28.36
CA ALA C 207 -3.58 46.77 -27.09
C ALA C 207 -2.46 47.81 -27.27
N ASP C 208 -2.29 48.66 -26.26
CA ASP C 208 -1.25 49.72 -26.27
C ASP C 208 -0.01 49.25 -25.49
N ILE C 209 -0.11 48.10 -24.82
CA ILE C 209 1.04 47.55 -24.11
C ILE C 209 1.24 46.10 -24.57
N PRO C 210 2.31 45.45 -24.11
CA PRO C 210 2.59 44.12 -24.60
C PRO C 210 1.52 43.11 -24.18
N VAL C 211 1.22 42.18 -25.08
CA VAL C 211 0.26 41.13 -24.82
C VAL C 211 1.03 39.80 -24.74
N LEU C 212 0.90 39.13 -23.60
CA LEU C 212 1.57 37.88 -23.42
C LEU C 212 0.54 36.75 -23.36
N THR C 213 0.94 35.64 -23.94
CA THR C 213 0.17 34.44 -23.97
C THR C 213 0.50 33.60 -22.75
N GLY C 214 -0.50 33.24 -21.95
CA GLY C 214 -0.16 32.60 -20.67
C GLY C 214 -0.75 31.22 -20.54
N PHE C 215 -0.82 30.52 -21.64
CA PHE C 215 -1.39 29.20 -21.69
C PHE C 215 -0.60 28.37 -22.69
N GLY C 216 -0.63 27.08 -22.45
CA GLY C 216 -0.22 26.07 -23.39
C GLY C 216 1.19 26.17 -23.96
N VAL C 217 2.23 26.62 -23.22
CA VAL C 217 3.55 26.60 -23.80
C VAL C 217 4.40 25.52 -23.13
N SER C 218 4.67 24.43 -23.82
CA SER C 218 5.50 23.36 -23.31
C SER C 218 6.62 23.00 -24.30
N SER C 219 6.68 23.64 -25.46
CA SER C 219 7.72 23.31 -26.45
C SER C 219 8.09 24.57 -27.24
N GLN C 220 9.21 24.47 -27.97
CA GLN C 220 9.65 25.53 -28.83
C GLN C 220 8.60 25.80 -29.91
N ALA C 221 7.94 24.76 -30.38
CA ALA C 221 6.89 24.91 -31.37
C ALA C 221 5.74 25.74 -30.80
N ASP C 222 5.36 25.46 -29.57
CA ASP C 222 4.30 26.22 -28.92
C ASP C 222 4.70 27.70 -28.88
N LEU C 223 5.96 27.92 -28.49
CA LEU C 223 6.47 29.25 -28.25
C LEU C 223 6.45 30.07 -29.54
N GLU C 224 6.87 29.47 -30.64
CA GLU C 224 6.96 30.20 -31.92
C GLU C 224 5.54 30.51 -32.43
N ARG C 225 4.62 29.59 -32.25
CA ARG C 225 3.25 29.77 -32.69
C ARG C 225 2.64 31.04 -32.08
N PHE C 226 2.79 31.18 -30.77
CA PHE C 226 2.14 32.27 -30.04
C PHE C 226 2.87 33.59 -30.28
N ASN C 227 4.17 33.53 -30.50
CA ASN C 227 4.97 34.71 -30.75
C ASN C 227 4.57 35.33 -32.11
N ALA C 228 3.99 34.53 -33.00
CA ALA C 228 3.52 35.06 -34.27
C ALA C 228 2.34 36.03 -34.07
N VAL C 229 1.57 35.85 -33.00
CA VAL C 229 0.31 36.59 -32.84
C VAL C 229 0.31 37.39 -31.52
N SER C 230 1.45 37.46 -30.84
CA SER C 230 1.50 38.18 -29.57
C SER C 230 2.96 38.59 -29.31
N ASP C 231 3.20 39.22 -28.17
CA ASP C 231 4.49 39.79 -27.89
C ASP C 231 5.36 38.79 -27.13
N GLY C 232 4.78 37.67 -26.70
CA GLY C 232 5.58 36.73 -25.91
C GLY C 232 4.74 35.75 -25.11
N VAL C 233 5.40 34.99 -24.22
CA VAL C 233 4.76 33.89 -23.51
C VAL C 233 5.14 33.91 -22.03
N ILE C 234 4.26 33.31 -21.26
CA ILE C 234 4.47 32.99 -19.88
C ILE C 234 4.47 31.46 -19.75
N VAL C 235 5.46 30.91 -19.10
CA VAL C 235 5.62 29.47 -19.00
C VAL C 235 5.69 29.08 -17.52
N GLY C 236 4.74 28.26 -17.11
CA GLY C 236 4.62 27.90 -15.68
C GLY C 236 4.98 26.45 -15.43
N SER C 237 4.01 25.55 -15.69
CA SER C 237 4.15 24.14 -15.28
C SER C 237 5.48 23.56 -15.70
N LYS C 238 5.89 23.82 -16.94
CA LYS C 238 7.07 23.19 -17.49
C LYS C 238 8.29 23.53 -16.65
N ILE C 239 8.40 24.78 -16.22
CA ILE C 239 9.57 25.22 -15.51
C ILE C 239 9.53 24.72 -14.08
N VAL C 240 8.37 24.80 -13.45
CA VAL C 240 8.22 24.38 -12.08
C VAL C 240 8.55 22.88 -11.96
N LYS C 241 8.02 22.10 -12.88
CA LYS C 241 8.21 20.67 -12.89
C LYS C 241 9.68 20.35 -13.12
N ALA C 242 10.30 21.03 -14.07
CA ALA C 242 11.69 20.76 -14.44
C ALA C 242 12.61 21.10 -13.28
N LEU C 243 12.38 22.24 -12.62
CA LEU C 243 13.22 22.62 -11.49
C LEU C 243 13.09 21.58 -10.38
N HIS C 244 11.86 21.13 -10.12
CA HIS C 244 11.64 20.21 -9.03
C HIS C 244 12.26 18.86 -9.32
N GLN C 245 12.06 18.38 -10.55
CA GLN C 245 12.44 17.03 -10.93
C GLN C 245 13.88 17.00 -11.44
N GLY C 246 14.54 18.15 -11.56
CA GLY C 246 15.92 18.16 -12.09
C GLY C 246 15.99 17.78 -13.57
N GLU C 247 14.93 18.03 -14.33
CA GLU C 247 14.97 17.92 -15.79
C GLU C 247 15.74 19.11 -16.37
N PRO C 248 16.35 18.95 -17.55
CA PRO C 248 17.11 20.02 -18.17
C PRO C 248 16.19 21.14 -18.66
N ILE C 249 16.52 22.40 -18.32
CA ILE C 249 15.62 23.49 -18.66
C ILE C 249 16.42 24.66 -19.21
N GLN C 250 17.73 24.69 -19.02
CA GLN C 250 18.51 25.90 -19.36
C GLN C 250 18.46 26.11 -20.88
N ASP C 251 18.62 25.01 -21.63
CA ASP C 251 18.68 25.06 -23.08
C ASP C 251 17.36 25.60 -23.61
N PHE C 252 16.25 25.11 -23.08
CA PHE C 252 14.95 25.52 -23.53
C PHE C 252 14.80 27.04 -23.34
N ILE C 253 15.21 27.54 -22.17
CA ILE C 253 15.02 28.94 -21.86
C ILE C 253 15.96 29.79 -22.73
N ARG C 254 17.21 29.38 -22.85
CA ARG C 254 18.19 30.09 -23.69
C ARG C 254 17.62 30.27 -25.10
N GLN C 255 17.15 29.18 -25.67
CA GLN C 255 16.62 29.20 -27.03
C GLN C 255 15.39 30.10 -27.10
N ALA C 256 14.53 30.02 -26.09
CA ALA C 256 13.29 30.79 -26.08
C ALA C 256 13.59 32.30 -26.03
N VAL C 257 14.55 32.68 -25.18
CA VAL C 257 14.89 34.08 -25.00
C VAL C 257 15.47 34.63 -26.31
N ALA C 258 16.17 33.78 -27.05
CA ALA C 258 16.91 34.21 -28.24
C ALA C 258 16.00 34.27 -29.48
N TYR C 259 14.70 34.01 -29.33
CA TYR C 259 13.81 33.96 -30.49
C TYR C 259 13.76 35.35 -31.14
N GLN C 260 13.95 35.36 -32.45
CA GLN C 260 13.94 36.58 -33.26
C GLN C 260 13.07 36.27 -34.47
N LYS C 261 13.01 34.97 -34.85
CA LYS C 261 12.42 34.52 -36.12
C LYS C 261 13.05 35.32 -37.27
N PRO D 5 5.69 56.54 -16.21
CA PRO D 5 5.53 55.15 -16.68
C PRO D 5 6.14 54.17 -15.66
N LYS D 6 5.49 53.01 -15.50
CA LYS D 6 5.97 51.97 -14.63
C LYS D 6 7.11 51.22 -15.31
N THR D 7 8.11 50.85 -14.55
CA THR D 7 9.33 50.25 -15.09
C THR D 7 9.03 48.92 -15.79
N LEU D 8 8.03 48.15 -15.34
CA LEU D 8 7.75 46.84 -16.00
C LEU D 8 7.32 47.08 -17.45
N THR D 9 6.47 48.08 -17.67
CA THR D 9 6.03 48.40 -19.03
C THR D 9 7.23 48.77 -19.89
N GLU D 10 8.12 49.60 -19.35
CA GLU D 10 9.26 50.05 -20.11
C GLU D 10 10.16 48.88 -20.49
N LYS D 11 10.42 47.99 -19.55
CA LYS D 11 11.37 46.93 -19.79
C LYS D 11 10.85 45.98 -20.85
N LEU D 12 9.55 45.70 -20.82
CA LEU D 12 8.97 44.76 -21.78
C LEU D 12 8.88 45.44 -23.16
N ASN D 13 8.48 46.71 -23.19
CA ASN D 13 8.45 47.47 -24.45
C ASN D 13 9.83 47.44 -25.13
N ALA D 14 10.90 47.58 -24.35
CA ALA D 14 12.27 47.59 -24.88
C ALA D 14 12.61 46.27 -25.55
N ILE D 15 12.17 45.16 -24.96
CA ILE D 15 12.45 43.85 -25.54
C ILE D 15 11.70 43.70 -26.86
N LYS D 16 10.45 44.13 -26.83
CA LYS D 16 9.60 44.10 -28.02
C LYS D 16 10.20 44.99 -29.13
N ALA D 17 10.61 46.19 -28.75
CA ALA D 17 11.20 47.16 -29.69
C ALA D 17 12.48 46.58 -30.31
N ALA D 18 13.20 45.74 -29.58
CA ALA D 18 14.43 45.09 -30.08
C ALA D 18 14.09 43.90 -30.99
N GLY D 19 12.79 43.62 -31.20
CA GLY D 19 12.37 42.53 -32.08
C GLY D 19 12.49 41.17 -31.42
N LYS D 20 12.60 41.12 -30.10
CA LYS D 20 12.77 39.84 -29.40
C LYS D 20 11.45 39.48 -28.72
N GLY D 21 11.22 38.17 -28.60
CA GLY D 21 10.05 37.67 -27.89
C GLY D 21 10.22 37.82 -26.38
N ILE D 22 9.15 38.22 -25.70
CA ILE D 22 9.17 38.33 -24.27
C ILE D 22 8.96 36.93 -23.69
N PHE D 23 9.78 36.60 -22.70
CA PHE D 23 9.75 35.29 -22.11
C PHE D 23 9.73 35.43 -20.59
N VAL D 24 8.64 34.95 -19.98
CA VAL D 24 8.44 35.11 -18.54
C VAL D 24 8.22 33.72 -17.92
N PRO D 25 9.22 33.22 -17.19
CA PRO D 25 9.01 32.02 -16.42
C PRO D 25 8.22 32.32 -15.14
N TYR D 26 7.44 31.33 -14.70
CA TYR D 26 6.78 31.34 -13.42
C TYR D 26 7.47 30.34 -12.47
N ILE D 27 7.71 30.78 -11.24
CA ILE D 27 8.21 29.89 -10.20
C ILE D 27 7.34 30.04 -8.96
N ALA D 29 7.27 30.54 -5.16
CA ALA D 29 8.13 30.95 -4.06
C ALA D 29 8.09 29.87 -2.98
N GLY D 30 9.27 29.47 -2.53
CA GLY D 30 9.41 28.49 -1.47
C GLY D 30 9.54 27.07 -1.99
N ASP D 31 9.29 26.82 -3.28
CA ASP D 31 9.44 25.45 -3.85
C ASP D 31 10.89 25.23 -4.26
N HIS D 32 11.68 24.81 -3.29
CA HIS D 32 13.12 24.69 -3.41
C HIS D 32 13.61 23.81 -2.26
N GLU D 33 14.75 23.16 -2.44
CA GLU D 33 15.35 22.37 -1.36
C GLU D 33 15.52 23.22 -0.10
N LYS D 34 15.83 24.50 -0.26
CA LYS D 34 16.11 25.41 0.85
C LYS D 34 14.90 26.32 1.15
N GLY D 35 13.74 26.01 0.58
CA GLY D 35 12.56 26.83 0.78
C GLY D 35 12.76 28.25 0.27
N LEU D 36 12.33 29.23 1.04
CA LEU D 36 12.45 30.64 0.62
C LEU D 36 13.92 31.04 0.51
N ASP D 37 14.82 30.33 1.19
CA ASP D 37 16.23 30.67 1.10
C ASP D 37 16.79 30.30 -0.27
N GLY D 38 16.04 29.51 -1.03
CA GLY D 38 16.47 29.15 -2.38
C GLY D 38 15.95 30.10 -3.44
N LEU D 39 15.12 31.08 -3.06
CA LEU D 39 14.43 31.93 -4.04
C LEU D 39 15.46 32.80 -4.80
N ALA D 40 16.40 33.41 -4.09
CA ALA D 40 17.40 34.26 -4.74
C ALA D 40 18.18 33.46 -5.78
N GLU D 41 18.55 32.25 -5.43
CA GLU D 41 19.32 31.37 -6.27
C GLU D 41 18.54 31.08 -7.56
N THR D 42 17.25 30.80 -7.42
CA THR D 42 16.42 30.50 -8.57
C THR D 42 16.29 31.73 -9.45
N ILE D 43 16.10 32.90 -8.84
CA ILE D 43 15.92 34.14 -9.59
C ILE D 43 17.19 34.45 -10.38
N HIS D 44 18.34 34.29 -9.74
CA HIS D 44 19.61 34.61 -10.38
C HIS D 44 19.89 33.59 -11.50
N PHE D 45 19.50 32.36 -11.30
CA PHE D 45 19.64 31.35 -12.33
C PHE D 45 18.88 31.77 -13.59
N LEU D 46 17.66 32.30 -13.41
CA LEU D 46 16.81 32.71 -14.52
C LEU D 46 17.33 34.04 -15.11
N GLU D 47 17.84 34.92 -14.27
CA GLU D 47 18.43 36.19 -14.71
C GLU D 47 19.62 35.92 -15.65
N ASP D 48 20.44 34.96 -15.27
CA ASP D 48 21.63 34.60 -16.05
C ASP D 48 21.22 34.12 -17.45
N LEU D 49 20.00 33.61 -17.60
CA LEU D 49 19.56 33.12 -18.90
C LEU D 49 18.84 34.23 -19.69
N GLY D 50 18.73 35.43 -19.11
CA GLY D 50 18.24 36.62 -19.84
C GLY D 50 16.73 36.63 -20.03
N VAL D 51 15.97 36.15 -19.04
CA VAL D 51 14.51 36.19 -19.12
C VAL D 51 14.03 37.64 -18.99
N SER D 52 12.83 37.90 -19.49
CA SER D 52 12.28 39.25 -19.58
C SER D 52 11.80 39.72 -18.21
N ALA D 53 11.12 38.82 -17.51
CA ALA D 53 10.58 39.07 -16.20
C ALA D 53 10.33 37.72 -15.53
N ILE D 54 10.08 37.73 -14.21
CA ILE D 54 9.83 36.48 -13.51
C ILE D 54 8.54 36.63 -12.70
N GLU D 55 7.64 35.70 -12.94
CA GLU D 55 6.41 35.56 -12.19
C GLU D 55 6.70 34.74 -10.93
N VAL D 56 6.41 35.30 -9.76
CA VAL D 56 6.70 34.62 -8.49
C VAL D 56 5.38 34.32 -7.77
N GLY D 57 5.06 33.03 -7.69
CA GLY D 57 3.80 32.60 -7.13
C GLY D 57 3.84 32.53 -5.62
N ILE D 58 2.71 32.88 -5.01
CA ILE D 58 2.49 32.70 -3.58
C ILE D 58 1.60 31.48 -3.37
N PRO D 59 2.04 30.54 -2.54
CA PRO D 59 1.21 29.37 -2.28
C PRO D 59 -0.07 29.77 -1.54
N PHE D 60 -1.15 29.08 -1.84
CA PHE D 60 -2.42 29.36 -1.25
C PHE D 60 -2.62 28.50 0.01
N SER D 61 -2.86 29.14 1.15
CA SER D 61 -3.01 28.40 2.38
C SER D 61 -4.47 28.34 2.81
N ASP D 62 -4.91 27.13 3.11
CA ASP D 62 -6.26 26.85 3.47
C ASP D 62 -6.55 27.43 4.86
N PRO D 63 -7.68 28.14 5.04
CA PRO D 63 -8.02 28.74 6.32
C PRO D 63 -8.92 27.85 7.19
N VAL D 64 -9.28 26.69 6.68
CA VAL D 64 -10.31 25.88 7.36
C VAL D 64 -9.69 25.32 8.64
N ALA D 65 -10.39 25.50 9.76
CA ALA D 65 -9.92 25.12 11.06
C ALA D 65 -11.03 24.39 11.85
N ASP D 66 -11.96 23.74 11.15
CA ASP D 66 -13.20 23.34 11.82
C ASP D 66 -13.08 22.00 12.56
N GLY D 67 -12.07 21.20 12.21
CA GLY D 67 -11.99 19.83 12.80
C GLY D 67 -12.54 18.76 11.87
N PRO D 68 -12.18 17.49 12.13
CA PRO D 68 -12.39 16.42 11.14
C PRO D 68 -13.87 16.18 10.79
N VAL D 69 -14.77 16.17 11.78
CA VAL D 69 -16.17 15.84 11.51
C VAL D 69 -16.76 16.85 10.51
N ILE D 70 -16.51 18.12 10.76
CA ILE D 70 -17.10 19.17 9.95
C ILE D 70 -16.34 19.29 8.63
N GLU D 71 -15.03 19.07 8.65
CA GLU D 71 -14.25 19.06 7.42
C GLU D 71 -14.82 17.99 6.46
N GLU D 72 -15.09 16.80 6.99
CA GLU D 72 -15.63 15.71 6.17
C GLU D 72 -17.03 16.08 5.67
N ALA D 73 -17.83 16.72 6.52
CA ALA D 73 -19.18 17.13 6.14
C ALA D 73 -19.14 18.12 4.97
N GLY D 74 -18.16 19.02 4.98
CA GLY D 74 -17.96 19.96 3.88
C GLY D 74 -17.64 19.24 2.57
N LEU D 75 -16.80 18.22 2.64
CA LEU D 75 -16.42 17.47 1.44
C LEU D 75 -17.65 16.71 0.91
N ARG D 76 -18.47 16.16 1.80
CA ARG D 76 -19.67 15.47 1.36
C ARG D 76 -20.61 16.47 0.70
N SER D 77 -20.72 17.65 1.28
CA SER D 77 -21.60 18.69 0.75
C SER D 77 -21.15 19.10 -0.65
N LEU D 78 -19.86 19.27 -0.83
CA LEU D 78 -19.34 19.66 -2.15
C LEU D 78 -19.58 18.52 -3.15
N ALA D 79 -19.51 17.28 -2.69
CA ALA D 79 -19.69 16.11 -3.56
C ALA D 79 -21.16 15.99 -3.98
N HIS D 80 -22.06 16.61 -3.22
CA HIS D 80 -23.48 16.71 -3.61
C HIS D 80 -23.72 17.89 -4.54
N GLY D 81 -22.69 18.63 -4.92
CA GLY D 81 -22.83 19.72 -5.87
C GLY D 81 -23.27 21.02 -5.22
N THR D 82 -23.09 21.12 -3.91
CA THR D 82 -23.44 22.34 -3.19
C THR D 82 -22.57 23.49 -3.69
N SER D 83 -23.20 24.60 -4.00
CA SER D 83 -22.51 25.84 -4.33
C SER D 83 -23.14 26.96 -3.49
N THR D 84 -22.39 28.06 -3.33
CA THR D 84 -22.93 29.21 -2.64
C THR D 84 -24.21 29.67 -3.35
N GLN D 85 -24.18 29.74 -4.67
CA GLN D 85 -25.32 30.26 -5.42
C GLN D 85 -26.57 29.42 -5.17
N ALA D 86 -26.39 28.10 -5.21
CA ALA D 86 -27.50 27.18 -5.02
C ALA D 86 -28.00 27.25 -3.58
N LEU D 87 -27.11 27.49 -2.62
CA LEU D 87 -27.52 27.60 -1.22
C LEU D 87 -28.40 28.84 -1.05
N VAL D 88 -27.98 29.96 -1.61
CA VAL D 88 -28.74 31.19 -1.50
C VAL D 88 -30.14 30.95 -2.07
N GLU D 89 -30.21 30.36 -3.25
CA GLU D 89 -31.50 30.14 -3.93
C GLU D 89 -32.36 29.20 -3.09
N THR D 90 -31.78 28.15 -2.55
CA THR D 90 -32.52 27.21 -1.71
C THR D 90 -33.06 27.95 -0.47
N LEU D 91 -32.28 28.85 0.10
CA LEU D 91 -32.69 29.53 1.33
C LEU D 91 -33.90 30.44 1.07
N LYS D 92 -34.03 30.97 -0.12
CA LYS D 92 -35.19 31.80 -0.45
C LYS D 92 -36.48 30.98 -0.41
N THR D 93 -36.34 29.70 -0.67
CA THR D 93 -37.42 28.72 -0.66
C THR D 93 -37.93 28.46 0.77
N ILE D 94 -37.06 28.59 1.77
CA ILE D 94 -37.32 27.99 3.07
C ILE D 94 -38.00 29.01 3.97
N GLU D 95 -39.14 28.62 4.53
CA GLU D 95 -39.84 29.47 5.47
C GLU D 95 -39.71 28.87 6.88
N THR D 96 -39.25 29.69 7.81
CA THR D 96 -39.09 29.29 9.20
C THR D 96 -39.07 30.53 10.09
N GLU D 97 -39.58 30.36 11.31
CA GLU D 97 -39.60 31.43 12.29
C GLU D 97 -38.25 31.48 13.03
N ILE D 98 -37.46 30.42 12.90
CA ILE D 98 -36.17 30.33 13.53
C ILE D 98 -35.17 31.19 12.75
N PRO D 99 -34.45 32.08 13.45
CA PRO D 99 -33.41 32.84 12.75
C PRO D 99 -32.22 31.96 12.35
N LEU D 100 -31.74 32.13 11.12
CA LEU D 100 -30.59 31.40 10.62
C LEU D 100 -29.37 32.31 10.61
N VAL D 101 -28.24 31.74 11.00
CA VAL D 101 -26.96 32.42 11.01
C VAL D 101 -26.03 31.70 10.04
N ILE D 102 -25.59 32.40 9.01
CA ILE D 102 -24.68 31.82 8.06
C ILE D 102 -23.26 31.87 8.62
N THR D 104 -19.54 31.27 7.22
CA THR D 104 -18.70 31.04 6.08
C THR D 104 -17.34 31.71 6.26
N TYR D 105 -16.33 31.16 5.60
CA TYR D 105 -15.08 31.84 5.47
C TYR D 105 -15.21 32.92 4.41
N PHE D 106 -14.26 33.82 4.39
CA PHE D 106 -14.40 35.00 3.59
C PHE D 106 -14.36 34.65 2.09
N ASN D 107 -13.57 33.69 1.66
CA ASN D 107 -13.31 33.51 0.23
C ASN D 107 -14.60 33.22 -0.55
N PRO D 108 -15.43 32.29 -0.07
CA PRO D 108 -16.67 31.99 -0.80
C PRO D 108 -17.57 33.22 -0.94
N LEU D 109 -17.56 34.03 0.09
CA LEU D 109 -18.31 35.28 0.13
C LEU D 109 -17.74 36.25 -0.90
N PHE D 110 -16.44 36.36 -0.92
CA PHE D 110 -15.74 37.23 -1.82
C PHE D 110 -16.00 36.82 -3.27
N GLN D 111 -15.98 35.52 -3.54
CA GLN D 111 -16.20 35.01 -4.90
C GLN D 111 -17.63 35.34 -5.35
N TYR D 112 -18.59 35.18 -4.45
CA TYR D 112 -19.98 35.43 -4.75
C TYR D 112 -20.22 36.92 -4.93
N GLY D 113 -19.48 37.72 -4.17
CA GLY D 113 -19.73 39.14 -4.05
C GLY D 113 -20.46 39.45 -2.76
N VAL D 114 -19.80 40.17 -1.86
CA VAL D 114 -20.33 40.36 -0.53
C VAL D 114 -21.69 41.05 -0.62
N GLU D 115 -21.74 42.14 -1.38
CA GLU D 115 -22.96 42.92 -1.48
C GLU D 115 -24.09 42.07 -2.06
N ASN D 116 -23.79 41.36 -3.14
CA ASN D 116 -24.75 40.48 -3.77
C ASN D 116 -25.30 39.49 -2.76
N PHE D 117 -24.41 38.90 -1.96
CA PHE D 117 -24.79 37.87 -1.02
C PHE D 117 -25.82 38.43 -0.03
N VAL D 118 -25.52 39.61 0.49
CA VAL D 118 -26.36 40.20 1.50
C VAL D 118 -27.71 40.58 0.89
N LYS D 119 -27.69 41.21 -0.27
CA LYS D 119 -28.92 41.65 -0.91
C LYS D 119 -29.77 40.42 -1.28
N ASP D 120 -29.13 39.37 -1.78
CA ASP D 120 -29.86 38.19 -2.22
C ASP D 120 -30.52 37.49 -1.02
N LEU D 121 -30.04 37.72 0.20
CA LEU D 121 -30.64 37.07 1.37
C LEU D 121 -31.63 38.01 2.10
N ALA D 122 -31.96 39.14 1.48
CA ALA D 122 -32.76 40.15 2.16
C ALA D 122 -34.10 39.56 2.65
N ASP D 123 -34.74 38.72 1.85
CA ASP D 123 -36.10 38.32 2.22
C ASP D 123 -36.09 36.88 2.72
N THR D 124 -34.97 36.42 3.27
CA THR D 124 -34.85 35.05 3.76
C THR D 124 -34.92 35.02 5.29
N ALA D 125 -34.77 33.81 5.84
CA ALA D 125 -34.73 33.59 7.27
C ALA D 125 -33.34 33.90 7.85
N VAL D 126 -32.41 34.38 7.03
CA VAL D 126 -31.05 34.65 7.49
C VAL D 126 -31.03 35.96 8.28
N LYS D 127 -30.55 35.89 9.52
CA LYS D 127 -30.53 37.06 10.40
C LYS D 127 -29.13 37.33 10.96
N GLY D 128 -28.16 36.50 10.61
CA GLY D 128 -26.85 36.62 11.18
C GLY D 128 -25.79 36.09 10.23
N LEU D 129 -24.56 36.55 10.43
CA LEU D 129 -23.46 36.19 9.59
C LEU D 129 -22.20 36.06 10.46
N ILE D 130 -21.51 34.94 10.35
CA ILE D 130 -20.25 34.71 11.03
C ILE D 130 -19.15 34.45 10.00
N ILE D 131 -18.06 35.19 10.10
CA ILE D 131 -16.95 35.03 9.18
C ILE D 131 -15.67 34.86 10.00
N PRO D 132 -15.33 33.64 10.30
CA PRO D 132 -14.25 33.33 11.21
C PRO D 132 -12.90 33.90 10.81
N ASP D 133 -12.63 34.03 9.53
CA ASP D 133 -11.30 34.50 9.11
C ASP D 133 -11.36 35.95 8.64
N LEU D 134 -12.39 36.68 9.02
CA LEU D 134 -12.42 38.13 8.82
C LEU D 134 -11.83 38.84 10.03
N PRO D 135 -10.65 39.46 9.87
CA PRO D 135 -10.05 40.22 10.97
C PRO D 135 -10.87 41.47 11.30
N HIS D 136 -10.93 41.85 12.58
CA HIS D 136 -11.71 43.01 13.01
C HIS D 136 -11.27 44.27 12.22
N GLU D 137 -9.97 44.38 11.98
CA GLU D 137 -9.43 45.54 11.32
C GLU D 137 -10.02 45.67 9.91
N HIS D 138 -10.52 44.58 9.33
CA HIS D 138 -11.01 44.60 7.94
C HIS D 138 -12.54 44.44 7.91
N ALA D 139 -13.23 44.80 8.98
CA ALA D 139 -14.69 44.63 9.07
C ALA D 139 -15.41 45.56 8.07
N ASN D 140 -14.75 46.62 7.62
CA ASN D 140 -15.34 47.58 6.62
C ASN D 140 -15.68 46.86 5.30
N PHE D 141 -15.08 45.69 5.05
CA PHE D 141 -15.38 44.94 3.84
C PHE D 141 -16.80 44.36 3.89
N VAL D 142 -17.35 44.21 5.08
CA VAL D 142 -18.69 43.62 5.21
C VAL D 142 -19.68 44.62 5.82
N GLU D 143 -19.26 45.38 6.83
CA GLU D 143 -20.21 46.10 7.71
C GLU D 143 -21.15 47.05 6.94
N PRO D 144 -20.62 47.85 6.03
CA PRO D 144 -21.45 48.79 5.27
C PRO D 144 -22.61 48.12 4.53
N PHE D 145 -22.41 46.91 4.02
CA PHE D 145 -23.45 46.24 3.23
C PHE D 145 -24.56 45.71 4.14
N LEU D 146 -24.29 45.61 5.43
CA LEU D 146 -25.29 45.11 6.38
C LEU D 146 -26.10 46.28 6.96
N ALA D 147 -25.79 47.51 6.58
CA ALA D 147 -26.33 48.68 7.24
C ALA D 147 -27.86 48.66 7.26
N ASN D 148 -28.53 48.52 6.12
CA ASN D 148 -30.00 48.69 6.12
C ASN D 148 -30.69 47.34 6.20
N THR D 149 -29.93 46.29 6.54
CA THR D 149 -30.45 44.90 6.49
C THR D 149 -30.86 44.43 7.88
N ASP D 150 -31.43 43.23 7.91
CA ASP D 150 -31.79 42.57 9.15
C ASP D 150 -30.74 41.49 9.48
N ILE D 151 -29.50 41.69 9.05
CA ILE D 151 -28.48 40.68 9.24
C ILE D 151 -27.39 41.21 10.17
N ALA D 152 -27.22 40.54 11.31
CA ALA D 152 -26.22 40.92 12.29
C ALA D 152 -24.88 40.24 11.96
N LEU D 153 -23.80 41.00 12.02
CA LEU D 153 -22.46 40.43 11.93
C LEU D 153 -21.99 40.01 13.33
N ILE D 154 -21.87 38.71 13.54
CA ILE D 154 -21.52 38.18 14.85
C ILE D 154 -20.00 38.18 15.02
N PRO D 155 -19.52 38.79 16.11
CA PRO D 155 -18.09 38.81 16.38
C PRO D 155 -17.62 37.58 17.16
N LEU D 156 -16.47 37.04 16.76
CA LEU D 156 -15.81 35.99 17.48
C LEU D 156 -14.83 36.61 18.46
N VAL D 157 -15.01 36.27 19.72
CA VAL D 157 -14.19 36.82 20.75
C VAL D 157 -13.43 35.69 21.44
N SER D 158 -12.12 35.81 21.45
CA SER D 158 -11.24 34.88 22.14
C SER D 158 -11.32 35.13 23.67
N LEU D 159 -11.48 34.06 24.43
CA LEU D 159 -11.58 34.19 25.87
C LEU D 159 -10.21 34.44 26.53
N THR D 160 -9.12 34.16 25.81
CA THR D 160 -7.81 34.21 26.40
C THR D 160 -7.23 35.63 26.25
N THR D 161 -7.81 36.48 25.41
CA THR D 161 -7.30 37.84 25.28
C THR D 161 -7.75 38.71 26.46
N GLY D 162 -7.03 39.80 26.67
CA GLY D 162 -7.35 40.78 27.70
C GLY D 162 -8.75 41.37 27.53
N ILE D 163 -9.31 41.80 28.64
CA ILE D 163 -10.70 42.26 28.74
C ILE D 163 -10.87 43.58 27.95
N GLU D 164 -9.87 44.44 27.94
CA GLU D 164 -10.00 45.72 27.23
C GLU D 164 -10.13 45.44 25.74
N ARG D 165 -9.40 44.44 25.25
CA ARG D 165 -9.46 44.06 23.86
C ARG D 165 -10.84 43.47 23.53
N GLN D 166 -11.41 42.71 24.47
CA GLN D 166 -12.69 42.07 24.23
C GLN D 166 -13.77 43.15 24.11
N LYS D 167 -13.67 44.19 24.92
CA LYS D 167 -14.66 45.29 24.90
C LYS D 167 -14.67 45.97 23.53
N GLU D 168 -13.47 46.11 22.96
CA GLU D 168 -13.28 46.77 21.67
C GLU D 168 -13.98 45.95 20.58
N LEU D 169 -13.82 44.63 20.63
CA LEU D 169 -14.38 43.75 19.62
C LEU D 169 -15.90 43.80 19.67
N ILE D 170 -16.45 43.88 20.87
CA ILE D 170 -17.87 43.70 21.03
C ILE D 170 -18.58 45.05 21.04
N GLU D 171 -17.86 46.16 20.96
CA GLU D 171 -18.49 47.49 20.86
C GLU D 171 -19.39 47.56 19.61
N GLY D 172 -20.65 47.88 19.85
CA GLY D 172 -21.65 47.99 18.78
C GLY D 172 -22.13 46.64 18.27
N ALA D 173 -21.80 45.55 18.95
CA ALA D 173 -22.11 44.21 18.45
C ALA D 173 -23.62 43.98 18.45
N GLU D 174 -24.07 43.20 17.46
CA GLU D 174 -25.44 42.81 17.33
C GLU D 174 -25.54 41.28 17.21
N GLY D 175 -26.75 40.79 17.44
CA GLY D 175 -27.04 39.38 17.35
C GLY D 175 -26.64 38.67 18.63
N PHE D 176 -25.38 38.26 18.68
CA PHE D 176 -24.82 37.70 19.91
C PHE D 176 -23.30 37.73 19.80
N ILE D 177 -22.64 37.35 20.89
CA ILE D 177 -21.21 37.24 20.90
C ILE D 177 -20.80 35.79 20.98
N TYR D 178 -19.93 35.40 20.06
CA TYR D 178 -19.48 34.04 19.92
C TYR D 178 -18.15 33.88 20.65
N ALA D 179 -18.19 33.26 21.81
CA ALA D 179 -16.99 33.11 22.61
C ALA D 179 -16.26 31.86 22.15
N VAL D 180 -14.97 32.01 21.91
CA VAL D 180 -14.15 30.90 21.45
C VAL D 180 -12.92 30.79 22.36
N ALA D 181 -12.36 29.59 22.41
CA ALA D 181 -11.14 29.31 23.09
C ALA D 181 -10.32 28.35 22.25
N ILE D 182 -9.01 28.39 22.41
CA ILE D 182 -8.14 27.42 21.70
C ILE D 182 -7.90 26.15 22.55
N ASN D 183 -8.37 25.00 22.03
CA ASN D 183 -8.22 23.67 22.66
C ASN D 183 -7.72 22.69 21.60
N LYS D 188 -0.03 20.21 29.00
CA LYS D 188 -0.96 20.51 27.92
C LYS D 188 -0.61 21.87 27.28
N SER D 189 -1.35 22.94 27.62
CA SER D 189 -1.57 24.10 26.73
C SER D 189 -0.44 25.13 26.82
N GLY D 190 0.35 25.04 27.88
CA GLY D 190 1.48 25.94 28.11
C GLY D 190 1.88 25.91 29.57
N ASN D 191 2.64 26.91 30.02
CA ASN D 191 2.96 27.03 31.47
C ASN D 191 1.76 27.66 32.20
N TYR D 192 0.91 28.36 31.44
CA TYR D 192 -0.23 29.04 32.03
C TYR D 192 -1.51 28.27 31.68
N ARG D 193 -2.20 27.69 32.67
CA ARG D 193 -3.52 27.04 32.40
C ARG D 193 -4.66 28.04 32.69
N ALA D 194 -5.36 28.46 31.64
CA ALA D 194 -6.47 29.46 31.81
C ALA D 194 -7.72 28.80 32.42
N ASP D 195 -8.37 29.51 33.33
CA ASP D 195 -9.73 29.16 33.75
C ASP D 195 -10.71 29.76 32.73
N LEU D 196 -11.23 28.87 31.90
CA LEU D 196 -12.19 29.26 30.86
C LEU D 196 -13.49 29.75 31.49
N ASP D 197 -13.95 29.06 32.52
CA ASP D 197 -15.22 29.44 33.17
C ASP D 197 -15.13 30.88 33.68
N LYS D 198 -14.03 31.23 34.32
CA LYS D 198 -13.84 32.60 34.85
C LYS D 198 -13.91 33.60 33.69
N HIS D 199 -13.21 33.33 32.61
CA HIS D 199 -13.11 34.29 31.48
C HIS D 199 -14.46 34.42 30.77
N LEU D 200 -15.17 33.32 30.70
CA LEU D 200 -16.49 33.29 30.07
C LEU D 200 -17.44 34.20 30.85
N ALA D 201 -17.43 34.00 32.17
CA ALA D 201 -18.26 34.77 33.10
C ALA D 201 -17.89 36.25 33.00
N GLN D 202 -16.60 36.59 32.92
CA GLN D 202 -16.19 37.98 32.83
C GLN D 202 -16.74 38.61 31.54
N LEU D 203 -16.61 37.89 30.44
CA LEU D 203 -17.12 38.39 29.16
C LEU D 203 -18.64 38.55 29.22
N HIS D 204 -19.29 37.60 29.86
CA HIS D 204 -20.74 37.60 30.04
C HIS D 204 -21.20 38.89 30.73
N GLN D 205 -20.53 39.27 31.81
CA GLN D 205 -20.92 40.46 32.60
C GLN D 205 -20.72 41.71 31.77
N VAL D 206 -19.64 41.77 31.00
CA VAL D 206 -19.25 42.98 30.27
C VAL D 206 -20.17 43.23 29.07
N ALA D 207 -20.72 42.17 28.51
CA ALA D 207 -21.42 42.25 27.24
C ALA D 207 -22.85 42.76 27.44
N ASP D 208 -23.32 43.55 26.47
CA ASP D 208 -24.68 44.14 26.50
C ASP D 208 -25.64 43.28 25.67
N ILE D 209 -25.11 42.27 24.97
CA ILE D 209 -25.95 41.33 24.23
C ILE D 209 -25.60 39.91 24.69
N PRO D 210 -26.34 38.91 24.21
CA PRO D 210 -26.13 37.56 24.67
C PRO D 210 -24.74 37.03 24.30
N VAL D 211 -24.14 36.26 25.21
CA VAL D 211 -22.86 35.66 24.98
C VAL D 211 -23.07 34.14 24.89
N LEU D 212 -22.65 33.56 23.76
CA LEU D 212 -22.80 32.14 23.59
C LEU D 212 -21.42 31.48 23.58
N THR D 213 -21.39 30.30 24.17
CA THR D 213 -20.24 29.46 24.23
C THR D 213 -20.17 28.58 22.98
N GLY D 214 -19.08 28.68 22.25
CA GLY D 214 -19.04 28.05 20.94
C GLY D 214 -17.94 27.00 20.84
N PHE D 215 -17.57 26.42 21.98
CA PHE D 215 -16.56 25.42 22.01
C PHE D 215 -16.95 24.36 23.05
N GLY D 216 -16.44 23.17 22.84
CA GLY D 216 -16.45 22.11 23.84
C GLY D 216 -17.80 21.71 24.41
N VAL D 217 -18.91 21.73 23.65
CA VAL D 217 -20.16 21.26 24.19
C VAL D 217 -20.53 19.96 23.49
N SER D 218 -20.39 18.82 24.19
CA SER D 218 -20.72 17.53 23.62
C SER D 218 -21.68 16.77 24.54
N SER D 219 -22.04 17.31 25.71
CA SER D 219 -22.90 16.54 26.65
C SER D 219 -23.80 17.50 27.43
N GLN D 220 -24.79 16.95 28.13
CA GLN D 220 -25.67 17.75 28.95
C GLN D 220 -24.86 18.38 30.08
N ALA D 221 -23.86 17.67 30.57
CA ALA D 221 -22.99 18.19 31.62
C ALA D 221 -22.24 19.42 31.10
N ASP D 222 -21.73 19.34 29.88
CA ASP D 222 -21.03 20.48 29.30
C ASP D 222 -21.99 21.66 29.22
N LEU D 223 -23.20 21.39 28.80
CA LEU D 223 -24.21 22.42 28.54
C LEU D 223 -24.54 23.14 29.84
N GLU D 224 -24.72 22.42 30.93
CA GLU D 224 -25.11 23.04 32.20
C GLU D 224 -23.94 23.88 32.74
N ARG D 225 -22.72 23.39 32.58
CA ARG D 225 -21.54 24.08 33.06
C ARG D 225 -21.44 25.48 32.43
N PHE D 226 -21.59 25.53 31.12
CA PHE D 226 -21.39 26.76 30.36
C PHE D 226 -22.58 27.69 30.53
N ASN D 227 -23.75 27.17 30.76
CA ASN D 227 -24.95 27.98 31.00
C ASN D 227 -24.82 28.73 32.34
N ALA D 228 -24.00 28.23 33.24
CA ALA D 228 -23.76 28.93 34.51
C ALA D 228 -23.00 30.24 34.27
N VAL D 229 -22.23 30.31 33.19
CA VAL D 229 -21.30 31.42 32.98
C VAL D 229 -21.62 32.14 31.65
N SER D 230 -22.71 31.78 30.97
CA SER D 230 -23.02 32.40 29.69
C SER D 230 -24.52 32.27 29.41
N ASP D 231 -24.95 32.77 28.25
CA ASP D 231 -26.35 32.80 27.94
C ASP D 231 -26.74 31.53 27.16
N GLY D 232 -25.76 30.71 26.77
CA GLY D 232 -26.11 29.52 26.00
C GLY D 232 -24.94 28.93 25.24
N VAL D 233 -25.23 27.97 24.36
CA VAL D 233 -24.18 27.18 23.70
C VAL D 233 -24.52 26.98 22.23
N ILE D 234 -23.47 26.72 21.47
CA ILE D 234 -23.54 26.27 20.11
C ILE D 234 -22.99 24.85 20.03
N VAL D 235 -23.68 23.97 19.35
CA VAL D 235 -23.25 22.59 19.25
C VAL D 235 -23.14 22.20 17.78
N GLY D 236 -21.93 21.83 17.36
CA GLY D 236 -21.69 21.53 15.95
C GLY D 236 -21.43 20.05 15.70
N SER D 237 -20.18 19.65 15.93
CA SER D 237 -19.67 18.32 15.56
C SER D 237 -20.65 17.22 15.95
N LYS D 238 -21.14 17.25 17.17
CA LYS D 238 -21.94 16.18 17.68
C LYS D 238 -23.19 15.98 16.80
N ILE D 239 -23.81 17.08 16.40
CA ILE D 239 -25.04 17.02 15.68
C ILE D 239 -24.76 16.62 14.22
N VAL D 240 -23.72 17.21 13.64
CA VAL D 240 -23.38 16.92 12.26
C VAL D 240 -23.06 15.42 12.10
N LYS D 241 -22.28 14.90 13.03
CA LYS D 241 -21.87 13.52 12.98
C LYS D 241 -23.09 12.61 13.15
N ALA D 242 -23.95 12.95 14.10
CA ALA D 242 -25.12 12.11 14.40
C ALA D 242 -26.07 12.10 13.20
N LEU D 243 -26.31 13.26 12.60
CA LEU D 243 -27.20 13.31 11.45
C LEU D 243 -26.65 12.47 10.31
N HIS D 244 -25.33 12.54 10.10
CA HIS D 244 -24.71 11.81 9.00
C HIS D 244 -24.78 10.30 9.26
N GLN D 245 -24.48 9.91 10.49
CA GLN D 245 -24.37 8.49 10.84
C GLN D 245 -25.74 7.90 11.20
N GLY D 246 -26.77 8.74 11.29
CA GLY D 246 -28.11 8.30 11.65
C GLY D 246 -28.20 7.84 13.09
N GLU D 247 -27.33 8.37 13.97
CA GLU D 247 -27.50 8.13 15.40
C GLU D 247 -28.61 9.04 15.92
N PRO D 248 -29.26 8.63 17.03
CA PRO D 248 -30.34 9.46 17.60
C PRO D 248 -29.78 10.75 18.23
N ILE D 249 -30.37 11.88 17.91
CA ILE D 249 -29.88 13.17 18.34
C ILE D 249 -31.06 14.02 18.81
N GLN D 250 -32.31 13.61 18.53
CA GLN D 250 -33.45 14.43 18.90
C GLN D 250 -33.52 14.53 20.42
N ASP D 251 -33.27 13.45 21.15
CA ASP D 251 -33.33 13.43 22.59
C ASP D 251 -32.34 14.43 23.19
N PHE D 252 -31.13 14.43 22.67
CA PHE D 252 -30.11 15.33 23.18
C PHE D 252 -30.58 16.78 23.02
N ILE D 253 -31.13 17.10 21.85
CA ILE D 253 -31.52 18.46 21.57
C ILE D 253 -32.73 18.83 22.41
N ARG D 254 -33.72 17.95 22.47
CA ARG D 254 -34.94 18.17 23.27
C ARG D 254 -34.55 18.52 24.70
N GLN D 255 -33.68 17.71 25.29
CA GLN D 255 -33.28 17.91 26.67
C GLN D 255 -32.52 19.23 26.80
N ALA D 256 -31.65 19.53 25.83
CA ALA D 256 -30.84 20.72 25.89
C ALA D 256 -31.71 21.98 25.83
N VAL D 257 -32.71 21.98 24.95
CA VAL D 257 -33.59 23.13 24.77
C VAL D 257 -34.38 23.37 26.04
N ALA D 258 -34.70 22.30 26.76
CA ALA D 258 -35.57 22.35 27.95
C ALA D 258 -34.78 22.80 29.20
N TYR D 259 -33.47 23.04 29.09
CA TYR D 259 -32.70 23.35 30.29
C TYR D 259 -33.14 24.70 30.82
N GLN D 260 -33.43 24.79 32.13
CA GLN D 260 -33.88 26.04 32.77
C GLN D 260 -32.85 26.53 33.82
N LYS D 261 -32.70 27.85 33.86
CA LYS D 261 -32.12 28.59 35.04
C LYS D 261 -32.66 27.99 36.37
N PRO E 5 -12.12 1.78 57.29
CA PRO E 5 -11.89 0.85 56.15
C PRO E 5 -12.61 1.44 54.92
N LYS E 6 -11.91 1.46 53.80
CA LYS E 6 -12.48 1.92 52.54
C LYS E 6 -13.42 0.85 52.01
N THR E 7 -14.49 1.24 51.38
CA THR E 7 -15.52 0.32 50.88
C THR E 7 -14.92 -0.72 49.92
N LEU E 8 -13.89 -0.39 49.13
CA LEU E 8 -13.29 -1.41 48.23
C LEU E 8 -12.71 -2.58 49.06
N THR E 9 -12.03 -2.26 50.15
CA THR E 9 -11.47 -3.27 51.03
C THR E 9 -12.59 -4.17 51.58
N GLU E 10 -13.68 -3.55 52.03
CA GLU E 10 -14.78 -4.29 52.61
C GLU E 10 -15.37 -5.25 51.58
N LYS E 11 -15.61 -4.75 50.38
CA LYS E 11 -16.31 -5.54 49.40
C LYS E 11 -15.48 -6.74 48.99
N LEU E 12 -14.16 -6.56 48.86
CA LEU E 12 -13.29 -7.65 48.43
C LEU E 12 -13.10 -8.64 49.58
N ASN E 13 -12.94 -8.14 50.81
CA ASN E 13 -12.86 -9.01 51.98
C ASN E 13 -14.08 -9.94 52.06
N ALA E 14 -15.27 -9.39 51.78
CA ALA E 14 -16.52 -10.16 51.85
C ALA E 14 -16.51 -11.31 50.84
N ILE E 15 -16.00 -11.05 49.64
CA ILE E 15 -15.96 -12.08 48.61
C ILE E 15 -14.99 -13.18 49.04
N LYS E 16 -13.84 -12.77 49.56
CA LYS E 16 -12.83 -13.68 50.03
C LYS E 16 -13.38 -14.51 51.20
N ALA E 17 -14.02 -13.84 52.15
CA ALA E 17 -14.60 -14.50 53.33
C ALA E 17 -15.65 -15.53 52.91
N ALA E 18 -16.33 -15.29 51.80
CA ALA E 18 -17.34 -16.24 51.28
C ALA E 18 -16.67 -17.41 50.55
N GLY E 19 -15.35 -17.42 50.46
CA GLY E 19 -14.61 -18.49 49.78
C GLY E 19 -14.71 -18.40 48.25
N LYS E 20 -15.01 -17.22 47.74
CA LYS E 20 -15.11 -17.03 46.29
C LYS E 20 -13.85 -16.28 45.81
N GLY E 21 -13.43 -16.57 44.58
CA GLY E 21 -12.31 -15.87 43.98
C GLY E 21 -12.66 -14.46 43.56
N ILE E 22 -11.76 -13.52 43.78
CA ILE E 22 -11.98 -12.16 43.36
C ILE E 22 -11.62 -12.09 41.87
N PHE E 23 -12.49 -11.42 41.11
CA PHE E 23 -12.26 -11.27 39.69
C PHE E 23 -12.43 -9.80 39.29
N VAL E 24 -11.37 -9.23 38.75
CA VAL E 24 -11.36 -7.80 38.39
C VAL E 24 -10.98 -7.66 36.91
N PRO E 25 -11.96 -7.36 36.06
CA PRO E 25 -11.64 -7.02 34.69
C PRO E 25 -11.08 -5.59 34.58
N TYR E 26 -10.18 -5.39 33.61
CA TYR E 26 -9.69 -4.09 33.23
C TYR E 26 -10.28 -3.69 31.88
N ILE E 27 -10.75 -2.46 31.78
CA ILE E 27 -11.19 -1.90 30.50
C ILE E 27 -10.52 -0.54 30.30
N ALA E 29 -10.98 3.13 29.34
CA ALA E 29 -12.02 4.12 29.19
C ALA E 29 -11.88 4.76 27.82
N GLY E 30 -13.00 4.83 27.11
CA GLY E 30 -13.03 5.47 25.81
C GLY E 30 -12.79 4.49 24.67
N ASP E 31 -12.37 3.24 24.94
CA ASP E 31 -12.18 2.26 23.85
C ASP E 31 -13.50 1.55 23.59
N HIS E 32 -14.30 2.18 22.75
CA HIS E 32 -15.67 1.76 22.49
C HIS E 32 -16.12 2.43 21.19
N GLU E 33 -17.09 1.82 20.51
CA GLU E 33 -17.64 2.44 19.30
C GLU E 33 -18.11 3.87 19.59
N LYS E 34 -18.64 4.11 20.79
CA LYS E 34 -19.21 5.39 21.18
C LYS E 34 -18.25 6.20 22.07
N GLY E 35 -17.00 5.76 22.15
CA GLY E 35 -16.02 6.43 23.03
C GLY E 35 -16.46 6.38 24.48
N LEU E 36 -16.31 7.51 25.17
CA LEU E 36 -16.66 7.59 26.59
C LEU E 36 -18.15 7.37 26.79
N ASP E 37 -18.95 7.63 25.77
CA ASP E 37 -20.40 7.43 25.91
C ASP E 37 -20.73 5.93 25.97
N GLY E 38 -19.77 5.07 25.65
CA GLY E 38 -19.98 3.63 25.74
C GLY E 38 -19.58 3.05 27.09
N LEU E 39 -19.01 3.89 27.98
CA LEU E 39 -18.42 3.37 29.21
C LEU E 39 -19.47 2.74 30.14
N ALA E 40 -20.60 3.43 30.30
CA ALA E 40 -21.68 2.92 31.16
C ALA E 40 -22.13 1.54 30.70
N GLU E 41 -22.29 1.38 29.41
CA GLU E 41 -22.75 0.14 28.82
C GLU E 41 -21.77 -0.99 29.18
N THR E 42 -20.46 -0.70 29.07
CA THR E 42 -19.47 -1.70 29.32
C THR E 42 -19.48 -2.07 30.82
N ILE E 43 -19.61 -1.05 31.68
CA ILE E 43 -19.57 -1.28 33.12
C ILE E 43 -20.78 -2.12 33.53
N HIS E 44 -21.94 -1.81 32.97
CA HIS E 44 -23.16 -2.50 33.34
C HIS E 44 -23.12 -3.95 32.82
N PHE E 45 -22.50 -4.15 31.67
CA PHE E 45 -22.32 -5.48 31.16
C PHE E 45 -21.54 -6.33 32.17
N LEU E 46 -20.48 -5.75 32.73
CA LEU E 46 -19.61 -6.45 33.67
C LEU E 46 -20.30 -6.60 35.03
N GLU E 47 -21.06 -5.58 35.43
CA GLU E 47 -21.83 -5.61 36.68
C GLU E 47 -22.83 -6.77 36.67
N ASP E 48 -23.51 -6.95 35.54
CA ASP E 48 -24.50 -7.99 35.38
C ASP E 48 -23.86 -9.37 35.56
N LEU E 49 -22.56 -9.49 35.30
CA LEU E 49 -21.89 -10.77 35.44
C LEU E 49 -21.32 -10.94 36.85
N GLY E 50 -21.46 -9.94 37.72
CA GLY E 50 -21.08 -10.08 39.13
C GLY E 50 -19.57 -10.06 39.36
N VAL E 51 -18.86 -9.22 38.63
CA VAL E 51 -17.41 -9.03 38.86
C VAL E 51 -17.20 -8.31 40.20
N SER E 52 -16.01 -8.48 40.77
CA SER E 52 -15.71 -8.02 42.11
C SER E 52 -15.45 -6.51 42.12
N ALA E 53 -14.73 -6.07 41.12
CA ALA E 53 -14.44 -4.65 40.91
C ALA E 53 -14.07 -4.45 39.43
N ILE E 54 -14.03 -3.22 38.97
CA ILE E 54 -13.65 -2.96 37.59
C ILE E 54 -12.51 -1.91 37.58
N GLU E 55 -11.43 -2.31 36.96
CA GLU E 55 -10.30 -1.45 36.71
C GLU E 55 -10.57 -0.62 35.44
N VAL E 56 -10.54 0.69 35.55
CA VAL E 56 -10.86 1.58 34.43
C VAL E 56 -9.60 2.37 34.05
N GLY E 57 -9.05 2.06 32.89
CA GLY E 57 -7.80 2.66 32.47
C GLY E 57 -7.99 4.01 31.83
N ILE E 58 -7.03 4.89 32.09
CA ILE E 58 -6.94 6.19 31.45
C ILE E 58 -5.86 6.10 30.37
N PRO E 59 -6.19 6.48 29.13
CA PRO E 59 -5.18 6.46 28.10
C PRO E 59 -4.09 7.50 28.40
N PHE E 60 -2.86 7.17 28.05
CA PHE E 60 -1.74 8.05 28.27
C PHE E 60 -1.54 8.91 27.02
N SER E 61 -1.58 10.23 27.17
CA SER E 61 -1.45 11.09 26.01
C SER E 61 -0.06 11.74 26.00
N ASP E 62 0.56 11.65 24.83
CA ASP E 62 1.92 12.10 24.68
C ASP E 62 1.90 13.63 24.67
N PRO E 63 2.86 14.24 25.37
CA PRO E 63 2.95 15.68 25.48
C PRO E 63 3.81 16.31 24.40
N VAL E 64 4.44 15.50 23.54
CA VAL E 64 5.42 16.05 22.62
C VAL E 64 4.68 16.91 21.58
N ALA E 65 5.15 18.16 21.44
CA ALA E 65 4.53 19.10 20.53
C ALA E 65 5.62 19.83 19.72
N ASP E 66 6.73 19.16 19.49
CA ASP E 66 7.96 19.79 19.03
C ASP E 66 7.97 19.82 17.50
N GLY E 67 7.14 19.02 16.83
CA GLY E 67 7.13 18.96 15.37
C GLY E 67 7.92 17.76 14.82
N PRO E 68 7.76 17.47 13.53
CA PRO E 68 8.26 16.20 12.96
C PRO E 68 9.80 16.05 13.02
N VAL E 69 10.52 17.10 12.72
CA VAL E 69 11.99 17.03 12.66
C VAL E 69 12.53 16.63 14.03
N ILE E 70 12.05 17.29 15.07
CA ILE E 70 12.54 17.07 16.41
C ILE E 70 11.96 15.76 16.98
N GLU E 71 10.74 15.42 16.62
CA GLU E 71 10.15 14.13 17.01
C GLU E 71 11.03 13.00 16.47
N GLU E 72 11.44 13.09 15.22
CA GLU E 72 12.30 12.05 14.60
C GLU E 72 13.67 12.03 15.33
N ALA E 73 14.19 13.21 15.65
CA ALA E 73 15.48 13.30 16.34
C ALA E 73 15.41 12.59 17.71
N GLY E 74 14.29 12.74 18.39
CA GLY E 74 14.05 12.05 19.67
C GLY E 74 14.07 10.54 19.51
N LEU E 75 13.45 10.05 18.46
CA LEU E 75 13.43 8.60 18.20
C LEU E 75 14.85 8.11 17.89
N ARG E 76 15.62 8.88 17.15
CA ARG E 76 16.99 8.49 16.85
C ARG E 76 17.78 8.45 18.15
N SER E 77 17.57 9.44 19.01
CA SER E 77 18.28 9.53 20.27
C SER E 77 17.96 8.32 21.16
N LEU E 78 16.69 7.95 21.21
CA LEU E 78 16.28 6.80 22.02
C LEU E 78 16.87 5.52 21.44
N ALA E 79 17.00 5.46 20.12
CA ALA E 79 17.53 4.26 19.45
C ALA E 79 19.03 4.13 19.72
N HIS E 80 19.69 5.23 20.09
CA HIS E 80 21.08 5.18 20.53
C HIS E 80 21.19 4.83 22.03
N GLY E 81 20.08 4.56 22.69
CA GLY E 81 20.11 4.15 24.10
C GLY E 81 20.19 5.33 25.06
N THR E 82 19.84 6.53 24.59
CA THR E 82 19.92 7.71 25.43
C THR E 82 18.94 7.58 26.59
N SER E 83 19.43 7.85 27.79
CA SER E 83 18.61 7.88 28.98
C SER E 83 18.92 9.18 29.74
N THR E 84 18.01 9.59 30.60
CA THR E 84 18.24 10.75 31.44
C THR E 84 19.52 10.52 32.26
N GLN E 85 19.66 9.33 32.85
CA GLN E 85 20.79 9.07 33.74
C GLN E 85 22.10 9.23 32.97
N ALA E 86 22.16 8.66 31.75
CA ALA E 86 23.36 8.70 30.96
C ALA E 86 23.65 10.14 30.50
N LEU E 87 22.59 10.92 30.25
CA LEU E 87 22.77 12.31 29.82
C LEU E 87 23.41 13.10 30.97
N VAL E 88 22.89 12.93 32.18
CA VAL E 88 23.41 13.65 33.31
C VAL E 88 24.89 13.34 33.48
N GLU E 89 25.23 12.05 33.43
CA GLU E 89 26.62 11.63 33.63
C GLU E 89 27.50 12.22 32.52
N THR E 90 27.02 12.18 31.28
CA THR E 90 27.77 12.74 30.17
C THR E 90 28.00 14.24 30.38
N LEU E 91 26.99 14.95 30.89
CA LEU E 91 27.09 16.39 31.03
C LEU E 91 28.15 16.76 32.07
N LYS E 92 28.38 15.92 33.07
CA LYS E 92 29.38 16.21 34.09
C LYS E 92 30.78 16.19 33.45
N THR E 93 30.91 15.43 32.38
CA THR E 93 32.14 15.31 31.60
C THR E 93 32.45 16.60 30.83
N ILE E 94 31.45 17.35 30.43
CA ILE E 94 31.60 18.34 29.37
C ILE E 94 31.91 19.70 30.00
N GLU E 95 33.00 20.31 29.55
CA GLU E 95 33.36 21.64 29.99
C GLU E 95 33.13 22.65 28.87
N THR E 96 32.40 23.69 29.19
CA THR E 96 32.13 24.78 28.26
C THR E 96 31.77 26.06 29.02
N GLU E 97 32.12 27.19 28.43
CA GLU E 97 31.81 28.49 29.02
C GLU E 97 30.37 28.91 28.62
N ILE E 98 29.81 28.22 27.62
CA ILE E 98 28.47 28.50 27.16
C ILE E 98 27.47 27.91 28.16
N PRO E 99 26.50 28.72 28.61
CA PRO E 99 25.47 28.16 29.48
C PRO E 99 24.53 27.21 28.74
N LEU E 100 24.22 26.08 29.36
CA LEU E 100 23.32 25.10 28.77
C LEU E 100 21.97 25.19 29.46
N VAL E 101 20.91 25.08 28.66
CA VAL E 101 19.56 25.06 29.14
C VAL E 101 18.94 23.71 28.79
N ILE E 102 18.54 22.96 29.81
CA ILE E 102 17.90 21.68 29.61
C ILE E 102 16.42 21.91 29.29
N THR E 104 13.12 19.65 28.93
CA THR E 104 12.54 18.34 29.12
C THR E 104 11.07 18.48 29.53
N TYR E 105 10.31 17.43 29.19
CA TYR E 105 8.98 17.32 29.73
C TYR E 105 9.08 16.83 31.17
N PHE E 106 8.00 16.96 31.89
CA PHE E 106 8.03 16.70 33.31
C PHE E 106 8.28 15.21 33.59
N ASN E 107 7.76 14.28 32.79
CA ASN E 107 7.75 12.88 33.21
C ASN E 107 9.18 12.35 33.41
N PRO E 108 10.11 12.62 32.46
CA PRO E 108 11.45 12.08 32.63
C PRO E 108 12.11 12.62 33.92
N LEU E 109 11.80 13.85 34.23
CA LEU E 109 12.29 14.51 35.43
C LEU E 109 11.72 13.84 36.67
N PHE E 110 10.43 13.58 36.61
CA PHE E 110 9.73 12.95 37.71
C PHE E 110 10.29 11.54 37.94
N GLN E 111 10.56 10.80 36.88
CA GLN E 111 11.06 9.44 36.98
C GLN E 111 12.46 9.46 37.61
N TYR E 112 13.29 10.42 37.22
CA TYR E 112 14.63 10.53 37.71
C TYR E 112 14.63 10.97 39.18
N GLY E 113 13.65 11.80 39.52
CA GLY E 113 13.63 12.49 40.79
C GLY E 113 14.11 13.94 40.62
N VAL E 114 13.22 14.88 40.86
CA VAL E 114 13.51 16.27 40.56
C VAL E 114 14.72 16.72 41.37
N GLU E 115 14.70 16.46 42.68
CA GLU E 115 15.77 16.94 43.55
C GLU E 115 17.11 16.32 43.11
N ASN E 116 17.10 15.02 42.88
CA ASN E 116 18.27 14.31 42.40
C ASN E 116 18.82 14.97 41.12
N PHE E 117 17.93 15.28 40.20
CA PHE E 117 18.32 15.82 38.90
C PHE E 117 19.06 17.15 39.13
N VAL E 118 18.50 17.99 39.96
CA VAL E 118 19.05 19.31 40.18
C VAL E 118 20.40 19.18 40.88
N LYS E 119 20.47 18.35 41.92
CA LYS E 119 21.71 18.19 42.66
C LYS E 119 22.80 17.58 41.75
N ASP E 120 22.41 16.61 40.94
CA ASP E 120 23.37 15.93 40.07
C ASP E 120 23.91 16.89 39.00
N LEU E 121 23.23 17.99 38.72
CA LEU E 121 23.71 18.95 37.71
C LEU E 121 24.45 20.13 38.36
N ALA E 122 24.70 20.07 39.67
CA ALA E 122 25.40 21.13 40.36
C ALA E 122 26.76 21.42 39.70
N ASP E 123 27.46 20.41 39.22
CA ASP E 123 28.83 20.58 38.80
C ASP E 123 28.94 20.75 37.27
N THR E 124 27.82 20.99 36.59
CA THR E 124 27.78 20.95 35.14
C THR E 124 27.67 22.37 34.56
N ALA E 125 27.61 22.45 33.24
CA ALA E 125 27.45 23.71 32.54
C ALA E 125 25.97 24.14 32.48
N VAL E 126 25.10 23.39 33.16
CA VAL E 126 23.66 23.64 33.02
C VAL E 126 23.27 24.84 33.89
N LYS E 127 22.64 25.83 33.26
CA LYS E 127 22.28 27.07 33.94
C LYS E 127 20.80 27.39 33.81
N GLY E 128 20.06 26.54 33.12
CA GLY E 128 18.66 26.82 32.85
C GLY E 128 17.88 25.54 32.64
N LEU E 129 16.58 25.63 32.87
CA LEU E 129 15.71 24.50 32.78
C LEU E 129 14.36 24.95 32.21
N ILE E 130 13.91 24.28 31.17
CA ILE E 130 12.61 24.55 30.56
C ILE E 130 11.76 23.28 30.68
N ILE E 131 10.56 23.41 31.23
CA ILE E 131 9.67 22.30 31.36
C ILE E 131 8.32 22.71 30.77
N PRO E 132 8.14 22.45 29.50
CA PRO E 132 7.01 23.00 28.76
C PRO E 132 5.65 22.57 29.33
N ASP E 133 5.55 21.38 29.92
CA ASP E 133 4.27 20.87 30.36
C ASP E 133 4.16 20.96 31.89
N LEU E 134 4.97 21.79 32.53
CA LEU E 134 4.80 22.05 33.96
C LEU E 134 3.84 23.24 34.17
N PRO E 135 2.66 23.00 34.72
CA PRO E 135 1.70 24.08 34.96
C PRO E 135 2.21 25.05 36.04
N HIS E 136 1.91 26.34 35.88
CA HIS E 136 2.41 27.35 36.84
C HIS E 136 1.93 27.03 38.26
N GLU E 137 0.72 26.53 38.34
CA GLU E 137 0.09 26.18 39.61
C GLU E 137 0.94 25.15 40.36
N HIS E 138 1.73 24.35 39.65
CA HIS E 138 2.49 23.25 40.26
C HIS E 138 3.98 23.54 40.20
N ALA E 139 4.36 24.82 40.19
CA ALA E 139 5.77 25.23 40.15
C ALA E 139 6.53 24.75 41.41
N ASN E 140 5.80 24.52 42.50
CA ASN E 140 6.37 24.06 43.79
C ASN E 140 7.09 22.71 43.64
N PHE E 141 6.78 21.95 42.60
CA PHE E 141 7.45 20.68 42.37
C PHE E 141 8.90 20.89 41.98
N VAL E 142 9.23 22.05 41.43
CA VAL E 142 10.58 22.25 40.91
C VAL E 142 11.25 23.45 41.59
N GLU E 143 10.53 24.56 41.76
CA GLU E 143 11.14 25.87 42.13
C GLU E 143 11.97 25.77 43.41
N PRO E 144 11.41 25.17 44.47
CA PRO E 144 12.10 25.02 45.74
C PRO E 144 13.52 24.42 45.61
N PHE E 145 13.67 23.43 44.74
CA PHE E 145 14.93 22.71 44.63
C PHE E 145 15.97 23.56 43.88
N LEU E 146 15.53 24.59 43.17
CA LEU E 146 16.42 25.45 42.42
C LEU E 146 16.86 26.65 43.28
N ALA E 147 16.36 26.73 44.51
CA ALA E 147 16.53 27.93 45.33
C ALA E 147 18.02 28.31 45.47
N ASN E 148 18.89 27.40 45.90
CA ASN E 148 20.28 27.83 46.20
C ASN E 148 21.18 27.56 44.99
N THR E 149 20.61 27.25 43.84
CA THR E 149 21.38 26.76 42.68
C THR E 149 21.63 27.89 41.68
N ASP E 150 22.42 27.57 40.65
CA ASP E 150 22.66 28.47 39.56
C ASP E 150 21.84 28.07 38.34
N ILE E 151 20.66 27.48 38.58
CA ILE E 151 19.82 27.01 37.48
C ILE E 151 18.53 27.82 37.47
N ALA E 152 18.30 28.53 36.38
CA ALA E 152 17.11 29.33 36.21
C ALA E 152 15.99 28.49 35.60
N LEU E 153 14.80 28.61 36.15
CA LEU E 153 13.62 28.00 35.58
C LEU E 153 13.00 28.97 34.57
N ILE E 154 13.06 28.63 33.29
CA ILE E 154 12.56 29.51 32.25
C ILE E 154 11.07 29.26 32.03
N PRO E 155 10.26 30.31 32.13
CA PRO E 155 8.83 30.20 31.91
C PRO E 155 8.45 30.38 30.43
N LEU E 156 7.48 29.61 30.00
CA LEU E 156 6.85 29.79 28.72
C LEU E 156 5.65 30.72 28.88
N VAL E 157 5.64 31.76 28.09
CA VAL E 157 4.54 32.69 28.11
C VAL E 157 3.83 32.68 26.75
N SER E 158 2.55 32.39 26.80
CA SER E 158 1.73 32.30 25.63
C SER E 158 1.36 33.71 25.12
N LEU E 159 1.56 33.93 23.84
CA LEU E 159 1.25 35.24 23.23
C LEU E 159 -0.21 35.27 22.84
N THR E 160 -0.94 34.17 22.91
CA THR E 160 -2.39 34.20 22.57
C THR E 160 -3.21 34.58 23.81
N THR E 161 -2.64 34.45 24.98
CA THR E 161 -3.29 34.82 26.24
C THR E 161 -2.88 36.27 26.54
N GLY E 162 -3.75 36.98 27.26
CA GLY E 162 -3.45 38.35 27.70
C GLY E 162 -2.25 38.38 28.64
N ILE E 163 -1.41 39.41 28.51
CA ILE E 163 -0.13 39.45 29.24
C ILE E 163 -0.42 39.71 30.73
N GLU E 164 -1.45 40.50 31.01
CA GLU E 164 -1.80 40.85 32.37
C GLU E 164 -2.18 39.58 33.15
N ARG E 165 -2.84 38.63 32.47
CA ARG E 165 -3.23 37.39 33.10
C ARG E 165 -1.99 36.58 33.56
N GLN E 166 -0.90 36.66 32.80
CA GLN E 166 0.29 35.88 33.07
C GLN E 166 1.31 36.70 33.92
N LYS E 167 0.84 37.68 34.66
CA LYS E 167 1.70 38.59 35.39
C LYS E 167 2.60 37.82 36.40
N GLU E 168 2.03 36.80 37.02
CA GLU E 168 2.75 36.02 38.01
C GLU E 168 3.90 35.25 37.36
N LEU E 169 3.63 34.68 36.20
CA LEU E 169 4.62 33.92 35.44
C LEU E 169 5.79 34.84 35.05
N ILE E 170 5.47 36.04 34.63
CA ILE E 170 6.45 36.91 34.05
C ILE E 170 7.31 37.51 35.17
N GLU E 171 6.68 37.82 36.31
CA GLU E 171 7.41 38.50 37.38
C GLU E 171 8.36 37.47 38.01
N GLY E 172 7.95 36.21 38.02
CA GLY E 172 8.76 35.15 38.64
C GLY E 172 9.95 34.71 37.77
N ALA E 173 10.01 35.18 36.53
CA ALA E 173 10.87 34.62 35.51
C ALA E 173 12.34 34.85 35.82
N GLU E 174 13.17 33.86 35.50
CA GLU E 174 14.63 33.98 35.64
C GLU E 174 15.26 33.48 34.34
N GLY E 175 16.48 33.90 34.03
CA GLY E 175 17.15 33.44 32.81
C GLY E 175 16.70 34.20 31.57
N PHE E 176 15.55 33.83 31.03
CA PHE E 176 14.87 34.59 29.98
C PHE E 176 13.41 34.16 29.94
N ILE E 177 12.64 34.85 29.11
CA ILE E 177 11.24 34.51 28.93
C ILE E 177 11.05 33.92 27.53
N TYR E 178 10.44 32.75 27.49
CA TYR E 178 10.21 32.04 26.27
C TYR E 178 8.82 32.37 25.73
N ALA E 179 8.73 33.24 24.73
CA ALA E 179 7.46 33.62 24.19
C ALA E 179 7.02 32.62 23.13
N VAL E 180 5.82 32.07 23.28
CA VAL E 180 5.37 30.99 22.42
C VAL E 180 3.98 31.31 21.90
N ALA E 181 3.62 30.74 20.78
CA ALA E 181 2.23 30.76 20.33
C ALA E 181 1.89 29.37 19.78
N ILE E 182 0.75 28.83 20.18
CA ILE E 182 0.33 27.55 19.63
C ILE E 182 -0.66 27.85 18.49
N ASN E 191 -8.17 37.48 13.62
CA ASN E 191 -7.69 38.40 14.67
C ASN E 191 -6.33 37.90 15.20
N TYR E 192 -5.90 36.73 14.77
CA TYR E 192 -4.88 35.94 15.48
C TYR E 192 -3.47 36.56 15.34
N ARG E 193 -3.11 37.00 14.13
CA ARG E 193 -1.72 37.45 13.88
C ARG E 193 -1.53 38.89 14.33
N ALA E 194 -2.59 39.70 14.43
CA ALA E 194 -2.47 41.04 15.00
C ALA E 194 -2.35 40.93 16.52
N ASP E 195 -3.04 39.94 17.12
CA ASP E 195 -3.06 39.75 18.54
C ASP E 195 -1.67 39.36 19.06
N LEU E 196 -0.90 38.62 18.28
CA LEU E 196 0.41 38.15 18.74
C LEU E 196 1.36 39.36 18.84
N ASP E 197 1.31 40.22 17.84
CA ASP E 197 2.24 41.36 17.78
C ASP E 197 1.99 42.26 19.00
N LYS E 198 0.69 42.49 19.31
CA LYS E 198 0.33 43.32 20.44
C LYS E 198 0.88 42.71 21.73
N HIS E 199 0.66 41.42 21.91
CA HIS E 199 1.02 40.72 23.15
C HIS E 199 2.52 40.64 23.30
N LEU E 200 3.25 40.51 22.20
CA LEU E 200 4.70 40.45 22.24
C LEU E 200 5.22 41.77 22.78
N ALA E 201 4.72 42.86 22.21
CA ALA E 201 5.12 44.19 22.62
C ALA E 201 4.77 44.43 24.10
N GLN E 202 3.59 43.99 24.51
CA GLN E 202 3.15 44.19 25.90
C GLN E 202 4.09 43.42 26.84
N LEU E 203 4.38 42.19 26.48
CA LEU E 203 5.25 41.32 27.26
C LEU E 203 6.65 41.94 27.35
N HIS E 204 7.10 42.50 26.24
CA HIS E 204 8.40 43.11 26.13
C HIS E 204 8.56 44.24 27.15
N GLN E 205 7.55 45.10 27.27
CA GLN E 205 7.62 46.24 28.18
C GLN E 205 7.64 45.74 29.63
N VAL E 206 6.84 44.72 29.92
CA VAL E 206 6.61 44.28 31.30
C VAL E 206 7.81 43.48 31.82
N ALA E 207 8.57 42.86 30.93
CA ALA E 207 9.58 41.89 31.33
C ALA E 207 10.85 42.59 31.80
N ASP E 208 11.47 42.02 32.85
CA ASP E 208 12.70 42.58 33.45
C ASP E 208 13.93 41.86 32.88
N ILE E 209 13.71 40.80 32.12
CA ILE E 209 14.78 39.99 31.55
C ILE E 209 14.50 39.84 30.05
N PRO E 210 15.42 39.21 29.31
CA PRO E 210 15.27 39.16 27.87
C PRO E 210 14.06 38.27 27.48
N VAL E 211 13.41 38.64 26.40
CA VAL E 211 12.30 37.89 25.85
C VAL E 211 12.74 37.27 24.54
N LEU E 212 12.67 35.94 24.47
CA LEU E 212 13.13 35.22 23.32
C LEU E 212 11.94 34.56 22.59
N THR E 213 12.08 34.59 21.27
CA THR E 213 11.10 34.06 20.37
C THR E 213 11.49 32.62 20.00
N GLY E 214 10.50 31.74 19.96
CA GLY E 214 10.81 30.36 19.62
C GLY E 214 10.13 29.88 18.35
N PHE E 215 9.82 30.77 17.42
CA PHE E 215 8.99 30.31 16.30
C PHE E 215 9.86 29.57 15.30
N GLY E 216 9.18 28.77 14.46
CA GLY E 216 9.79 28.05 13.39
C GLY E 216 10.54 29.01 12.47
N VAL E 217 11.85 28.85 12.49
CA VAL E 217 12.73 29.62 11.60
C VAL E 217 13.20 28.67 10.50
N SER E 218 12.79 28.99 9.28
CA SER E 218 13.23 28.21 8.12
C SER E 218 13.99 29.08 7.11
N SER E 219 14.11 30.40 7.35
CA SER E 219 14.81 31.27 6.42
C SER E 219 15.46 32.43 7.16
N GLN E 220 16.36 33.11 6.47
CA GLN E 220 17.02 34.29 7.04
C GLN E 220 15.97 35.38 7.30
N ALA E 221 14.97 35.44 6.43
CA ALA E 221 13.87 36.38 6.58
C ALA E 221 13.10 36.10 7.87
N ASP E 222 12.88 34.85 8.20
CA ASP E 222 12.24 34.48 9.46
C ASP E 222 13.06 35.05 10.61
N LEU E 223 14.36 34.86 10.54
CA LEU E 223 15.25 35.25 11.62
C LEU E 223 15.19 36.77 11.84
N GLU E 224 15.20 37.54 10.75
CA GLU E 224 15.19 38.98 10.82
C GLU E 224 13.88 39.49 11.43
N ARG E 225 12.77 38.86 11.04
CA ARG E 225 11.44 39.26 11.45
C ARG E 225 11.35 39.22 12.98
N PHE E 226 11.81 38.11 13.58
CA PHE E 226 11.59 37.87 14.99
C PHE E 226 12.55 38.74 15.82
N ASN E 227 13.75 38.99 15.26
CA ASN E 227 14.74 39.79 15.97
C ASN E 227 14.28 41.25 16.07
N ALA E 228 13.39 41.67 15.16
CA ALA E 228 12.91 43.05 15.17
C ALA E 228 12.01 43.27 16.37
N VAL E 229 11.36 42.20 16.88
CA VAL E 229 10.29 42.36 17.85
C VAL E 229 10.60 41.57 19.13
N SER E 230 11.82 41.06 19.24
CA SER E 230 12.20 40.36 20.46
C SER E 230 13.70 40.58 20.72
N ASP E 231 14.15 40.04 21.84
CA ASP E 231 15.53 40.25 22.20
C ASP E 231 16.42 39.14 21.60
N GLY E 232 15.82 38.14 20.97
CA GLY E 232 16.54 37.08 20.32
C GLY E 232 15.64 35.88 20.00
N VAL E 233 16.28 34.81 19.51
CA VAL E 233 15.56 33.69 18.96
C VAL E 233 16.17 32.38 19.44
N ILE E 234 15.30 31.38 19.44
CA ILE E 234 15.68 30.01 19.62
C ILE E 234 15.40 29.26 18.32
N VAL E 235 16.38 28.52 17.84
CA VAL E 235 16.26 27.83 16.57
C VAL E 235 16.47 26.33 16.80
N GLY E 236 15.43 25.56 16.51
CA GLY E 236 15.46 24.12 16.70
C GLY E 236 15.50 23.36 15.38
N SER E 237 14.35 23.22 14.73
CA SER E 237 14.19 22.28 13.60
C SER E 237 15.30 22.45 12.57
N LYS E 238 15.59 23.70 12.20
CA LYS E 238 16.53 23.97 11.13
C LYS E 238 17.90 23.35 11.46
N ILE E 239 18.32 23.50 12.71
CA ILE E 239 19.65 23.11 13.11
C ILE E 239 19.68 21.59 13.27
N VAL E 240 18.65 21.03 13.89
CA VAL E 240 18.60 19.60 14.12
C VAL E 240 18.62 18.87 12.78
N LYS E 241 17.83 19.34 11.83
CA LYS E 241 17.72 18.71 10.55
C LYS E 241 19.07 18.82 9.82
N ALA E 242 19.68 20.00 9.86
CA ALA E 242 20.94 20.24 9.16
C ALA E 242 22.04 19.35 9.74
N LEU E 243 22.12 19.27 11.06
CA LEU E 243 23.16 18.44 11.69
C LEU E 243 22.95 16.98 11.29
N HIS E 244 21.71 16.52 11.26
CA HIS E 244 21.42 15.12 10.96
C HIS E 244 21.74 14.81 9.50
N GLN E 245 21.34 15.71 8.61
CA GLN E 245 21.48 15.49 7.18
C GLN E 245 22.88 15.92 6.68
N GLY E 246 23.67 16.53 7.53
CA GLY E 246 24.99 17.00 7.15
C GLY E 246 24.96 18.17 6.17
N GLU E 247 23.88 18.96 6.19
CA GLU E 247 23.90 20.24 5.42
C GLU E 247 24.71 21.27 6.21
N PRO E 248 25.27 22.27 5.52
CA PRO E 248 26.02 23.34 6.21
C PRO E 248 25.09 24.23 7.04
N ILE E 249 25.48 24.52 8.27
CA ILE E 249 24.67 25.35 9.16
C ILE E 249 25.52 26.47 9.80
N GLN E 250 26.83 26.41 9.63
CA GLN E 250 27.74 27.35 10.28
C GLN E 250 27.44 28.78 9.80
N ASP E 251 27.21 28.95 8.49
CA ASP E 251 27.00 30.28 7.92
C ASP E 251 25.74 30.90 8.52
N PHE E 252 24.68 30.10 8.62
CA PHE E 252 23.43 30.59 9.16
C PHE E 252 23.64 31.09 10.59
N ILE E 253 24.38 30.32 11.39
CA ILE E 253 24.55 30.65 12.79
C ILE E 253 25.46 31.90 12.91
N ARG E 254 26.54 31.92 12.15
CA ARG E 254 27.45 33.08 12.14
C ARG E 254 26.65 34.36 11.86
N GLN E 255 25.85 34.33 10.81
CA GLN E 255 25.07 35.49 10.40
C GLN E 255 24.07 35.85 11.51
N ALA E 256 23.45 34.84 12.12
CA ALA E 256 22.45 35.07 13.14
C ALA E 256 23.06 35.74 14.37
N VAL E 257 24.25 35.28 14.78
CA VAL E 257 24.91 35.82 15.96
C VAL E 257 25.24 37.30 15.72
N ALA E 258 25.54 37.66 14.48
CA ALA E 258 25.99 39.01 14.12
C ALA E 258 24.82 40.00 13.97
N TYR E 259 23.59 39.60 14.23
CA TYR E 259 22.45 40.52 14.12
C TYR E 259 22.63 41.71 15.08
N GLN E 260 22.48 42.94 14.57
CA GLN E 260 22.30 44.14 15.44
C GLN E 260 21.12 44.94 14.91
N PRO F 5 21.76 36.89 41.68
CA PRO F 5 21.34 36.71 40.28
C PRO F 5 21.73 35.31 39.77
N LYS F 6 20.93 34.75 38.88
CA LYS F 6 21.35 33.53 38.18
C LYS F 6 22.30 33.93 37.04
N THR F 7 23.34 33.16 36.80
CA THR F 7 24.34 33.54 35.81
C THR F 7 23.72 33.60 34.40
N LEU F 8 22.72 32.75 34.11
CA LEU F 8 22.14 32.78 32.73
C LEU F 8 21.47 34.13 32.48
N THR F 9 20.75 34.64 33.47
CA THR F 9 20.10 35.94 33.34
C THR F 9 21.15 37.02 33.08
N GLU F 10 22.25 37.00 33.83
CA GLU F 10 23.27 38.01 33.71
C GLU F 10 23.86 37.98 32.30
N LYS F 11 24.20 36.79 31.83
CA LYS F 11 24.91 36.70 30.57
C LYS F 11 24.02 37.18 29.41
N LEU F 12 22.73 36.88 29.46
CA LEU F 12 21.81 37.26 28.39
C LEU F 12 21.51 38.75 28.49
N ASN F 13 21.32 39.27 29.69
CA ASN F 13 21.15 40.72 29.90
C ASN F 13 22.32 41.50 29.28
N ALA F 14 23.54 40.98 29.47
CA ALA F 14 24.75 41.64 28.94
C ALA F 14 24.72 41.71 27.41
N ILE F 15 24.27 40.65 26.77
CA ILE F 15 24.21 40.62 25.32
C ILE F 15 23.17 41.65 24.85
N LYS F 16 22.03 41.67 25.52
CA LYS F 16 20.96 42.59 25.20
C LYS F 16 21.43 44.03 25.42
N ALA F 17 22.08 44.27 26.56
CA ALA F 17 22.57 45.61 26.91
C ALA F 17 23.58 46.10 25.86
N ALA F 18 24.33 45.18 25.24
CA ALA F 18 25.31 45.52 24.20
C ALA F 18 24.61 45.77 22.86
N GLY F 19 23.29 45.64 22.80
CA GLY F 19 22.53 45.86 21.56
C GLY F 19 22.67 44.71 20.57
N LYS F 20 23.03 43.53 21.05
CA LYS F 20 23.21 42.37 20.18
C LYS F 20 22.03 41.40 20.37
N GLY F 21 21.72 40.65 19.33
CA GLY F 21 20.68 39.65 19.42
C GLY F 21 21.14 38.40 20.15
N ILE F 22 20.28 37.85 20.97
CA ILE F 22 20.55 36.57 21.61
C ILE F 22 20.23 35.48 20.60
N PHE F 23 21.11 34.49 20.51
CA PHE F 23 20.88 33.38 19.62
C PHE F 23 21.10 32.05 20.36
N VAL F 24 20.04 31.25 20.43
CA VAL F 24 20.07 29.99 21.18
C VAL F 24 19.66 28.84 20.26
N PRO F 25 20.63 28.02 19.87
CA PRO F 25 20.28 26.80 19.16
C PRO F 25 19.76 25.72 20.12
N TYR F 26 18.86 24.88 19.61
CA TYR F 26 18.39 23.71 20.31
C TYR F 26 18.96 22.46 19.64
N ILE F 27 19.46 21.53 20.44
CA ILE F 27 19.89 20.22 19.93
C ILE F 27 19.25 19.14 20.78
N ALA F 29 19.78 15.89 22.75
CA ALA F 29 20.85 15.08 23.35
C ALA F 29 20.73 13.66 22.82
N GLY F 30 21.84 13.10 22.34
CA GLY F 30 21.85 11.74 21.87
C GLY F 30 21.59 11.63 20.38
N ASP F 31 21.16 12.70 19.70
CA ASP F 31 20.94 12.64 18.24
C ASP F 31 22.26 12.94 17.53
N HIS F 32 23.06 11.90 17.36
CA HIS F 32 24.40 11.99 16.85
C HIS F 32 24.85 10.60 16.41
N GLU F 33 25.79 10.53 15.48
CA GLU F 33 26.35 9.24 15.07
C GLU F 33 26.84 8.43 16.28
N LYS F 34 27.38 9.13 17.28
CA LYS F 34 27.97 8.49 18.46
C LYS F 34 27.01 8.56 19.67
N GLY F 35 25.76 8.93 19.45
CA GLY F 35 24.81 9.08 20.54
C GLY F 35 25.25 10.14 21.53
N LEU F 36 25.10 9.83 22.82
CA LEU F 36 25.46 10.79 23.87
C LEU F 36 26.95 11.10 23.83
N ASP F 37 27.76 10.20 23.28
CA ASP F 37 29.20 10.43 23.23
C ASP F 37 29.53 11.53 22.21
N GLY F 38 28.55 11.91 21.38
CA GLY F 38 28.74 12.97 20.42
C GLY F 38 28.34 14.33 20.96
N LEU F 39 27.77 14.38 22.17
CA LEU F 39 27.15 15.62 22.68
C LEU F 39 28.21 16.70 22.89
N ALA F 40 29.34 16.35 23.50
CA ALA F 40 30.41 17.31 23.75
C ALA F 40 30.85 17.98 22.44
N GLU F 41 31.02 17.15 21.42
CA GLU F 41 31.47 17.60 20.11
C GLU F 41 30.49 18.63 19.55
N THR F 42 29.20 18.33 19.66
CA THR F 42 28.18 19.23 19.13
C THR F 42 28.19 20.54 19.92
N ILE F 43 28.30 20.46 21.24
CA ILE F 43 28.26 21.66 22.09
C ILE F 43 29.47 22.55 21.76
N HIS F 44 30.64 21.94 21.60
CA HIS F 44 31.86 22.71 21.34
C HIS F 44 31.80 23.31 19.93
N PHE F 45 31.19 22.61 19.00
CA PHE F 45 31.00 23.13 17.67
C PHE F 45 30.18 24.43 17.71
N LEU F 46 29.13 24.43 18.53
CA LEU F 46 28.25 25.60 18.65
C LEU F 46 28.92 26.70 19.47
N GLU F 47 29.70 26.32 20.47
CA GLU F 47 30.46 27.27 21.29
C GLU F 47 31.45 28.05 20.40
N ASP F 48 32.11 27.34 19.49
CA ASP F 48 33.09 27.94 18.58
C ASP F 48 32.42 28.99 17.70
N LEU F 49 31.12 28.87 17.47
CA LEU F 49 30.42 29.83 16.62
C LEU F 49 29.84 30.98 17.46
N GLY F 50 30.04 30.96 18.77
CA GLY F 50 29.73 32.11 19.64
C GLY F 50 28.24 32.27 19.93
N VAL F 51 27.53 31.15 20.09
CA VAL F 51 26.09 31.22 20.42
C VAL F 51 25.92 31.71 21.86
N SER F 52 24.76 32.23 22.19
CA SER F 52 24.50 32.86 23.49
C SER F 52 24.30 31.78 24.55
N ALA F 53 23.56 30.74 24.20
CA ALA F 53 23.30 29.61 25.07
C ALA F 53 22.89 28.42 24.20
N ILE F 54 22.85 27.23 24.78
CA ILE F 54 22.43 26.07 24.04
C ILE F 54 21.34 25.33 24.82
N GLU F 55 20.23 25.13 24.13
CA GLU F 55 19.13 24.34 24.61
C GLU F 55 19.40 22.87 24.31
N VAL F 56 19.41 22.03 25.35
CA VAL F 56 19.72 20.61 25.17
C VAL F 56 18.48 19.79 25.53
N GLY F 57 17.90 19.16 24.50
CA GLY F 57 16.66 18.45 24.68
C GLY F 57 16.88 17.05 25.21
N ILE F 58 15.95 16.60 26.05
CA ILE F 58 15.89 15.22 26.51
C ILE F 58 14.78 14.51 25.73
N PRO F 59 15.08 13.38 25.11
CA PRO F 59 14.03 12.66 24.40
C PRO F 59 12.98 12.12 25.39
N PHE F 60 11.73 12.11 24.96
CA PHE F 60 10.66 11.67 25.80
C PHE F 60 10.40 10.18 25.58
N SER F 61 10.48 9.39 26.64
CA SER F 61 10.14 7.97 26.50
C SER F 61 8.81 7.71 27.19
N ASP F 62 7.96 6.99 26.48
CA ASP F 62 6.67 6.59 27.01
C ASP F 62 6.87 5.58 28.12
N PRO F 63 6.14 5.71 29.23
CA PRO F 63 6.19 4.81 30.35
C PRO F 63 5.18 3.66 30.25
N VAL F 64 4.39 3.63 29.19
CA VAL F 64 3.38 2.58 29.03
C VAL F 64 4.09 1.24 28.84
N ALA F 65 3.68 0.27 29.65
CA ALA F 65 4.28 -1.04 29.65
C ALA F 65 3.20 -2.13 29.68
N ASP F 66 2.04 -1.81 29.14
CA ASP F 66 0.84 -2.62 29.32
C ASP F 66 0.77 -3.68 28.20
N GLY F 67 1.55 -3.54 27.13
CA GLY F 67 1.56 -4.50 26.03
C GLY F 67 0.71 -4.02 24.86
N PRO F 68 0.82 -4.71 23.71
CA PRO F 68 0.28 -4.21 22.45
C PRO F 68 -1.25 -4.03 22.44
N VAL F 69 -1.97 -4.98 22.99
CA VAL F 69 -3.44 -4.94 22.98
C VAL F 69 -3.94 -3.66 23.65
N ILE F 70 -3.42 -3.38 24.82
CA ILE F 70 -3.88 -2.26 25.63
C ILE F 70 -3.29 -0.96 25.08
N GLU F 71 -2.06 -1.00 24.57
CA GLU F 71 -1.47 0.17 23.93
C GLU F 71 -2.35 0.61 22.75
N GLU F 72 -2.81 -0.34 21.94
CA GLU F 72 -3.67 -0.03 20.80
C GLU F 72 -5.01 0.53 21.30
N ALA F 73 -5.54 -0.05 22.38
CA ALA F 73 -6.81 0.40 22.95
C ALA F 73 -6.72 1.86 23.40
N GLY F 74 -5.57 2.23 23.97
CA GLY F 74 -5.32 3.61 24.36
C GLY F 74 -5.35 4.55 23.19
N LEU F 75 -4.73 4.15 22.09
CA LEU F 75 -4.70 4.98 20.88
C LEU F 75 -6.12 5.13 20.32
N ARG F 76 -6.91 4.07 20.34
CA ARG F 76 -8.28 4.16 19.87
C ARG F 76 -9.06 5.14 20.76
N SER F 77 -8.85 5.04 22.06
CA SER F 77 -9.53 5.88 23.04
C SER F 77 -9.18 7.36 22.79
N LEU F 78 -7.91 7.63 22.56
CA LEU F 78 -7.49 9.01 22.33
C LEU F 78 -8.08 9.51 21.01
N ALA F 79 -8.22 8.63 20.02
CA ALA F 79 -8.75 9.02 18.71
C ALA F 79 -10.24 9.33 18.81
N HIS F 80 -10.90 8.83 19.85
CA HIS F 80 -12.28 9.19 20.13
C HIS F 80 -12.37 10.49 20.95
N GLY F 81 -11.25 11.14 21.24
CA GLY F 81 -11.26 12.41 21.93
C GLY F 81 -11.31 12.26 23.45
N THR F 82 -10.99 11.08 23.96
CA THR F 82 -11.00 10.84 25.39
C THR F 82 -9.96 11.73 26.05
N SER F 83 -10.38 12.42 27.11
CA SER F 83 -9.52 13.24 27.93
C SER F 83 -9.79 12.90 29.38
N THR F 84 -8.86 13.22 30.26
CA THR F 84 -9.08 13.00 31.68
C THR F 84 -10.32 13.78 32.13
N GLN F 85 -10.46 15.02 31.68
CA GLN F 85 -11.57 15.86 32.13
C GLN F 85 -12.90 15.20 31.74
N ALA F 86 -12.99 14.73 30.49
CA ALA F 86 -14.20 14.12 29.98
C ALA F 86 -14.48 12.80 30.70
N LEU F 87 -13.43 12.07 31.07
CA LEU F 87 -13.61 10.82 31.81
C LEU F 87 -14.22 11.11 33.18
N VAL F 88 -13.69 12.10 33.87
CA VAL F 88 -14.19 12.44 35.19
C VAL F 88 -15.67 12.78 35.08
N GLU F 89 -16.02 13.62 34.11
CA GLU F 89 -17.41 14.06 33.94
C GLU F 89 -18.30 12.86 33.62
N THR F 90 -17.83 11.97 32.75
CA THR F 90 -18.59 10.78 32.40
C THR F 90 -18.81 9.90 33.65
N LEU F 91 -17.81 9.81 34.51
CA LEU F 91 -17.91 8.93 35.67
C LEU F 91 -18.95 9.45 36.66
N LYS F 92 -19.16 10.74 36.71
CA LYS F 92 -20.20 11.30 37.60
C LYS F 92 -21.58 10.85 37.15
N THR F 93 -21.71 10.58 35.86
CA THR F 93 -22.92 10.11 35.24
C THR F 93 -23.27 8.67 35.64
N ILE F 94 -22.27 7.86 35.97
CA ILE F 94 -22.45 6.41 36.00
C ILE F 94 -22.81 5.97 37.41
N GLU F 95 -23.90 5.23 37.49
CA GLU F 95 -24.36 4.69 38.78
C GLU F 95 -24.15 3.18 38.76
N THR F 96 -23.40 2.67 39.74
CA THR F 96 -23.17 1.24 39.87
C THR F 96 -22.75 0.90 41.30
N GLU F 97 -23.13 -0.30 41.73
CA GLU F 97 -22.78 -0.81 43.05
C GLU F 97 -21.39 -1.44 43.02
N ILE F 98 -20.88 -1.69 41.81
CA ILE F 98 -19.55 -2.26 41.63
C ILE F 98 -18.51 -1.16 41.87
N PRO F 99 -17.53 -1.42 42.73
CA PRO F 99 -16.47 -0.44 42.91
C PRO F 99 -15.55 -0.34 41.68
N LEU F 100 -15.23 0.89 41.28
CA LEU F 100 -14.36 1.13 40.14
C LEU F 100 -12.98 1.53 40.66
N VAL F 101 -11.95 1.00 40.01
CA VAL F 101 -10.57 1.30 40.32
C VAL F 101 -9.95 1.97 39.10
N ILE F 102 -9.50 3.20 39.26
CA ILE F 102 -8.86 3.92 38.19
C ILE F 102 -7.39 3.47 38.10
N THR F 104 -4.07 4.63 36.15
CA THR F 104 -3.48 5.65 35.34
C THR F 104 -2.00 5.78 35.67
N TYR F 105 -1.23 6.25 34.69
CA TYR F 105 0.12 6.65 34.95
C TYR F 105 0.09 8.03 35.60
N PHE F 106 1.21 8.43 36.18
CA PHE F 106 1.19 9.60 37.01
C PHE F 106 0.95 10.88 36.18
N ASN F 107 1.48 10.95 34.95
CA ASN F 107 1.52 12.23 34.25
C ASN F 107 0.09 12.80 34.04
N PRO F 108 -0.85 11.97 33.55
CA PRO F 108 -2.20 12.51 33.32
C PRO F 108 -2.83 13.06 34.60
N LEU F 109 -2.54 12.38 35.71
CA LEU F 109 -3.01 12.78 37.00
C LEU F 109 -2.39 14.13 37.40
N PHE F 110 -1.10 14.22 37.18
CA PHE F 110 -0.35 15.39 37.52
C PHE F 110 -0.85 16.60 36.72
N GLN F 111 -1.11 16.38 35.44
CA GLN F 111 -1.58 17.46 34.56
C GLN F 111 -2.95 17.95 35.00
N TYR F 112 -3.82 17.01 35.39
CA TYR F 112 -5.17 17.35 35.82
C TYR F 112 -5.13 18.07 37.17
N GLY F 113 -4.16 17.67 37.99
CA GLY F 113 -4.12 18.09 39.38
C GLY F 113 -4.61 16.98 40.27
N VAL F 114 -3.73 16.44 41.09
CA VAL F 114 -4.07 15.26 41.87
C VAL F 114 -5.25 15.58 42.79
N GLU F 115 -5.17 16.68 43.51
CA GLU F 115 -6.20 17.03 44.49
C GLU F 115 -7.53 17.21 43.75
N ASN F 116 -7.51 17.97 42.65
CA ASN F 116 -8.70 18.17 41.85
C ASN F 116 -9.31 16.83 41.44
N PHE F 117 -8.48 15.91 40.99
CA PHE F 117 -8.94 14.64 40.46
C PHE F 117 -9.72 13.90 41.56
N VAL F 118 -9.12 13.86 42.75
CA VAL F 118 -9.69 13.11 43.84
C VAL F 118 -10.99 13.77 44.29
N LYS F 119 -10.99 15.09 44.42
CA LYS F 119 -12.17 15.80 44.90
C LYS F 119 -13.29 15.67 43.85
N ASP F 120 -12.94 15.75 42.58
CA ASP F 120 -13.95 15.69 41.53
C ASP F 120 -14.59 14.29 41.48
N LEU F 121 -13.93 13.27 42.01
CA LEU F 121 -14.50 11.91 41.98
C LEU F 121 -15.15 11.56 43.32
N ALA F 122 -15.32 12.53 44.21
CA ALA F 122 -15.80 12.25 45.56
C ALA F 122 -17.16 11.55 45.51
N ASP F 123 -18.03 11.92 44.59
CA ASP F 123 -19.39 11.43 44.65
C ASP F 123 -19.61 10.27 43.67
N THR F 124 -18.54 9.64 43.18
CA THR F 124 -18.64 8.69 42.09
C THR F 124 -18.49 7.24 42.60
N ALA F 125 -18.54 6.30 41.66
CA ALA F 125 -18.36 4.89 41.95
C ALA F 125 -16.87 4.53 42.06
N VAL F 126 -15.97 5.52 41.99
CA VAL F 126 -14.55 5.23 42.06
C VAL F 126 -14.14 4.98 43.52
N LYS F 127 -13.53 3.83 43.78
CA LYS F 127 -13.17 3.47 45.13
C LYS F 127 -11.69 3.11 45.25
N GLY F 128 -10.96 3.13 44.14
CA GLY F 128 -9.58 2.71 44.15
C GLY F 128 -8.78 3.42 43.07
N LEU F 129 -7.47 3.48 43.27
CA LEU F 129 -6.57 4.16 42.37
C LEU F 129 -5.26 3.38 42.29
N ILE F 130 -4.83 3.07 41.06
CA ILE F 130 -3.57 2.39 40.82
C ILE F 130 -2.69 3.29 39.96
N ILE F 131 -1.45 3.53 40.40
CA ILE F 131 -0.55 4.35 39.65
C ILE F 131 0.77 3.58 39.47
N PRO F 132 0.88 2.84 38.39
CA PRO F 132 1.98 1.93 38.15
C PRO F 132 3.37 2.57 38.20
N ASP F 133 3.49 3.83 37.79
CA ASP F 133 4.83 4.40 37.69
C ASP F 133 5.04 5.39 38.85
N LEU F 134 4.24 5.31 39.90
CA LEU F 134 4.51 6.10 41.10
C LEU F 134 5.33 5.27 42.08
N PRO F 135 6.59 5.65 42.29
CA PRO F 135 7.43 4.97 43.30
C PRO F 135 6.88 5.20 44.72
N HIS F 136 7.00 4.22 45.59
CA HIS F 136 6.52 4.37 46.99
C HIS F 136 7.21 5.55 47.67
N GLU F 137 8.45 5.78 47.33
CA GLU F 137 9.25 6.92 47.83
C GLU F 137 8.54 8.26 47.53
N HIS F 138 7.73 8.33 46.48
CA HIS F 138 7.07 9.58 46.10
C HIS F 138 5.55 9.52 46.35
N ALA F 139 5.12 8.67 47.25
CA ALA F 139 3.69 8.45 47.51
C ALA F 139 3.04 9.69 48.12
N ASN F 140 3.83 10.59 48.71
CA ASN F 140 3.37 11.85 49.31
C ASN F 140 2.66 12.74 48.27
N PHE F 141 2.91 12.51 46.97
CA PHE F 141 2.25 13.28 45.93
C PHE F 141 0.75 12.95 45.87
N VAL F 142 0.36 11.75 46.33
CA VAL F 142 -1.00 11.30 46.14
C VAL F 142 -1.66 10.98 47.49
N GLU F 143 -0.95 10.29 48.39
CA GLU F 143 -1.59 9.65 49.55
C GLU F 143 -2.34 10.65 50.43
N PRO F 144 -1.71 11.79 50.75
CA PRO F 144 -2.31 12.84 51.55
C PRO F 144 -3.73 13.23 51.09
N PHE F 145 -3.93 13.32 49.77
CA PHE F 145 -5.20 13.81 49.25
C PHE F 145 -6.29 12.76 49.36
N LEU F 146 -5.92 11.51 49.60
CA LEU F 146 -6.89 10.42 49.75
C LEU F 146 -7.32 10.27 51.21
N ALA F 147 -6.75 11.07 52.11
CA ALA F 147 -7.01 10.97 53.53
C ALA F 147 -8.51 10.93 53.86
N ASN F 148 -9.33 11.89 53.43
CA ASN F 148 -10.72 11.93 53.94
C ASN F 148 -11.67 11.18 52.99
N THR F 149 -11.12 10.48 51.99
CA THR F 149 -11.91 10.00 50.85
C THR F 149 -12.26 8.53 51.00
N ASP F 150 -13.08 8.04 50.06
CA ASP F 150 -13.41 6.64 49.97
C ASP F 150 -12.60 5.97 48.85
N ILE F 151 -11.41 6.49 48.58
CA ILE F 151 -10.60 5.99 47.49
C ILE F 151 -9.32 5.39 48.07
N ALA F 152 -9.14 4.09 47.82
CA ALA F 152 -7.97 3.36 48.26
C ALA F 152 -6.85 3.49 47.23
N LEU F 153 -5.64 3.76 47.68
CA LEU F 153 -4.49 3.72 46.82
C LEU F 153 -3.93 2.30 46.84
N ILE F 154 -4.01 1.60 45.71
CA ILE F 154 -3.55 0.24 45.62
C ILE F 154 -2.05 0.21 45.33
N PRO F 155 -1.28 -0.49 46.17
CA PRO F 155 0.14 -0.60 45.99
C PRO F 155 0.52 -1.78 45.10
N LEU F 156 1.50 -1.55 44.24
CA LEU F 156 2.09 -2.62 43.46
C LEU F 156 3.27 -3.18 44.23
N VAL F 157 3.23 -4.48 44.48
CA VAL F 157 4.24 -5.10 45.26
C VAL F 157 4.93 -6.17 44.41
N SER F 158 6.24 -6.03 44.31
CA SER F 158 7.06 -6.94 43.55
C SER F 158 7.26 -8.25 44.32
N LEU F 159 7.07 -9.37 43.65
CA LEU F 159 7.29 -10.67 44.27
C LEU F 159 8.77 -11.01 44.44
N THR F 160 9.65 -10.32 43.73
CA THR F 160 11.07 -10.67 43.73
C THR F 160 11.78 -9.99 44.90
N THR F 161 11.18 -8.91 45.45
CA THR F 161 11.84 -8.20 46.54
C THR F 161 11.62 -8.95 47.87
N GLY F 162 12.48 -8.69 48.83
CA GLY F 162 12.40 -9.33 50.14
C GLY F 162 11.10 -9.02 50.85
N ILE F 163 10.65 -9.97 51.67
CA ILE F 163 9.34 -9.89 52.34
C ILE F 163 9.34 -8.79 53.40
N GLU F 164 10.46 -8.49 54.03
CA GLU F 164 10.52 -7.40 54.99
C GLU F 164 10.21 -6.06 54.31
N ARG F 165 10.72 -5.90 53.10
CA ARG F 165 10.46 -4.68 52.32
C ARG F 165 8.98 -4.63 51.92
N GLN F 166 8.40 -5.78 51.62
CA GLN F 166 7.01 -5.82 51.18
C GLN F 166 6.11 -5.45 52.35
N LYS F 167 6.48 -5.79 53.58
CA LYS F 167 5.71 -5.41 54.78
C LYS F 167 5.60 -3.90 54.89
N GLU F 168 6.67 -3.21 54.57
CA GLU F 168 6.72 -1.75 54.62
C GLU F 168 5.76 -1.17 53.58
N LEU F 169 5.77 -1.76 52.39
CA LEU F 169 4.94 -1.31 51.28
C LEU F 169 3.46 -1.47 51.64
N ILE F 170 3.13 -2.58 52.31
CA ILE F 170 1.75 -2.94 52.47
C ILE F 170 1.24 -2.43 53.82
N GLU F 171 2.07 -1.84 54.67
CA GLU F 171 1.62 -1.28 55.94
C GLU F 171 0.59 -0.17 55.68
N GLY F 172 -0.60 -0.33 56.25
CA GLY F 172 -1.69 0.64 56.08
C GLY F 172 -2.36 0.54 54.72
N ALA F 173 -2.08 -0.50 53.94
CA ALA F 173 -2.61 -0.62 52.59
C ALA F 173 -4.11 -0.87 52.64
N GLU F 174 -4.80 -0.33 51.64
CA GLU F 174 -6.24 -0.47 51.54
C GLU F 174 -6.61 -0.98 50.14
N GLY F 175 -7.83 -1.46 50.01
CA GLY F 175 -8.35 -1.93 48.76
C GLY F 175 -7.91 -3.37 48.52
N PHE F 176 -6.73 -3.50 47.92
CA PHE F 176 -6.11 -4.80 47.72
C PHE F 176 -4.64 -4.60 47.40
N ILE F 177 -3.91 -5.70 47.30
CA ILE F 177 -2.52 -5.65 46.94
C ILE F 177 -2.35 -6.24 45.54
N TYR F 178 -1.68 -5.50 44.70
CA TYR F 178 -1.42 -5.90 43.33
C TYR F 178 -0.05 -6.55 43.27
N ALA F 179 -0.02 -7.88 43.19
CA ALA F 179 1.24 -8.58 43.17
C ALA F 179 1.76 -8.64 41.73
N VAL F 180 3.00 -8.22 41.53
CA VAL F 180 3.55 -8.15 40.21
C VAL F 180 4.89 -8.90 40.18
N ALA F 181 5.18 -9.42 39.02
CA ALA F 181 6.36 -10.20 38.75
C ALA F 181 6.74 -9.88 37.31
N ILE F 182 8.02 -9.79 36.99
CA ILE F 182 8.43 -9.15 35.72
C ILE F 182 8.26 -10.11 34.52
N ALA F 194 8.50 -20.15 39.02
CA ALA F 194 9.72 -20.11 39.81
C ALA F 194 9.38 -20.06 41.31
N ASP F 195 10.14 -19.25 42.06
CA ASP F 195 9.97 -19.12 43.51
C ASP F 195 8.98 -17.99 43.84
N LEU F 196 8.16 -17.61 42.87
CA LEU F 196 7.05 -16.69 43.07
C LEU F 196 6.06 -17.27 44.09
N ASP F 197 5.79 -18.57 44.01
CA ASP F 197 4.81 -19.20 44.85
C ASP F 197 5.19 -19.02 46.32
N LYS F 198 6.45 -19.18 46.66
CA LYS F 198 6.90 -18.97 48.05
C LYS F 198 6.61 -17.53 48.48
N HIS F 199 7.00 -16.57 47.65
CA HIS F 199 6.85 -15.14 48.01
C HIS F 199 5.37 -14.76 48.04
N LEU F 200 4.59 -15.34 47.18
CA LEU F 200 3.16 -15.06 47.10
C LEU F 200 2.52 -15.52 48.41
N ALA F 201 2.84 -16.74 48.83
CA ALA F 201 2.34 -17.32 50.05
C ALA F 201 2.77 -16.47 51.25
N GLN F 202 4.02 -16.01 51.27
CA GLN F 202 4.50 -15.19 52.39
C GLN F 202 3.68 -13.87 52.45
N LEU F 203 3.54 -13.26 51.29
CA LEU F 203 2.80 -12.01 51.17
C LEU F 203 1.34 -12.22 51.58
N HIS F 204 0.80 -13.33 51.18
CA HIS F 204 -0.60 -13.71 51.43
C HIS F 204 -0.87 -13.74 52.93
N GLN F 205 0.03 -14.38 53.69
CA GLN F 205 -0.19 -14.53 55.14
C GLN F 205 -0.04 -13.16 55.80
N VAL F 206 0.91 -12.37 55.35
CA VAL F 206 1.28 -11.10 56.00
C VAL F 206 0.23 -10.02 55.72
N ALA F 207 -0.49 -10.13 54.61
CA ALA F 207 -1.38 -9.06 54.17
C ALA F 207 -2.68 -9.10 54.97
N ASP F 208 -3.16 -7.92 55.33
CA ASP F 208 -4.43 -7.73 56.03
C ASP F 208 -5.58 -7.62 54.99
N ILE F 209 -5.23 -7.44 53.71
CA ILE F 209 -6.19 -7.28 52.68
C ILE F 209 -5.89 -8.29 51.57
N PRO F 210 -6.82 -8.39 50.61
CA PRO F 210 -6.71 -9.42 49.59
C PRO F 210 -5.51 -9.15 48.67
N VAL F 211 -4.91 -10.22 48.19
CA VAL F 211 -3.78 -10.15 47.27
C VAL F 211 -4.23 -10.65 45.91
N LEU F 212 -4.08 -9.81 44.90
CA LEU F 212 -4.51 -10.16 43.55
C LEU F 212 -3.30 -10.29 42.64
N THR F 213 -3.46 -11.23 41.73
CA THR F 213 -2.50 -11.54 40.70
C THR F 213 -2.84 -10.72 39.45
N GLY F 214 -1.82 -10.15 38.82
CA GLY F 214 -2.06 -9.45 37.56
C GLY F 214 -1.33 -10.08 36.38
N PHE F 215 -1.03 -11.35 36.45
CA PHE F 215 -0.28 -11.98 35.37
C PHE F 215 -1.23 -12.28 34.23
N GLY F 216 -0.66 -12.58 33.09
CA GLY F 216 -1.39 -12.87 31.87
C GLY F 216 -2.36 -14.02 32.06
N VAL F 217 -3.64 -13.69 32.12
CA VAL F 217 -4.70 -14.69 32.14
C VAL F 217 -5.38 -14.66 30.77
N SER F 218 -5.21 -15.75 30.04
CA SER F 218 -5.88 -15.88 28.75
C SER F 218 -6.79 -17.12 28.70
N SER F 219 -6.81 -17.94 29.75
CA SER F 219 -7.65 -19.14 29.73
C SER F 219 -8.13 -19.48 31.15
N GLN F 220 -9.08 -20.40 31.21
CA GLN F 220 -9.60 -20.86 32.48
C GLN F 220 -8.49 -21.54 33.26
N ALA F 221 -7.60 -22.23 32.58
CA ALA F 221 -6.47 -22.89 33.21
C ALA F 221 -5.56 -21.84 33.88
N ASP F 222 -5.31 -20.74 33.20
CA ASP F 222 -4.51 -19.68 33.77
C ASP F 222 -5.17 -19.19 35.05
N LEU F 223 -6.47 -18.99 34.96
CA LEU F 223 -7.24 -18.40 36.03
C LEU F 223 -7.19 -19.28 37.29
N GLU F 224 -7.35 -20.58 37.11
CA GLU F 224 -7.40 -21.50 38.24
C GLU F 224 -6.01 -21.60 38.88
N ARG F 225 -4.96 -21.59 38.07
CA ARG F 225 -3.60 -21.69 38.56
C ARG F 225 -3.30 -20.57 39.56
N PHE F 226 -3.64 -19.35 39.19
CA PHE F 226 -3.26 -18.19 39.97
C PHE F 226 -4.16 -18.06 41.22
N ASN F 227 -5.41 -18.50 41.09
CA ASN F 227 -6.35 -18.47 42.20
C ASN F 227 -5.93 -19.46 43.30
N ALA F 228 -5.12 -20.46 42.95
CA ALA F 228 -4.62 -21.41 43.94
C ALA F 228 -3.65 -20.73 44.91
N VAL F 229 -2.99 -19.63 44.47
CA VAL F 229 -1.96 -19.04 45.34
C VAL F 229 -2.28 -17.56 45.64
N SER F 230 -3.48 -17.11 45.32
CA SER F 230 -3.86 -15.75 45.59
C SER F 230 -5.36 -15.65 45.85
N ASP F 231 -5.81 -14.43 46.12
CA ASP F 231 -7.21 -14.24 46.43
C ASP F 231 -8.02 -13.95 45.15
N GLY F 232 -7.34 -13.74 44.04
CA GLY F 232 -8.02 -13.43 42.80
C GLY F 232 -7.05 -12.94 41.73
N VAL F 233 -7.65 -12.51 40.62
CA VAL F 233 -6.90 -12.12 39.44
C VAL F 233 -7.50 -10.83 38.87
N ILE F 234 -6.64 -10.15 38.15
CA ILE F 234 -7.00 -9.05 37.30
C ILE F 234 -6.73 -9.46 35.85
N VAL F 235 -7.72 -9.22 35.00
CA VAL F 235 -7.61 -9.63 33.62
C VAL F 235 -7.82 -8.41 32.73
N GLY F 236 -6.78 -8.10 31.95
CA GLY F 236 -6.82 -6.92 31.07
C GLY F 236 -6.87 -7.30 29.59
N SER F 237 -5.74 -7.72 29.03
CA SER F 237 -5.58 -7.87 27.58
C SER F 237 -6.73 -8.67 26.98
N LYS F 238 -7.05 -9.79 27.60
CA LYS F 238 -7.99 -10.71 27.05
C LYS F 238 -9.35 -10.04 26.88
N ILE F 239 -9.75 -9.23 27.86
CA ILE F 239 -11.05 -8.62 27.88
C ILE F 239 -11.07 -7.46 26.89
N VAL F 240 -10.02 -6.66 26.90
CA VAL F 240 -9.96 -5.50 26.03
C VAL F 240 -10.01 -5.95 24.57
N LYS F 241 -9.25 -6.99 24.25
CA LYS F 241 -9.17 -7.50 22.90
C LYS F 241 -10.53 -8.05 22.49
N ALA F 242 -11.16 -8.81 23.39
CA ALA F 242 -12.43 -9.46 23.08
C ALA F 242 -13.51 -8.40 22.85
N LEU F 243 -13.56 -7.39 23.70
CA LEU F 243 -14.57 -6.36 23.55
C LEU F 243 -14.38 -5.64 22.21
N HIS F 244 -13.13 -5.36 21.86
CA HIS F 244 -12.86 -4.61 20.64
C HIS F 244 -13.19 -5.44 19.42
N GLN F 245 -12.80 -6.70 19.44
CA GLN F 245 -12.91 -7.56 18.27
C GLN F 245 -14.27 -8.24 18.22
N GLY F 246 -15.10 -8.08 19.26
CA GLY F 246 -16.37 -8.79 19.30
C GLY F 246 -16.21 -10.32 19.45
N GLU F 247 -15.12 -10.76 20.07
CA GLU F 247 -15.01 -12.16 20.50
C GLU F 247 -15.92 -12.39 21.73
N PRO F 248 -16.37 -13.64 21.94
CA PRO F 248 -17.21 -13.96 23.08
C PRO F 248 -16.42 -13.89 24.39
N ILE F 249 -16.96 -13.22 25.40
CA ILE F 249 -16.24 -13.05 26.65
C ILE F 249 -17.16 -13.35 27.84
N GLN F 250 -18.46 -13.43 27.63
CA GLN F 250 -19.42 -13.57 28.72
C GLN F 250 -19.17 -14.87 29.49
N ASP F 251 -18.97 -15.95 28.75
CA ASP F 251 -18.84 -17.29 29.37
C ASP F 251 -17.57 -17.30 30.21
N PHE F 252 -16.49 -16.74 29.69
CA PHE F 252 -15.24 -16.70 30.44
C PHE F 252 -15.44 -15.97 31.78
N ILE F 253 -16.13 -14.85 31.75
CA ILE F 253 -16.29 -14.03 32.94
C ILE F 253 -17.22 -14.76 33.92
N ARG F 254 -18.33 -15.30 33.41
CA ARG F 254 -19.26 -16.05 34.25
C ARG F 254 -18.51 -17.14 35.02
N GLN F 255 -17.73 -17.93 34.30
CA GLN F 255 -17.01 -19.03 34.88
C GLN F 255 -15.98 -18.52 35.90
N ALA F 256 -15.31 -17.43 35.55
CA ALA F 256 -14.27 -16.86 36.42
C ALA F 256 -14.88 -16.39 37.75
N VAL F 257 -16.01 -15.72 37.67
CA VAL F 257 -16.67 -15.17 38.87
C VAL F 257 -17.10 -16.33 39.77
N ALA F 258 -17.47 -17.46 39.18
CA ALA F 258 -18.03 -18.61 39.88
C ALA F 258 -16.94 -19.48 40.51
N TYR F 259 -15.66 -19.08 40.43
CA TYR F 259 -14.58 -19.90 40.99
C TYR F 259 -14.82 -20.15 42.48
N GLN F 260 -14.70 -21.44 42.87
CA GLN F 260 -14.80 -21.81 44.29
C GLN F 260 -13.46 -22.35 44.84
N LYS F 261 -13.07 -21.76 45.97
CA LYS F 261 -11.87 -22.16 46.71
C LYS F 261 -12.05 -23.64 47.07
N ALA G 3 1.68 -56.31 31.61
CA ALA G 3 2.37 -55.93 30.33
C ALA G 3 1.43 -55.16 29.38
N PRO G 5 -0.60 -53.58 26.67
CA PRO G 5 -0.35 -52.67 25.59
C PRO G 5 -1.28 -51.43 25.67
N LYS G 6 -0.92 -50.44 24.87
CA LYS G 6 -1.46 -49.12 24.95
C LYS G 6 -2.86 -49.06 24.33
N THR G 7 -3.73 -48.31 24.97
CA THR G 7 -5.14 -48.27 24.64
C THR G 7 -5.35 -47.79 23.19
N LEU G 8 -4.49 -46.91 22.68
CA LEU G 8 -4.64 -46.38 21.33
C LEU G 8 -4.60 -47.52 20.29
N THR G 9 -3.65 -48.45 20.46
CA THR G 9 -3.56 -49.58 19.55
C THR G 9 -4.84 -50.39 19.57
N GLU G 10 -5.35 -50.66 20.76
CA GLU G 10 -6.56 -51.48 20.90
C GLU G 10 -7.74 -50.80 20.20
N LYS G 11 -7.90 -49.50 20.42
CA LYS G 11 -9.08 -48.83 19.92
C LYS G 11 -9.05 -48.81 18.37
N LEU G 12 -7.88 -48.60 17.80
CA LEU G 12 -7.75 -48.52 16.34
C LEU G 12 -7.88 -49.94 15.74
N ASN G 13 -7.26 -50.93 16.38
CA ASN G 13 -7.41 -52.33 15.94
C ASN G 13 -8.89 -52.73 15.89
N ALA G 14 -9.68 -52.28 16.86
CA ALA G 14 -11.12 -52.62 16.92
C ALA G 14 -11.85 -52.04 15.70
N ILE G 15 -11.50 -50.83 15.31
CA ILE G 15 -12.16 -50.20 14.16
C ILE G 15 -11.77 -50.96 12.89
N LYS G 16 -10.49 -51.29 12.78
CA LYS G 16 -9.99 -52.05 11.66
C LYS G 16 -10.66 -53.43 11.60
N ALA G 17 -10.72 -54.11 12.75
CA ALA G 17 -11.33 -55.44 12.84
C ALA G 17 -12.80 -55.40 12.42
N ALA G 18 -13.47 -54.27 12.64
CA ALA G 18 -14.88 -54.10 12.26
C ALA G 18 -15.00 -53.78 10.76
N GLY G 19 -13.88 -53.70 10.05
CA GLY G 19 -13.88 -53.43 8.60
C GLY G 19 -14.15 -51.97 8.29
N LYS G 20 -13.93 -51.08 9.25
CA LYS G 20 -14.17 -49.66 9.03
C LYS G 20 -12.82 -48.95 8.87
N GLY G 21 -12.81 -47.89 8.07
CA GLY G 21 -11.62 -47.07 7.93
C GLY G 21 -11.39 -46.18 9.14
N ILE G 22 -10.13 -46.06 9.53
CA ILE G 22 -9.76 -45.19 10.63
C ILE G 22 -9.71 -43.76 10.11
N PHE G 23 -10.28 -42.84 10.87
CA PHE G 23 -10.31 -41.46 10.48
C PHE G 23 -9.86 -40.59 11.66
N VAL G 24 -8.78 -39.84 11.46
CA VAL G 24 -8.19 -39.01 12.52
C VAL G 24 -8.08 -37.57 12.04
N PRO G 25 -8.95 -36.69 12.55
CA PRO G 25 -8.79 -35.28 12.31
C PRO G 25 -7.67 -34.67 13.17
N TYR G 26 -7.03 -33.64 12.64
CA TYR G 26 -6.08 -32.81 13.37
C TYR G 26 -6.69 -31.44 13.66
N ILE G 27 -6.54 -30.97 14.89
CA ILE G 27 -6.91 -29.60 15.25
C ILE G 27 -5.74 -28.93 15.96
N ALA G 29 -4.69 -26.88 19.02
CA ALA G 29 -5.16 -26.47 20.33
C ALA G 29 -5.05 -24.95 20.43
N GLY G 30 -6.13 -24.31 20.86
CA GLY G 30 -6.12 -22.86 21.04
C GLY G 30 -6.62 -22.10 19.83
N ASP G 31 -6.78 -22.76 18.67
CA ASP G 31 -7.32 -22.06 17.46
C ASP G 31 -8.84 -22.13 17.51
N HIS G 32 -9.42 -21.16 18.20
CA HIS G 32 -10.82 -21.11 18.48
C HIS G 32 -11.18 -19.70 18.94
N GLU G 33 -12.43 -19.30 18.76
CA GLU G 33 -12.91 -18.00 19.25
C GLU G 33 -12.55 -17.82 20.74
N LYS G 34 -12.63 -18.90 21.52
CA LYS G 34 -12.43 -18.87 22.97
C LYS G 34 -11.04 -19.38 23.35
N GLY G 35 -10.14 -19.54 22.37
CA GLY G 35 -8.81 -20.06 22.64
C GLY G 35 -8.88 -21.47 23.22
N LEU G 36 -8.06 -21.74 24.23
CA LEU G 36 -8.01 -23.07 24.82
C LEU G 36 -9.34 -23.44 25.44
N ASP G 37 -10.15 -22.45 25.81
CA ASP G 37 -11.45 -22.75 26.44
C ASP G 37 -12.41 -23.32 25.39
N GLY G 38 -12.06 -23.24 24.12
CA GLY G 38 -12.90 -23.81 23.07
C GLY G 38 -12.50 -25.24 22.71
N LEU G 39 -11.43 -25.76 23.32
CA LEU G 39 -10.88 -27.06 22.92
C LEU G 39 -11.87 -28.19 23.22
N ALA G 40 -12.46 -28.19 24.40
CA ALA G 40 -13.43 -29.23 24.77
C ALA G 40 -14.57 -29.30 23.75
N GLU G 41 -15.06 -28.12 23.39
CA GLU G 41 -16.17 -28.00 22.47
C GLU G 41 -15.81 -28.63 21.14
N THR G 42 -14.60 -28.34 20.66
CA THR G 42 -14.16 -28.86 19.37
C THR G 42 -14.03 -30.39 19.46
N ILE G 43 -13.47 -30.89 20.56
CA ILE G 43 -13.24 -32.33 20.71
C ILE G 43 -14.59 -33.06 20.75
N HIS G 44 -15.55 -32.50 21.48
CA HIS G 44 -16.85 -33.13 21.62
C HIS G 44 -17.60 -33.09 20.27
N PHE G 45 -17.40 -32.01 19.53
CA PHE G 45 -17.98 -31.90 18.20
C PHE G 45 -17.50 -33.04 17.31
N LEU G 46 -16.22 -33.35 17.39
CA LEU G 46 -15.61 -34.40 16.57
C LEU G 46 -16.00 -35.78 17.11
N GLU G 47 -16.10 -35.91 18.43
CA GLU G 47 -16.54 -37.16 19.06
C GLU G 47 -17.96 -37.54 18.58
N ASP G 48 -18.85 -36.54 18.49
CA ASP G 48 -20.22 -36.75 18.04
C ASP G 48 -20.24 -37.31 16.61
N LEU G 49 -19.21 -37.05 15.83
CA LEU G 49 -19.18 -37.54 14.44
C LEU G 49 -18.50 -38.91 14.38
N GLY G 50 -18.02 -39.43 15.51
CA GLY G 50 -17.51 -40.81 15.59
C GLY G 50 -16.13 -40.97 14.97
N VAL G 51 -15.26 -39.98 15.16
CA VAL G 51 -13.89 -40.09 14.66
C VAL G 51 -13.12 -41.10 15.51
N SER G 52 -12.06 -41.66 14.94
CA SER G 52 -11.33 -42.76 15.54
C SER G 52 -10.42 -42.24 16.65
N ALA G 53 -9.77 -41.12 16.38
CA ALA G 53 -8.90 -40.45 17.35
C ALA G 53 -8.77 -39.00 16.91
N ILE G 54 -8.22 -38.15 17.78
CA ILE G 54 -8.02 -36.75 17.43
C ILE G 54 -6.57 -36.36 17.70
N GLU G 55 -5.94 -35.84 16.68
CA GLU G 55 -4.63 -35.25 16.75
C GLU G 55 -4.75 -33.80 17.23
N VAL G 56 -4.09 -33.48 18.34
CA VAL G 56 -4.20 -32.15 18.94
C VAL G 56 -2.82 -31.47 18.87
N GLY G 57 -2.73 -30.44 18.04
CA GLY G 57 -1.46 -29.78 17.81
C GLY G 57 -1.15 -28.75 18.89
N ILE G 58 0.13 -28.63 19.22
CA ILE G 58 0.63 -27.62 20.12
C ILE G 58 1.29 -26.52 19.29
N PRO G 59 0.91 -25.26 19.49
CA PRO G 59 1.54 -24.20 18.74
C PRO G 59 3.00 -24.04 19.14
N PHE G 60 3.85 -23.69 18.19
CA PHE G 60 5.26 -23.47 18.49
C PHE G 60 5.50 -22.00 18.83
N SER G 61 6.00 -21.70 20.01
CA SER G 61 6.25 -20.32 20.39
C SER G 61 7.76 -20.09 20.41
N ASP G 62 8.20 -19.03 19.77
CA ASP G 62 9.63 -18.87 19.66
CA ASP G 62 9.59 -18.73 19.64
C ASP G 62 10.14 -18.26 20.97
N PRO G 63 11.38 -18.62 21.29
CA PRO G 63 12.06 -18.24 22.51
C PRO G 63 12.89 -16.96 22.37
N VAL G 64 12.92 -16.38 21.17
CA VAL G 64 13.87 -15.30 20.89
C VAL G 64 13.42 -14.06 21.68
N ALA G 65 14.33 -13.50 22.46
CA ALA G 65 14.01 -12.38 23.35
C ALA G 65 15.17 -11.40 23.34
N ASP G 66 15.84 -11.26 22.21
CA ASP G 66 17.12 -10.52 22.18
C ASP G 66 16.88 -9.02 21.97
N GLY G 67 15.67 -8.63 21.54
CA GLY G 67 15.38 -7.21 21.23
C GLY G 67 15.42 -6.95 19.73
N PRO G 68 14.88 -5.81 19.30
CA PRO G 68 14.63 -5.57 17.85
C PRO G 68 15.92 -5.56 17.01
N VAL G 69 16.96 -4.91 17.48
CA VAL G 69 18.19 -4.76 16.71
C VAL G 69 18.76 -6.15 16.37
N ILE G 70 18.84 -7.00 17.37
CA ILE G 70 19.46 -8.30 17.22
C ILE G 70 18.47 -9.25 16.50
N GLU G 71 17.19 -9.11 16.76
CA GLU G 71 16.17 -9.88 16.04
C GLU G 71 16.31 -9.63 14.53
N GLU G 72 16.43 -8.36 14.15
CA GLU G 72 16.57 -7.99 12.73
C GLU G 72 17.89 -8.56 12.18
N ALA G 73 18.95 -8.51 12.98
CA ALA G 73 20.25 -9.02 12.54
C ALA G 73 20.16 -10.52 12.24
N GLY G 74 19.40 -11.25 13.06
CA GLY G 74 19.17 -12.67 12.83
C GLY G 74 18.46 -12.92 11.51
N LEU G 75 17.47 -12.12 11.20
CA LEU G 75 16.73 -12.27 9.96
C LEU G 75 17.64 -11.96 8.76
N ARG G 76 18.49 -10.96 8.89
CA ARG G 76 19.43 -10.64 7.81
C ARG G 76 20.38 -11.83 7.62
N SER G 77 20.85 -12.40 8.73
CA SER G 77 21.78 -13.51 8.68
C SER G 77 21.15 -14.72 7.99
N LEU G 78 19.89 -15.00 8.33
CA LEU G 78 19.22 -16.14 7.72
C LEU G 78 19.01 -15.87 6.23
N ALA G 79 18.77 -14.62 5.86
CA ALA G 79 18.53 -14.26 4.45
C ALA G 79 19.82 -14.38 3.64
N HIS G 80 20.97 -14.37 4.31
CA HIS G 80 22.25 -14.63 3.65
C HIS G 80 22.54 -16.14 3.60
N GLY G 81 21.63 -16.99 4.06
CA GLY G 81 21.79 -18.43 3.94
C GLY G 81 22.63 -19.02 5.07
N THR G 82 22.73 -18.29 6.17
CA THR G 82 23.47 -18.80 7.33
C THR G 82 22.82 -20.08 7.85
N SER G 83 23.63 -21.10 8.09
CA SER G 83 23.17 -22.30 8.79
C SER G 83 24.13 -22.63 9.93
N THR G 84 23.68 -23.41 10.89
CA THR G 84 24.54 -23.86 11.98
C THR G 84 25.74 -24.61 11.39
N GLN G 85 25.48 -25.50 10.44
CA GLN G 85 26.54 -26.35 9.88
C GLN G 85 27.59 -25.46 9.22
N ALA G 86 27.15 -24.48 8.44
CA ALA G 86 28.06 -23.59 7.73
C ALA G 86 28.83 -22.71 8.71
N LEU G 87 28.20 -22.34 9.82
CA LEU G 87 28.89 -21.53 10.84
C LEU G 87 30.04 -22.35 11.45
N VAL G 88 29.75 -23.59 11.81
CA VAL G 88 30.76 -24.44 12.41
C VAL G 88 31.95 -24.57 11.45
N GLU G 89 31.65 -24.85 10.18
CA GLU G 89 32.71 -25.05 9.18
C GLU G 89 33.51 -23.75 9.02
N THR G 90 32.83 -22.62 8.97
CA THR G 90 33.51 -21.33 8.84
C THR G 90 34.44 -21.11 10.05
N LEU G 91 33.98 -21.49 11.23
CA LEU G 91 34.75 -21.23 12.45
C LEU G 91 36.06 -22.05 12.45
N LYS G 92 36.06 -23.21 11.83
CA LYS G 92 37.27 -24.02 11.76
C LYS G 92 38.34 -23.30 10.93
N THR G 93 37.89 -22.47 10.01
CA THR G 93 38.73 -21.68 9.12
C THR G 93 39.45 -20.56 9.89
N ILE G 94 38.84 -20.06 10.97
CA ILE G 94 39.23 -18.76 11.50
C ILE G 94 40.28 -18.96 12.59
N GLU G 95 41.39 -18.24 12.46
CA GLU G 95 42.42 -18.25 13.47
C GLU G 95 42.42 -16.91 14.21
N THR G 96 42.34 -16.99 15.53
CA THR G 96 42.37 -15.82 16.38
C THR G 96 42.80 -16.22 17.80
N GLU G 97 43.48 -15.29 18.46
CA GLU G 97 43.93 -15.50 19.83
C GLU G 97 42.79 -15.15 20.80
N ILE G 98 41.78 -14.45 20.30
CA ILE G 98 40.64 -14.04 21.10
C ILE G 98 39.73 -15.25 21.31
N PRO G 99 39.35 -15.54 22.56
CA PRO G 99 38.39 -16.61 22.78
C PRO G 99 36.98 -16.23 22.29
N LEU G 100 36.32 -17.17 21.62
CA LEU G 100 34.97 -16.97 21.11
C LEU G 100 33.97 -17.69 22.00
N VAL G 101 32.84 -17.04 22.25
CA VAL G 101 31.76 -17.61 23.02
C VAL G 101 30.53 -17.72 22.12
N ILE G 102 30.05 -18.93 21.90
CA ILE G 102 28.88 -19.15 21.10
C ILE G 102 27.63 -18.88 21.94
N THR G 104 23.64 -19.34 21.59
CA THR G 104 22.59 -19.92 20.79
C THR G 104 21.48 -20.44 21.69
N TYR G 105 20.28 -20.48 21.13
CA TYR G 105 19.18 -21.13 21.77
C TYR G 105 19.35 -22.64 21.58
N PHE G 106 18.61 -23.39 22.38
CA PHE G 106 18.81 -24.80 22.45
C PHE G 106 18.40 -25.49 21.15
N ASN G 107 17.36 -25.03 20.47
CA ASN G 107 16.78 -25.83 19.38
C ASN G 107 17.82 -26.06 18.26
N PRO G 108 18.53 -25.01 17.83
CA PRO G 108 19.53 -25.22 16.76
C PRO G 108 20.60 -26.24 17.16
N LEU G 109 20.95 -26.22 18.41
CA LEU G 109 21.91 -27.13 18.99
C LEU G 109 21.37 -28.56 18.97
N PHE G 110 20.12 -28.68 19.38
CA PHE G 110 19.45 -29.95 19.42
C PHE G 110 19.35 -30.55 18.01
N GLN G 111 19.02 -29.72 17.02
CA GLN G 111 18.87 -30.19 15.64
C GLN G 111 20.22 -30.67 15.11
N TYR G 112 21.28 -29.94 15.43
CA TYR G 112 22.61 -30.27 14.97
C TYR G 112 23.11 -31.54 15.66
N GLY G 113 22.71 -31.72 16.91
CA GLY G 113 23.26 -32.74 17.77
C GLY G 113 24.29 -32.13 18.71
N VAL G 114 23.99 -32.17 20.01
CA VAL G 114 24.81 -31.48 20.97
C VAL G 114 26.25 -32.02 20.92
N GLU G 115 26.38 -33.35 20.96
CA GLU G 115 27.70 -33.95 21.01
C GLU G 115 28.49 -33.59 19.75
N ASN G 116 27.84 -33.73 18.61
CA ASN G 116 28.45 -33.37 17.33
C ASN G 116 28.96 -31.92 17.36
N PHE G 117 28.13 -31.03 17.88
CA PHE G 117 28.46 -29.61 17.88
C PHE G 117 29.75 -29.38 18.68
N VAL G 118 29.82 -30.00 19.84
CA VAL G 118 30.94 -29.79 20.72
C VAL G 118 32.21 -30.40 20.10
N LYS G 119 32.08 -31.62 19.58
CA LYS G 119 33.24 -32.29 18.99
C LYS G 119 33.71 -31.51 17.76
N ASP G 120 32.78 -31.02 16.94
CA ASP G 120 33.14 -30.32 15.72
C ASP G 120 33.84 -29.00 16.05
N LEU G 121 33.68 -28.45 17.25
CA LEU G 121 34.33 -27.19 17.60
C LEU G 121 35.61 -27.42 18.41
N ALA G 122 36.05 -28.67 18.53
CA ALA G 122 37.19 -29.00 19.37
C ALA G 122 38.43 -28.20 18.91
N ASP G 123 38.61 -28.02 17.61
CA ASP G 123 39.87 -27.47 17.15
C ASP G 123 39.73 -25.99 16.79
N THR G 124 38.69 -25.33 17.28
CA THR G 124 38.40 -23.95 16.92
C THR G 124 38.78 -22.99 18.05
N ALA G 125 38.51 -21.70 17.82
CA ALA G 125 38.75 -20.66 18.80
C ALA G 125 37.59 -20.57 19.80
N VAL G 126 36.63 -21.49 19.73
CA VAL G 126 35.46 -21.42 20.62
C VAL G 126 35.85 -21.93 22.01
N LYS G 127 35.62 -21.10 23.02
CA LYS G 127 36.02 -21.43 24.37
C LYS G 127 34.85 -21.33 25.35
N GLY G 128 33.67 -20.96 24.86
CA GLY G 128 32.55 -20.72 25.73
C GLY G 128 31.24 -20.94 25.02
N LEU G 129 30.20 -21.22 25.79
CA LEU G 129 28.91 -21.52 25.26
C LEU G 129 27.84 -20.93 26.18
N ILE G 130 26.91 -20.18 25.60
CA ILE G 130 25.77 -19.64 26.32
C ILE G 130 24.48 -20.16 25.69
N ILE G 131 23.59 -20.73 26.50
CA ILE G 131 22.33 -21.22 26.00
C ILE G 131 21.21 -20.63 26.85
N PRO G 132 20.70 -19.49 26.44
CA PRO G 132 19.77 -18.72 27.24
C PRO G 132 18.50 -19.46 27.64
N ASP G 133 18.02 -20.38 26.81
CA ASP G 133 16.73 -21.01 27.11
C ASP G 133 16.95 -22.44 27.60
N LEU G 134 18.17 -22.77 28.05
CA LEU G 134 18.38 -24.07 28.67
C LEU G 134 18.15 -23.99 30.18
N PRO G 135 17.10 -24.63 30.69
CA PRO G 135 16.81 -24.62 32.11
C PRO G 135 17.90 -25.35 32.91
N HIS G 136 18.22 -24.83 34.11
CA HIS G 136 19.26 -25.44 34.94
C HIS G 136 18.95 -26.91 35.20
N GLU G 137 17.66 -27.21 35.38
CA GLU G 137 17.23 -28.55 35.69
C GLU G 137 17.63 -29.53 34.57
N HIS G 138 17.84 -29.04 33.35
CA HIS G 138 18.13 -29.92 32.21
C HIS G 138 19.58 -29.72 31.73
N ALA G 139 20.48 -29.30 32.62
CA ALA G 139 21.88 -29.06 32.29
C ALA G 139 22.59 -30.33 31.80
N ASN G 140 22.08 -31.50 32.21
CA ASN G 140 22.69 -32.82 31.87
C ASN G 140 22.65 -33.05 30.34
N PHE G 141 21.80 -32.32 29.61
CA PHE G 141 21.74 -32.45 28.16
C PHE G 141 23.01 -31.88 27.51
N VAL G 142 23.71 -30.98 28.20
CA VAL G 142 24.89 -30.37 27.62
C VAL G 142 26.15 -30.68 28.44
N GLU G 143 26.07 -30.66 29.76
CA GLU G 143 27.29 -30.60 30.61
C GLU G 143 28.26 -31.77 30.33
N PRO G 144 27.73 -33.01 30.28
CA PRO G 144 28.53 -34.18 30.01
C PRO G 144 29.43 -34.05 28.78
N PHE G 145 28.93 -33.45 27.72
CA PHE G 145 29.67 -33.40 26.45
C PHE G 145 30.77 -32.36 26.51
N LEU G 146 30.72 -31.45 27.50
CA LEU G 146 31.76 -30.44 27.66
C LEU G 146 32.88 -30.93 28.60
N ALA G 147 32.73 -32.14 29.12
CA ALA G 147 33.60 -32.62 30.19
C ALA G 147 35.08 -32.54 29.79
N ASN G 148 35.47 -33.12 28.65
CA ASN G 148 36.92 -33.22 28.36
C ASN G 148 37.38 -32.03 27.49
N THR G 149 36.51 -31.02 27.31
CA THR G 149 36.73 -29.99 26.30
C THR G 149 37.30 -28.71 26.93
N ASP G 150 37.63 -27.77 26.07
CA ASP G 150 38.08 -26.45 26.47
C ASP G 150 36.95 -25.44 26.29
N ILE G 151 35.70 -25.90 26.44
CA ILE G 151 34.56 -25.02 26.27
C ILE G 151 33.83 -24.89 27.60
N ALA G 152 33.75 -23.66 28.08
CA ALA G 152 33.08 -23.35 29.32
C ALA G 152 31.59 -23.09 29.05
N LEU G 153 30.73 -23.69 29.86
CA LEU G 153 29.32 -23.37 29.79
C LEU G 153 29.03 -22.20 30.72
N ILE G 154 28.68 -21.05 30.15
CA ILE G 154 28.48 -19.85 30.92
C ILE G 154 27.06 -19.81 31.48
N PRO G 155 26.93 -19.64 32.80
CA PRO G 155 25.64 -19.56 33.43
C PRO G 155 25.09 -18.13 33.43
N LEU G 156 23.79 -18.01 33.11
CA LEU G 156 23.07 -16.78 33.24
C LEU G 156 22.47 -16.73 34.64
N VAL G 157 22.78 -15.68 35.36
CA VAL G 157 22.35 -15.57 36.72
C VAL G 157 21.50 -14.33 36.86
N SER G 158 20.27 -14.55 37.31
CA SER G 158 19.32 -13.49 37.52
C SER G 158 19.64 -12.76 38.82
N LEU G 159 19.67 -11.44 38.78
CA LEU G 159 19.96 -10.65 39.98
C LEU G 159 18.71 -10.53 40.86
N THR G 160 17.54 -10.84 40.33
CA THR G 160 16.29 -10.62 41.04
C THR G 160 15.98 -11.84 41.93
N THR G 161 16.64 -12.98 41.69
CA THR G 161 16.41 -14.14 42.54
C THR G 161 17.20 -14.01 43.86
N GLY G 162 16.76 -14.77 44.85
CA GLY G 162 17.45 -14.84 46.14
C GLY G 162 18.90 -15.28 46.02
N ILE G 163 19.72 -14.81 46.94
CA ILE G 163 21.19 -14.95 46.89
C ILE G 163 21.59 -16.41 47.08
N GLU G 164 20.89 -17.15 47.95
CA GLU G 164 21.29 -18.54 48.17
C GLU G 164 20.98 -19.35 46.91
N ARG G 165 19.88 -19.01 46.26
CA ARG G 165 19.50 -19.67 45.00
C ARG G 165 20.53 -19.35 43.91
N GLN G 166 21.04 -18.12 43.90
CA GLN G 166 21.99 -17.69 42.89
C GLN G 166 23.27 -18.55 43.02
N LYS G 167 23.68 -18.81 44.26
CA LYS G 167 24.91 -19.50 44.57
C LYS G 167 24.90 -20.91 43.99
N GLU G 168 23.75 -21.58 43.83
CA GLU G 168 23.72 -22.90 43.20
C GLU G 168 24.24 -22.84 41.75
N LEU G 169 23.76 -21.83 41.02
CA LEU G 169 24.19 -21.65 39.62
C LEU G 169 25.66 -21.29 39.57
N ILE G 170 26.11 -20.51 40.51
CA ILE G 170 27.45 -19.98 40.54
C ILE G 170 28.46 -21.12 40.80
N GLU G 171 28.08 -22.05 41.69
CA GLU G 171 28.96 -23.11 42.14
C GLU G 171 29.45 -23.95 40.94
N GLY G 172 30.77 -24.03 40.80
CA GLY G 172 31.40 -24.81 39.73
C GLY G 172 31.31 -24.15 38.36
N ALA G 173 30.95 -22.87 38.33
CA ALA G 173 30.87 -22.13 37.05
C ALA G 173 32.26 -21.95 36.45
N GLU G 174 32.31 -21.93 35.13
CA GLU G 174 33.56 -21.69 34.41
C GLU G 174 33.38 -20.57 33.38
N GLY G 175 34.50 -20.00 32.95
CA GLY G 175 34.50 -18.95 31.96
C GLY G 175 34.23 -17.60 32.60
N PHE G 176 32.96 -17.29 32.76
CA PHE G 176 32.53 -16.10 33.48
C PHE G 176 31.06 -16.27 33.85
N ILE G 177 30.57 -15.31 34.64
CA ILE G 177 29.18 -15.32 35.01
C ILE G 177 28.49 -14.15 34.30
N TYR G 178 27.37 -14.48 33.66
CA TYR G 178 26.58 -13.54 32.94
C TYR G 178 25.47 -13.03 33.86
N ALA G 179 25.62 -11.83 34.40
CA ALA G 179 24.63 -11.31 35.31
C ALA G 179 23.53 -10.62 34.51
N VAL G 180 22.30 -10.98 34.78
CA VAL G 180 21.17 -10.52 34.00
C VAL G 180 20.11 -9.97 34.95
N ALA G 181 19.26 -9.10 34.41
CA ALA G 181 18.16 -8.60 35.20
C ALA G 181 16.85 -8.96 34.50
N ILE G 182 16.04 -9.75 35.19
CA ILE G 182 14.94 -10.46 34.54
C ILE G 182 13.67 -9.69 34.89
N ASP G 195 17.40 0.35 44.17
CA ASP G 195 18.00 0.42 42.82
C ASP G 195 18.54 -0.95 42.43
N LEU G 196 18.52 -1.22 41.13
CA LEU G 196 18.87 -2.49 40.53
C LEU G 196 20.34 -2.85 40.84
N ASP G 197 21.22 -1.86 40.73
CA ASP G 197 22.62 -2.00 40.86
C ASP G 197 23.04 -2.62 42.18
N LYS G 198 22.29 -2.44 43.28
CA LYS G 198 22.68 -3.00 44.57
C LYS G 198 22.93 -4.51 44.47
N HIS G 199 22.02 -5.25 43.82
CA HIS G 199 22.11 -6.69 43.80
C HIS G 199 23.33 -7.18 43.00
N LEU G 200 23.71 -6.41 41.97
CA LEU G 200 24.84 -6.71 41.15
C LEU G 200 26.11 -6.76 42.01
N ALA G 201 26.30 -5.74 42.83
CA ALA G 201 27.46 -5.67 43.69
C ALA G 201 27.52 -6.87 44.65
N GLN G 202 26.38 -7.24 45.22
CA GLN G 202 26.34 -8.36 46.16
C GLN G 202 26.72 -9.65 45.43
N LEU G 203 26.14 -9.84 44.25
CA LEU G 203 26.44 -11.04 43.44
C LEU G 203 27.94 -11.07 43.09
N HIS G 204 28.45 -9.90 42.73
CA HIS G 204 29.82 -9.73 42.31
C HIS G 204 30.78 -10.25 43.39
N GLN G 205 30.53 -9.89 44.66
CA GLN G 205 31.41 -10.30 45.74
C GLN G 205 31.47 -11.83 45.88
N VAL G 206 30.34 -12.47 45.72
CA VAL G 206 30.11 -13.87 45.97
C VAL G 206 30.82 -14.77 44.93
N ALA G 207 31.06 -14.31 43.71
CA ALA G 207 31.50 -15.23 42.67
C ALA G 207 33.01 -15.48 42.73
N ASP G 208 33.42 -16.66 42.30
CA ASP G 208 34.83 -17.09 42.26
C ASP G 208 35.42 -16.88 40.87
N ILE G 209 34.60 -16.50 39.90
CA ILE G 209 35.13 -16.15 38.56
C ILE G 209 34.59 -14.77 38.18
N PRO G 210 35.01 -14.22 37.05
CA PRO G 210 34.63 -12.84 36.73
C PRO G 210 33.12 -12.74 36.44
N VAL G 211 32.54 -11.62 36.86
CA VAL G 211 31.13 -11.37 36.67
C VAL G 211 30.96 -10.24 35.65
N LEU G 212 30.23 -10.54 34.59
CA LEU G 212 30.05 -9.58 33.52
C LEU G 212 28.58 -9.14 33.49
N THR G 213 28.44 -7.86 33.22
CA THR G 213 27.18 -7.19 33.13
C THR G 213 26.71 -7.23 31.68
N GLY G 214 25.47 -7.60 31.45
CA GLY G 214 24.92 -7.65 30.11
C GLY G 214 23.77 -6.66 29.91
N PHE G 215 23.74 -5.58 30.67
CA PHE G 215 22.68 -4.61 30.48
C PHE G 215 23.01 -3.75 29.27
N GLY G 216 22.01 -3.00 28.85
CA GLY G 216 22.11 -2.04 27.78
C GLY G 216 23.25 -1.05 28.03
N VAL G 217 24.32 -1.23 27.29
CA VAL G 217 25.42 -0.26 27.26
C VAL G 217 25.36 0.43 25.90
N SER G 218 24.99 1.70 25.92
CA SER G 218 24.91 2.47 24.69
C SER G 218 25.82 3.72 24.75
N SER G 219 26.49 3.99 25.88
CA SER G 219 27.33 5.17 25.97
C SER G 219 28.51 4.90 26.91
N GLN G 220 29.47 5.81 26.90
CA GLN G 220 30.62 5.72 27.77
C GLN G 220 30.17 5.80 29.23
N ALA G 221 29.14 6.61 29.49
CA ALA G 221 28.60 6.75 30.81
C ALA G 221 28.03 5.41 31.29
N ASP G 222 27.31 4.71 30.42
CA ASP G 222 26.76 3.41 30.78
C ASP G 222 27.92 2.48 31.15
N LEU G 223 28.96 2.52 30.33
CA LEU G 223 30.05 1.60 30.44
C LEU G 223 30.77 1.78 31.78
N GLU G 224 31.01 3.02 32.16
CA GLU G 224 31.75 3.31 33.39
C GLU G 224 30.91 2.92 34.62
N ARG G 225 29.61 3.16 34.55
CA ARG G 225 28.70 2.86 35.64
C ARG G 225 28.77 1.36 36.00
N PHE G 226 28.70 0.52 34.99
CA PHE G 226 28.58 -0.93 35.21
C PHE G 226 29.95 -1.52 35.58
N ASN G 227 31.01 -0.91 35.08
CA ASN G 227 32.37 -1.36 35.40
C ASN G 227 32.69 -1.08 36.88
N ALA G 228 32.00 -0.13 37.48
CA ALA G 228 32.20 0.18 38.90
C ALA G 228 31.70 -0.99 39.77
N VAL G 229 30.76 -1.78 39.27
CA VAL G 229 30.09 -2.77 40.11
C VAL G 229 30.27 -4.18 39.51
N SER G 230 31.09 -4.33 38.48
CA SER G 230 31.31 -5.64 37.90
C SER G 230 32.71 -5.71 37.31
N ASP G 231 33.03 -6.86 36.75
CA ASP G 231 34.38 -7.06 36.24
C ASP G 231 34.43 -6.66 34.75
N GLY G 232 33.30 -6.34 34.16
CA GLY G 232 33.25 -5.99 32.75
C GLY G 232 31.83 -6.02 32.23
N VAL G 233 31.75 -5.82 30.90
CA VAL G 233 30.47 -5.66 30.23
C VAL G 233 30.46 -6.48 28.94
N ILE G 234 29.25 -6.81 28.57
CA ILE G 234 28.95 -7.40 27.30
C ILE G 234 28.08 -6.41 26.55
N VAL G 235 28.48 -6.12 25.29
CA VAL G 235 27.78 -5.12 24.52
C VAL G 235 27.29 -5.75 23.23
N GLY G 236 25.97 -5.75 23.07
CA GLY G 236 25.32 -6.40 21.92
C GLY G 236 24.72 -5.39 20.97
N SER G 237 23.53 -4.89 21.31
CA SER G 237 22.73 -4.05 20.40
C SER G 237 23.58 -2.94 19.79
N LYS G 238 24.35 -2.25 20.62
CA LYS G 238 25.06 -1.07 20.16
C LYS G 238 26.04 -1.45 19.04
N ILE G 239 26.70 -2.58 19.20
CA ILE G 239 27.72 -2.97 18.25
C ILE G 239 27.06 -3.50 16.97
N VAL G 240 26.04 -4.32 17.14
CA VAL G 240 25.38 -4.92 16.00
C VAL G 240 24.78 -3.82 15.12
N LYS G 241 24.14 -2.86 15.76
CA LYS G 241 23.49 -1.77 15.05
C LYS G 241 24.55 -0.93 14.33
N ALA G 242 25.64 -0.63 15.02
CA ALA G 242 26.68 0.22 14.46
C ALA G 242 27.34 -0.46 13.26
N LEU G 243 27.64 -1.76 13.38
CA LEU G 243 28.26 -2.47 12.28
C LEU G 243 27.32 -2.45 11.07
N HIS G 244 26.03 -2.67 11.31
CA HIS G 244 25.08 -2.79 10.22
C HIS G 244 24.87 -1.43 9.55
N GLN G 245 24.74 -0.39 10.37
CA GLN G 245 24.38 0.93 9.88
C GLN G 245 25.62 1.72 9.50
N GLY G 246 26.81 1.20 9.74
CA GLY G 246 28.03 1.97 9.44
C GLY G 246 28.22 3.19 10.35
N GLU G 247 27.70 3.12 11.57
CA GLU G 247 28.03 4.11 12.60
C GLU G 247 29.46 3.85 13.13
N PRO G 248 30.12 4.89 13.63
CA PRO G 248 31.48 4.76 14.13
C PRO G 248 31.52 3.95 15.43
N ILE G 249 32.43 2.98 15.52
CA ILE G 249 32.45 2.13 16.73
C ILE G 249 33.87 2.02 17.32
N GLN G 250 34.89 2.39 16.54
CA GLN G 250 36.27 2.02 16.94
C GLN G 250 36.64 2.77 18.22
N ASP G 251 36.31 4.06 18.26
CA ASP G 251 36.68 4.91 19.41
C ASP G 251 36.01 4.37 20.66
N PHE G 252 34.74 4.01 20.55
CA PHE G 252 34.01 3.52 21.70
C PHE G 252 34.70 2.25 22.25
N ILE G 253 35.09 1.35 21.36
CA ILE G 253 35.68 0.09 21.78
C ILE G 253 37.06 0.34 22.37
N ARG G 254 37.86 1.16 21.70
CA ARG G 254 39.20 1.49 22.20
C ARG G 254 39.12 2.01 23.64
N GLN G 255 38.23 2.97 23.85
CA GLN G 255 38.07 3.57 25.15
C GLN G 255 37.56 2.54 26.16
N ALA G 256 36.65 1.70 25.75
CA ALA G 256 36.05 0.68 26.64
C ALA G 256 37.13 -0.31 27.10
N VAL G 257 37.96 -0.76 26.17
CA VAL G 257 39.00 -1.74 26.47
C VAL G 257 39.99 -1.14 27.46
N ALA G 258 40.21 0.16 27.38
CA ALA G 258 41.23 0.86 28.17
C ALA G 258 40.72 1.20 29.59
N TYR G 259 39.52 0.76 29.97
CA TYR G 259 39.01 1.04 31.32
C TYR G 259 39.97 0.49 32.38
N GLN G 260 40.31 1.33 33.36
CA GLN G 260 41.19 0.94 34.48
C GLN G 260 40.44 1.06 35.83
N LYS G 261 40.66 0.07 36.69
CA LYS G 261 40.10 0.00 38.05
C LYS G 261 38.59 0.23 38.00
N PRO H 5 41.67 -27.01 33.64
CA PRO H 5 41.14 -25.62 33.72
C PRO H 5 40.89 -25.03 32.33
N LYS H 6 39.75 -24.36 32.15
CA LYS H 6 39.38 -23.90 30.82
C LYS H 6 40.11 -22.57 30.56
N THR H 7 40.57 -22.42 29.33
CA THR H 7 41.42 -21.28 28.98
C THR H 7 40.63 -19.96 29.13
N LEU H 8 39.31 -19.99 28.87
CA LEU H 8 38.54 -18.74 28.91
C LEU H 8 38.56 -18.17 30.34
N THR H 9 38.41 -19.05 31.34
CA THR H 9 38.44 -18.58 32.72
C THR H 9 39.77 -17.90 33.04
N GLU H 10 40.85 -18.54 32.61
CA GLU H 10 42.19 -18.04 32.90
C GLU H 10 42.39 -16.67 32.24
N LYS H 11 41.99 -16.56 30.99
CA LYS H 11 42.27 -15.34 30.24
C LYS H 11 41.52 -14.16 30.86
N LEU H 12 40.28 -14.38 31.30
CA LEU H 12 39.48 -13.30 31.87
C LEU H 12 39.98 -12.97 33.27
N ASN H 13 40.33 -13.98 34.06
CA ASN H 13 40.93 -13.75 35.38
C ASN H 13 42.18 -12.85 35.26
N ALA H 14 43.01 -13.10 34.24
CA ALA H 14 44.24 -12.34 34.02
C ALA H 14 43.94 -10.87 33.75
N ILE H 15 42.89 -10.59 32.99
CA ILE H 15 42.53 -9.21 32.67
C ILE H 15 42.07 -8.52 33.97
N LYS H 16 41.24 -9.22 34.73
CA LYS H 16 40.74 -8.72 35.98
C LYS H 16 41.90 -8.48 36.96
N ALA H 17 42.80 -9.45 37.06
CA ALA H 17 43.95 -9.37 37.97
C ALA H 17 44.83 -8.17 37.60
N ALA H 18 44.87 -7.81 36.33
CA ALA H 18 45.67 -6.66 35.87
C ALA H 18 44.92 -5.34 36.15
N GLY H 19 43.72 -5.40 36.73
CA GLY H 19 42.95 -4.20 37.04
C GLY H 19 42.30 -3.57 35.82
N LYS H 20 42.13 -4.35 34.75
CA LYS H 20 41.51 -3.83 33.53
C LYS H 20 40.08 -4.39 33.42
N GLY H 21 39.22 -3.60 32.82
CA GLY H 21 37.83 -4.02 32.60
C GLY H 21 37.72 -5.02 31.48
N ILE H 22 36.88 -6.03 31.66
CA ILE H 22 36.64 -7.00 30.61
C ILE H 22 35.62 -6.38 29.64
N PHE H 23 35.89 -6.51 28.35
CA PHE H 23 34.98 -5.99 27.35
C PHE H 23 34.69 -7.07 26.30
N VAL H 24 33.42 -7.45 26.17
CA VAL H 24 33.01 -8.52 25.26
C VAL H 24 31.94 -7.98 24.30
N PRO H 25 32.31 -7.78 23.04
CA PRO H 25 31.32 -7.48 22.03
C PRO H 25 30.55 -8.72 21.60
N TYR H 26 29.28 -8.52 21.24
CA TYR H 26 28.45 -9.56 20.63
C TYR H 26 28.24 -9.22 19.16
N ILE H 27 28.39 -10.22 18.30
CA ILE H 27 28.05 -10.08 16.89
C ILE H 27 27.17 -11.25 16.48
N ALA H 29 26.53 -14.00 13.88
CA ALA H 29 27.20 -14.68 12.79
C ALA H 29 26.33 -14.60 11.54
N GLY H 30 26.94 -14.19 10.43
CA GLY H 30 26.25 -14.11 9.17
C GLY H 30 25.64 -12.74 8.90
N ASP H 31 25.61 -11.84 9.89
CA ASP H 31 25.05 -10.47 9.67
C ASP H 31 26.16 -9.57 9.13
N HIS H 32 26.32 -9.62 7.83
CA HIS H 32 27.42 -8.99 7.14
C HIS H 32 27.05 -8.91 5.66
N GLU H 33 27.62 -7.94 4.95
CA GLU H 33 27.40 -7.83 3.50
C GLU H 33 27.71 -9.16 2.80
N LYS H 34 28.72 -9.89 3.30
CA LYS H 34 29.20 -11.13 2.68
C LYS H 34 28.67 -12.36 3.43
N GLY H 35 27.72 -12.18 4.35
CA GLY H 35 27.22 -13.29 5.14
C GLY H 35 28.32 -13.92 6.01
N LEU H 36 28.35 -15.24 6.06
CA LEU H 36 29.33 -15.94 6.87
C LEU H 36 30.76 -15.67 6.35
N ASP H 37 30.89 -15.29 5.09
CA ASP H 37 32.23 -15.01 4.56
C ASP H 37 32.77 -13.71 5.14
N GLY H 38 31.93 -12.93 5.79
CA GLY H 38 32.38 -11.71 6.44
C GLY H 38 32.77 -11.91 7.90
N LEU H 39 32.58 -13.12 8.43
CA LEU H 39 32.72 -13.35 9.88
C LEU H 39 34.18 -13.16 10.31
N ALA H 40 35.12 -13.73 9.56
CA ALA H 40 36.55 -13.62 9.90
C ALA H 40 36.96 -12.15 9.97
N GLU H 41 36.50 -11.38 8.99
CA GLU H 41 36.83 -9.98 8.90
C GLU H 41 36.34 -9.25 10.15
N THR H 42 35.13 -9.55 10.57
CA THR H 42 34.56 -8.88 11.73
C THR H 42 35.35 -9.29 12.98
N ILE H 43 35.69 -10.56 13.11
CA ILE H 43 36.39 -11.04 14.30
C ILE H 43 37.77 -10.38 14.38
N HIS H 44 38.46 -10.31 13.24
CA HIS H 44 39.80 -9.74 13.23
C HIS H 44 39.74 -8.23 13.50
N PHE H 45 38.69 -7.59 13.05
CA PHE H 45 38.49 -6.18 13.32
C PHE H 45 38.41 -5.95 14.83
N LEU H 46 37.68 -6.82 15.53
CA LEU H 46 37.50 -6.70 16.97
C LEU H 46 38.76 -7.12 17.71
N GLU H 47 39.46 -8.13 17.19
CA GLU H 47 40.73 -8.59 17.76
C GLU H 47 41.75 -7.45 17.76
N ASP H 48 41.82 -6.72 16.64
CA ASP H 48 42.75 -5.61 16.48
C ASP H 48 42.48 -4.53 17.54
N LEU H 49 41.26 -4.46 18.05
CA LEU H 49 40.94 -3.44 19.05
C LEU H 49 41.17 -3.97 20.47
N GLY H 50 41.60 -5.22 20.61
CA GLY H 50 42.03 -5.77 21.90
C GLY H 50 40.87 -6.12 22.84
N VAL H 51 39.78 -6.62 22.28
CA VAL H 51 38.63 -7.03 23.12
C VAL H 51 39.00 -8.30 23.90
N SER H 52 38.28 -8.54 24.99
CA SER H 52 38.61 -9.62 25.94
C SER H 52 38.16 -10.96 25.36
N ALA H 53 36.96 -10.96 24.78
CA ALA H 53 36.39 -12.13 24.15
C ALA H 53 35.30 -11.67 23.18
N ILE H 54 34.84 -12.56 22.31
CA ILE H 54 33.78 -12.20 21.38
C ILE H 54 32.65 -13.22 21.47
N GLU H 55 31.46 -12.69 21.71
CA GLU H 55 30.24 -13.44 21.71
C GLU H 55 29.73 -13.55 20.27
N VAL H 56 29.55 -14.77 19.78
CA VAL H 56 29.13 -14.99 18.40
C VAL H 56 27.75 -15.65 18.39
N GLY H 57 26.75 -14.90 17.94
CA GLY H 57 25.38 -15.37 17.96
C GLY H 57 25.05 -16.28 16.80
N ILE H 58 24.21 -17.27 17.05
CA ILE H 58 23.64 -18.11 16.02
C ILE H 58 22.19 -17.68 15.80
N PRO H 59 21.81 -17.39 14.56
CA PRO H 59 20.42 -17.02 14.30
C PRO H 59 19.50 -18.23 14.55
N PHE H 60 18.31 -17.96 15.05
CA PHE H 60 17.35 -18.99 15.37
C PHE H 60 16.43 -19.25 14.17
N SER H 61 16.38 -20.46 13.69
CA SER H 61 15.41 -20.85 12.67
C SER H 61 14.39 -21.80 13.29
N ASP H 62 13.13 -21.58 13.00
CA ASP H 62 12.12 -22.47 13.52
C ASP H 62 12.12 -23.74 12.64
N PRO H 63 11.66 -24.83 13.22
CA PRO H 63 11.55 -26.14 12.60
C PRO H 63 10.17 -26.41 11.98
N VAL H 64 9.29 -25.45 12.04
CA VAL H 64 7.91 -25.63 11.60
C VAL H 64 7.87 -25.87 10.09
N ALA H 65 7.21 -26.96 9.69
CA ALA H 65 7.12 -27.40 8.33
C ALA H 65 5.67 -27.77 7.98
N ASP H 66 4.69 -27.18 8.66
CA ASP H 66 3.33 -27.71 8.61
C ASP H 66 2.54 -27.14 7.43
N GLY H 67 3.00 -26.04 6.85
CA GLY H 67 2.28 -25.39 5.73
C GLY H 67 1.46 -24.21 6.20
N PRO H 68 1.01 -23.37 5.26
CA PRO H 68 0.45 -22.04 5.61
C PRO H 68 -0.82 -22.11 6.47
N VAL H 69 -1.73 -23.03 6.18
CA VAL H 69 -3.00 -23.09 6.92
C VAL H 69 -2.73 -23.33 8.41
N ILE H 70 -1.88 -24.30 8.69
CA ILE H 70 -1.61 -24.71 10.05
C ILE H 70 -0.66 -23.70 10.72
N GLU H 71 0.27 -23.15 9.96
CA GLU H 71 1.14 -22.09 10.47
C GLU H 71 0.29 -20.91 10.97
N GLU H 72 -0.70 -20.51 10.18
CA GLU H 72 -1.59 -19.40 10.55
C GLU H 72 -2.40 -19.79 11.80
N ALA H 73 -2.86 -21.05 11.86
CA ALA H 73 -3.64 -21.51 13.00
C ALA H 73 -2.81 -21.44 14.29
N GLY H 74 -1.53 -21.76 14.19
CA GLY H 74 -0.61 -21.64 15.32
C GLY H 74 -0.47 -20.21 15.80
N LEU H 75 -0.38 -19.26 14.87
CA LEU H 75 -0.29 -17.86 15.24
C LEU H 75 -1.58 -17.40 15.91
N ARG H 76 -2.71 -17.84 15.43
CA ARG H 76 -3.99 -17.48 16.05
C ARG H 76 -4.00 -18.03 17.48
N SER H 77 -3.56 -19.28 17.63
CA SER H 77 -3.55 -19.94 18.93
C SER H 77 -2.65 -19.18 19.91
N LEU H 78 -1.49 -18.79 19.45
CA LEU H 78 -0.55 -18.06 20.31
C LEU H 78 -1.14 -16.70 20.68
N ALA H 79 -1.88 -16.10 19.76
CA ALA H 79 -2.48 -14.77 20.02
C ALA H 79 -3.61 -14.89 21.04
N HIS H 80 -4.16 -16.08 21.22
CA HIS H 80 -5.12 -16.34 22.29
C HIS H 80 -4.43 -16.68 23.60
N GLY H 81 -3.10 -16.64 23.65
CA GLY H 81 -2.37 -16.86 24.91
C GLY H 81 -2.14 -18.32 25.21
N THR H 82 -2.23 -19.18 24.19
CA THR H 82 -2.02 -20.61 24.37
C THR H 82 -0.57 -20.85 24.82
N SER H 83 -0.42 -21.64 25.87
CA SER H 83 0.86 -22.10 26.34
C SER H 83 0.78 -23.62 26.54
N THR H 84 1.92 -24.27 26.56
CA THR H 84 1.95 -25.70 26.84
C THR H 84 1.31 -25.97 28.20
N GLN H 85 1.68 -25.17 29.19
CA GLN H 85 1.20 -25.39 30.56
C GLN H 85 -0.32 -25.32 30.60
N ALA H 86 -0.89 -24.30 29.95
CA ALA H 86 -2.32 -24.09 29.96
C ALA H 86 -3.02 -25.21 29.18
N LEU H 87 -2.37 -25.71 28.13
CA LEU H 87 -2.97 -26.81 27.36
C LEU H 87 -3.07 -28.06 28.23
N VAL H 88 -2.00 -28.37 28.94
CA VAL H 88 -1.98 -29.56 29.79
C VAL H 88 -3.12 -29.45 30.80
N GLU H 89 -3.22 -28.30 31.45
CA GLU H 89 -4.22 -28.09 32.49
C GLU H 89 -5.63 -28.22 31.90
N THR H 90 -5.83 -27.63 30.72
CA THR H 90 -7.13 -27.71 30.07
C THR H 90 -7.47 -29.18 29.75
N LEU H 91 -6.47 -29.96 29.33
CA LEU H 91 -6.73 -31.32 28.91
C LEU H 91 -7.18 -32.18 30.11
N LYS H 92 -6.71 -31.86 31.31
CA LYS H 92 -7.11 -32.62 32.48
C LYS H 92 -8.61 -32.44 32.75
N THR H 93 -9.13 -31.31 32.32
CA THR H 93 -10.53 -30.95 32.45
C THR H 93 -11.43 -31.80 31.53
N ILE H 94 -10.90 -32.25 30.41
CA ILE H 94 -11.76 -32.69 29.31
C ILE H 94 -12.00 -34.19 29.41
N GLU H 95 -13.28 -34.57 29.37
CA GLU H 95 -13.65 -35.97 29.37
C GLU H 95 -14.17 -36.36 27.97
N THR H 96 -13.57 -37.40 27.40
CA THR H 96 -13.97 -37.92 26.10
C THR H 96 -13.50 -39.36 25.97
N GLU H 97 -14.27 -40.14 25.21
CA GLU H 97 -13.94 -41.54 24.98
C GLU H 97 -12.95 -41.65 23.81
N ILE H 98 -12.82 -40.55 23.05
CA ILE H 98 -11.95 -40.50 21.88
C ILE H 98 -10.50 -40.34 22.36
N PRO H 99 -9.60 -41.19 21.88
CA PRO H 99 -8.20 -41.01 22.21
C PRO H 99 -7.59 -39.77 21.52
N LEU H 100 -6.82 -39.01 22.28
CA LEU H 100 -6.15 -37.82 21.77
C LEU H 100 -4.66 -38.12 21.54
N VAL H 101 -4.14 -37.62 20.43
CA VAL H 101 -2.73 -37.74 20.10
C VAL H 101 -2.14 -36.34 20.01
N ILE H 102 -1.18 -36.05 20.87
CA ILE H 102 -0.54 -34.75 20.88
C ILE H 102 0.53 -34.72 19.77
N THR H 104 3.51 -32.28 18.64
CA THR H 104 4.30 -31.13 19.02
C THR H 104 5.73 -31.28 18.52
N TYR H 105 6.39 -30.16 18.30
CA TYR H 105 7.81 -30.19 18.07
C TYR H 105 8.53 -30.36 19.40
N PHE H 106 9.80 -30.70 19.33
CA PHE H 106 10.49 -31.10 20.51
C PHE H 106 10.67 -29.92 21.48
N ASN H 107 10.89 -28.70 20.99
CA ASN H 107 11.33 -27.63 21.88
C ASN H 107 10.28 -27.35 22.97
N PRO H 108 9.01 -27.22 22.61
CA PRO H 108 8.01 -26.92 23.63
C PRO H 108 7.96 -28.00 24.73
N LEU H 109 8.16 -29.23 24.30
CA LEU H 109 8.19 -30.37 25.18
C LEU H 109 9.41 -30.27 26.12
N PHE H 110 10.53 -29.94 25.53
CA PHE H 110 11.77 -29.84 26.25
C PHE H 110 11.69 -28.72 27.29
N GLN H 111 11.09 -27.61 26.91
CA GLN H 111 10.96 -26.45 27.82
C GLN H 111 10.05 -26.81 28.99
N TYR H 112 8.97 -27.53 28.71
CA TYR H 112 8.03 -27.93 29.75
C TYR H 112 8.66 -28.97 30.67
N GLY H 113 9.51 -29.80 30.09
CA GLY H 113 10.04 -30.96 30.78
C GLY H 113 9.36 -32.20 30.28
N VAL H 114 10.10 -33.07 29.63
CA VAL H 114 9.51 -34.24 28.98
C VAL H 114 8.78 -35.09 30.01
N GLU H 115 9.49 -35.41 31.10
CA GLU H 115 8.94 -36.30 32.12
C GLU H 115 7.70 -35.65 32.73
N ASN H 116 7.80 -34.37 33.08
CA ASN H 116 6.67 -33.63 33.62
C ASN H 116 5.46 -33.72 32.69
N PHE H 117 5.70 -33.54 31.40
CA PHE H 117 4.62 -33.52 30.43
C PHE H 117 3.88 -34.86 30.44
N VAL H 118 4.64 -35.94 30.44
CA VAL H 118 4.07 -37.26 30.36
C VAL H 118 3.30 -37.55 31.65
N LYS H 119 3.91 -37.25 32.79
CA LYS H 119 3.27 -37.54 34.07
C LYS H 119 2.01 -36.69 34.22
N ASP H 120 2.08 -35.42 33.81
CA ASP H 120 0.94 -34.53 33.97
C ASP H 120 -0.23 -34.98 33.09
N LEU H 121 0.02 -35.77 32.05
CA LEU H 121 -1.06 -36.22 31.17
C LEU H 121 -1.53 -37.63 31.52
N ALA H 122 -1.05 -38.18 32.64
CA ALA H 122 -1.37 -39.54 33.00
C ALA H 122 -2.90 -39.72 33.12
N ASP H 123 -3.61 -38.72 33.61
CA ASP H 123 -5.01 -38.87 33.95
CA ASP H 123 -5.03 -38.93 33.93
C ASP H 123 -5.93 -38.38 32.82
N THR H 124 -5.39 -38.11 31.63
CA THR H 124 -6.12 -37.41 30.59
C THR H 124 -6.54 -38.39 29.48
N ALA H 125 -7.18 -37.84 28.45
CA ALA H 125 -7.58 -38.60 27.29
C ALA H 125 -6.41 -38.75 26.30
N VAL H 126 -5.22 -38.31 26.66
CA VAL H 126 -4.08 -38.36 25.74
C VAL H 126 -3.53 -39.79 25.70
N LYS H 127 -3.45 -40.36 24.51
CA LYS H 127 -3.01 -41.75 24.36
C LYS H 127 -1.84 -41.86 23.38
N GLY H 128 -1.42 -40.75 22.79
CA GLY H 128 -0.39 -40.78 21.79
C GLY H 128 0.40 -39.49 21.73
N LEU H 129 1.61 -39.57 21.18
CA LEU H 129 2.49 -38.45 21.07
C LEU H 129 3.27 -38.55 19.76
N ILE H 130 3.25 -37.46 18.99
CA ILE H 130 4.01 -37.37 17.74
C ILE H 130 4.97 -36.18 17.84
N ILE H 131 6.23 -36.42 17.54
CA ILE H 131 7.22 -35.38 17.58
C ILE H 131 7.98 -35.36 16.25
N PRO H 132 7.50 -34.57 15.32
CA PRO H 132 7.98 -34.57 13.95
C PRO H 132 9.48 -34.29 13.81
N ASP H 133 10.06 -33.49 14.69
CA ASP H 133 11.46 -33.13 14.50
C ASP H 133 12.37 -33.92 15.45
N LEU H 134 11.86 -34.99 16.05
CA LEU H 134 12.70 -35.83 16.88
C LEU H 134 13.25 -36.98 16.03
N PRO H 135 14.56 -37.00 15.79
CA PRO H 135 15.17 -38.10 15.05
C PRO H 135 15.09 -39.43 15.81
N HIS H 136 14.94 -40.53 15.10
CA HIS H 136 14.90 -41.87 15.69
C HIS H 136 16.13 -42.12 16.58
N GLU H 137 17.27 -41.62 16.15
CA GLU H 137 18.51 -41.78 16.87
C GLU H 137 18.40 -41.18 18.29
N HIS H 138 17.50 -40.22 18.51
CA HIS H 138 17.38 -39.54 19.79
C HIS H 138 16.06 -39.87 20.47
N ALA H 139 15.51 -41.05 20.18
CA ALA H 139 14.23 -41.48 20.77
C ALA H 139 14.37 -41.66 22.30
N ASN H 140 15.58 -41.86 22.80
CA ASN H 140 15.87 -42.03 24.24
C ASN H 140 15.45 -40.81 25.05
N PHE H 141 15.29 -39.65 24.42
CA PHE H 141 14.85 -38.45 25.14
C PHE H 141 13.40 -38.58 25.56
N VAL H 142 12.63 -39.41 24.87
CA VAL H 142 11.20 -39.51 25.16
C VAL H 142 10.83 -40.92 25.58
N GLU H 143 11.32 -41.95 24.90
CA GLU H 143 10.76 -43.33 24.99
C GLU H 143 10.77 -43.84 26.44
N PRO H 144 11.90 -43.71 27.15
CA PRO H 144 12.00 -44.14 28.54
C PRO H 144 10.86 -43.65 29.43
N PHE H 145 10.46 -42.39 29.25
CA PHE H 145 9.47 -41.78 30.13
C PHE H 145 8.06 -42.29 29.79
N LEU H 146 7.90 -42.88 28.63
CA LEU H 146 6.61 -43.41 28.20
C LEU H 146 6.45 -44.86 28.63
N ALA H 147 7.49 -45.44 29.23
CA ALA H 147 7.45 -46.84 29.63
C ALA H 147 6.25 -47.13 30.54
N ASN H 148 6.04 -46.37 31.61
CA ASN H 148 5.01 -46.63 32.60
C ASN H 148 3.57 -46.35 32.08
N THR H 149 3.45 -45.55 31.03
CA THR H 149 2.21 -44.85 30.67
C THR H 149 1.39 -45.60 29.60
N ASP H 150 0.23 -45.02 29.34
CA ASP H 150 -0.69 -45.43 28.31
C ASP H 150 -0.57 -44.47 27.11
N ILE H 151 0.63 -43.92 26.89
CA ILE H 151 0.86 -42.99 25.81
C ILE H 151 1.85 -43.61 24.82
N ALA H 152 1.38 -43.78 23.60
CA ALA H 152 2.16 -44.38 22.55
C ALA H 152 2.96 -43.29 21.81
N LEU H 153 4.23 -43.55 21.56
CA LEU H 153 5.03 -42.71 20.72
C LEU H 153 4.87 -43.13 19.25
N ILE H 154 4.24 -42.28 18.44
CA ILE H 154 3.92 -42.63 17.07
C ILE H 154 5.11 -42.28 16.17
N PRO H 155 5.59 -43.26 15.40
CA PRO H 155 6.68 -43.03 14.47
C PRO H 155 6.23 -42.51 13.11
N LEU H 156 6.97 -41.55 12.61
CA LEU H 156 6.73 -40.99 11.29
C LEU H 156 7.60 -41.72 10.29
N VAL H 157 6.99 -42.32 9.30
CA VAL H 157 7.76 -43.16 8.40
C VAL H 157 7.59 -42.62 6.98
N SER H 158 8.70 -42.33 6.35
CA SER H 158 8.72 -41.98 4.93
C SER H 158 8.43 -43.20 4.05
N LEU H 159 7.51 -43.05 3.10
CA LEU H 159 7.18 -44.16 2.21
C LEU H 159 8.24 -44.35 1.11
N THR H 160 9.07 -43.34 0.89
CA THR H 160 10.01 -43.36 -0.21
C THR H 160 11.33 -44.00 0.22
N THR H 161 11.54 -44.19 1.51
CA THR H 161 12.76 -44.87 1.97
C THR H 161 12.65 -46.38 1.74
N GLY H 162 13.80 -47.05 1.69
CA GLY H 162 13.88 -48.49 1.60
C GLY H 162 13.14 -49.18 2.75
N ILE H 163 12.69 -50.40 2.44
CA ILE H 163 11.81 -51.17 3.34
C ILE H 163 12.58 -51.59 4.60
N GLU H 164 13.87 -51.86 4.51
CA GLU H 164 14.65 -52.27 5.67
CA GLU H 164 14.62 -52.28 5.68
C GLU H 164 14.69 -51.12 6.68
N ARG H 165 14.80 -49.90 6.17
CA ARG H 165 14.83 -48.71 7.03
C ARG H 165 13.45 -48.52 7.68
N GLN H 166 12.38 -48.83 6.96
CA GLN H 166 11.05 -48.62 7.52
C GLN H 166 10.84 -49.61 8.66
N LYS H 167 11.34 -50.83 8.52
CA LYS H 167 11.21 -51.86 9.55
C LYS H 167 11.89 -51.41 10.84
N GLU H 168 13.04 -50.75 10.69
CA GLU H 168 13.84 -50.28 11.82
C GLU H 168 13.05 -49.24 12.60
N LEU H 169 12.40 -48.33 11.89
CA LEU H 169 11.66 -47.25 12.51
C LEU H 169 10.48 -47.80 13.30
N ILE H 170 9.83 -48.81 12.74
CA ILE H 170 8.58 -49.26 13.28
C ILE H 170 8.79 -50.40 14.25
N GLU H 171 10.01 -50.91 14.44
CA GLU H 171 10.28 -51.95 15.43
C GLU H 171 9.88 -51.45 16.83
N GLY H 172 9.00 -52.20 17.49
CA GLY H 172 8.52 -51.85 18.82
C GLY H 172 7.52 -50.70 18.84
N ALA H 173 7.02 -50.28 17.67
CA ALA H 173 6.11 -49.16 17.59
C ALA H 173 4.76 -49.51 18.21
N GLU H 174 4.12 -48.50 18.80
CA GLU H 174 2.81 -48.63 19.39
C GLU H 174 1.87 -47.56 18.81
N GLY H 175 0.58 -47.77 19.02
CA GLY H 175 -0.43 -46.82 18.62
C GLY H 175 -0.79 -46.98 17.16
N PHE H 176 -0.01 -46.34 16.29
CA PHE H 176 -0.16 -46.52 14.86
C PHE H 176 1.11 -46.02 14.17
N ILE H 177 1.17 -46.24 12.87
CA ILE H 177 2.26 -45.75 12.06
C ILE H 177 1.75 -44.63 11.16
N TYR H 178 2.45 -43.52 11.20
CA TYR H 178 2.11 -42.34 10.44
C TYR H 178 2.94 -42.34 9.17
N ALA H 179 2.33 -42.68 8.06
CA ALA H 179 3.05 -42.76 6.79
C ALA H 179 3.02 -41.38 6.16
N VAL H 180 4.19 -40.92 5.74
CA VAL H 180 4.31 -39.62 5.11
C VAL H 180 5.03 -39.81 3.76
N ALA H 181 4.80 -38.84 2.89
CA ALA H 181 5.40 -38.81 1.59
C ALA H 181 5.80 -37.38 1.25
N ILE H 182 6.81 -37.24 0.42
CA ILE H 182 7.31 -35.96 -0.03
C ILE H 182 6.29 -35.26 -0.96
N ASN H 183 5.47 -36.04 -1.69
CA ASN H 183 4.19 -35.57 -2.34
C ASN H 183 4.41 -34.25 -3.11
N SER H 189 9.81 -33.41 -6.78
CA SER H 189 11.22 -33.15 -7.06
C SER H 189 11.97 -34.48 -7.28
N GLY H 190 12.85 -34.54 -8.29
CA GLY H 190 13.50 -35.76 -8.70
C GLY H 190 12.82 -36.29 -9.94
N ASN H 191 13.59 -37.00 -10.80
CA ASN H 191 13.03 -37.60 -12.03
C ASN H 191 12.35 -38.92 -11.68
N TYR H 192 12.54 -39.42 -10.44
CA TYR H 192 11.90 -40.65 -10.01
C TYR H 192 10.54 -40.38 -9.35
N ARG H 193 9.45 -40.77 -10.03
CA ARG H 193 8.10 -40.64 -9.46
C ARG H 193 7.71 -41.95 -8.74
N ALA H 194 7.60 -41.88 -7.42
CA ALA H 194 7.38 -43.08 -6.59
C ALA H 194 5.91 -43.51 -6.68
N ASP H 195 5.70 -44.83 -6.76
CA ASP H 195 4.36 -45.39 -6.59
C ASP H 195 4.07 -45.48 -5.08
N LEU H 196 3.28 -44.51 -4.65
CA LEU H 196 2.94 -44.38 -3.24
C LEU H 196 2.02 -45.53 -2.84
N ASP H 197 1.07 -45.87 -3.71
CA ASP H 197 0.13 -46.95 -3.40
C ASP H 197 0.90 -48.25 -3.12
N LYS H 198 1.88 -48.56 -3.96
CA LYS H 198 2.68 -49.79 -3.79
C LYS H 198 3.38 -49.74 -2.42
N HIS H 199 4.02 -48.62 -2.10
CA HIS H 199 4.82 -48.53 -0.88
C HIS H 199 3.93 -48.59 0.36
N LEU H 200 2.75 -48.00 0.25
CA LEU H 200 1.81 -47.96 1.34
C LEU H 200 1.36 -49.39 1.66
N ALA H 201 0.99 -50.10 0.61
CA ALA H 201 0.55 -51.48 0.71
C ALA H 201 1.67 -52.35 1.28
N GLN H 202 2.92 -52.13 0.87
CA GLN H 202 4.02 -52.94 1.38
C GLN H 202 4.19 -52.68 2.88
N LEU H 203 4.14 -51.42 3.27
CA LEU H 203 4.26 -51.05 4.68
C LEU H 203 3.13 -51.67 5.49
N HIS H 204 1.94 -51.64 4.92
CA HIS H 204 0.74 -52.19 5.53
C HIS H 204 0.94 -53.67 5.89
N GLN H 205 1.47 -54.46 4.95
CA GLN H 205 1.66 -55.90 5.15
C GLN H 205 2.68 -56.14 6.27
N VAL H 206 3.74 -55.33 6.28
CA VAL H 206 4.91 -55.59 7.09
C VAL H 206 4.67 -55.18 8.55
N ALA H 207 3.64 -54.36 8.84
CA ALA H 207 3.47 -53.78 10.16
C ALA H 207 2.54 -54.62 11.06
N ASP H 208 2.78 -54.60 12.36
CA ASP H 208 1.95 -55.28 13.36
C ASP H 208 0.93 -54.32 13.97
N ILE H 209 1.04 -53.02 13.66
CA ILE H 209 0.03 -52.09 14.12
C ILE H 209 -0.57 -51.35 12.91
N PRO H 210 -1.63 -50.59 13.13
CA PRO H 210 -2.31 -49.94 12.04
C PRO H 210 -1.43 -48.91 11.34
N VAL H 211 -1.57 -48.82 10.02
CA VAL H 211 -0.81 -47.87 9.23
C VAL H 211 -1.78 -46.82 8.70
N LEU H 212 -1.51 -45.56 9.00
CA LEU H 212 -2.37 -44.48 8.55
C LEU H 212 -1.61 -43.63 7.52
N THR H 213 -2.36 -43.17 6.56
CA THR H 213 -1.89 -42.28 5.53
C THR H 213 -2.07 -40.84 5.99
N GLY H 214 -0.98 -40.09 6.03
CA GLY H 214 -1.01 -38.81 6.73
C GLY H 214 -0.73 -37.63 5.81
N PHE H 215 -0.94 -37.81 4.51
CA PHE H 215 -0.70 -36.80 3.55
C PHE H 215 -1.78 -36.88 2.47
N GLY H 216 -1.99 -35.75 1.82
CA GLY H 216 -2.78 -35.69 0.60
C GLY H 216 -4.20 -36.18 0.70
N VAL H 217 -4.91 -36.04 1.84
CA VAL H 217 -6.30 -36.42 1.89
C VAL H 217 -7.16 -35.17 1.99
N SER H 218 -7.81 -34.77 0.91
CA SER H 218 -8.62 -33.58 0.86
C SER H 218 -9.99 -33.90 0.26
N SER H 219 -10.25 -35.12 -0.21
CA SER H 219 -11.54 -35.43 -0.87
C SER H 219 -11.94 -36.88 -0.61
N GLN H 220 -13.16 -37.21 -0.94
CA GLN H 220 -13.68 -38.57 -0.73
C GLN H 220 -12.87 -39.52 -1.62
N ALA H 221 -12.50 -39.03 -2.82
CA ALA H 221 -11.72 -39.85 -3.73
C ALA H 221 -10.35 -40.18 -3.12
N ASP H 222 -9.73 -39.17 -2.50
CA ASP H 222 -8.44 -39.39 -1.86
C ASP H 222 -8.60 -40.46 -0.79
N LEU H 223 -9.66 -40.33 -0.02
CA LEU H 223 -9.89 -41.15 1.16
C LEU H 223 -10.06 -42.61 0.74
N GLU H 224 -10.83 -42.86 -0.29
CA GLU H 224 -11.10 -44.24 -0.72
C GLU H 224 -9.82 -44.87 -1.28
N ARG H 225 -9.05 -44.09 -2.03
CA ARG H 225 -7.83 -44.58 -2.64
C ARG H 225 -6.88 -45.13 -1.58
N PHE H 226 -6.67 -44.36 -0.52
CA PHE H 226 -5.65 -44.70 0.48
C PHE H 226 -6.18 -45.78 1.40
N ASN H 227 -7.47 -45.84 1.61
CA ASN H 227 -8.08 -46.88 2.46
C ASN H 227 -7.94 -48.25 1.79
N ALA H 228 -7.78 -48.28 0.47
CA ALA H 228 -7.56 -49.54 -0.24
C ALA H 228 -6.19 -50.14 0.14
N VAL H 229 -5.24 -49.32 0.54
CA VAL H 229 -3.85 -49.80 0.72
C VAL H 229 -3.37 -49.51 2.14
N SER H 230 -4.25 -49.08 3.03
CA SER H 230 -3.84 -48.77 4.41
C SER H 230 -5.04 -48.90 5.33
N ASP H 231 -4.84 -48.61 6.61
CA ASP H 231 -5.88 -48.80 7.59
C ASP H 231 -6.71 -47.54 7.74
N GLY H 232 -6.26 -46.42 7.16
CA GLY H 232 -7.02 -45.18 7.36
C GLY H 232 -6.21 -43.93 7.03
N VAL H 233 -6.76 -42.77 7.38
CA VAL H 233 -6.22 -41.49 6.94
C VAL H 233 -6.23 -40.50 8.09
N ILE H 234 -5.33 -39.53 7.97
CA ILE H 234 -5.27 -38.37 8.81
C ILE H 234 -5.52 -37.15 7.95
N VAL H 235 -6.40 -36.27 8.40
CA VAL H 235 -6.72 -35.04 7.71
C VAL H 235 -6.46 -33.87 8.65
N GLY H 236 -5.56 -32.99 8.22
CA GLY H 236 -5.18 -31.80 8.99
C GLY H 236 -5.69 -30.52 8.37
N SER H 237 -5.00 -30.06 7.33
CA SER H 237 -5.23 -28.71 6.76
C SER H 237 -6.72 -28.48 6.50
N LYS H 238 -7.37 -29.47 5.88
CA LYS H 238 -8.73 -29.29 5.44
C LYS H 238 -9.63 -28.98 6.63
N ILE H 239 -9.41 -29.65 7.75
CA ILE H 239 -10.29 -29.50 8.89
C ILE H 239 -9.99 -28.18 9.60
N VAL H 240 -8.71 -27.87 9.75
CA VAL H 240 -8.33 -26.66 10.44
C VAL H 240 -8.89 -25.45 9.69
N LYS H 241 -8.74 -25.46 8.38
CA LYS H 241 -9.19 -24.38 7.54
C LYS H 241 -10.71 -24.26 7.62
N ALA H 242 -11.40 -25.38 7.52
CA ALA H 242 -12.86 -25.40 7.53
C ALA H 242 -13.40 -24.88 8.86
N LEU H 243 -12.82 -25.34 9.96
CA LEU H 243 -13.29 -24.90 11.27
C LEU H 243 -13.08 -23.39 11.41
N HIS H 244 -11.95 -22.89 10.94
CA HIS H 244 -11.64 -21.48 11.10
C HIS H 244 -12.56 -20.63 10.24
N GLN H 245 -12.76 -21.06 9.00
CA GLN H 245 -13.50 -20.27 8.02
C GLN H 245 -15.00 -20.55 8.12
N GLY H 246 -15.40 -21.50 8.95
CA GLY H 246 -16.81 -21.83 9.15
C GLY H 246 -17.42 -22.49 7.93
N GLU H 247 -16.60 -23.19 7.12
CA GLU H 247 -17.15 -24.02 6.04
C GLU H 247 -17.69 -25.31 6.68
N PRO H 248 -18.71 -25.93 6.03
CA PRO H 248 -19.28 -27.16 6.57
C PRO H 248 -18.28 -28.31 6.38
N ILE H 249 -18.10 -29.10 7.43
CA ILE H 249 -17.12 -30.17 7.46
C ILE H 249 -17.76 -31.43 8.05
N GLN H 250 -18.96 -31.32 8.62
CA GLN H 250 -19.65 -32.43 9.26
C GLN H 250 -19.88 -33.55 8.25
N ASP H 251 -20.35 -33.18 7.04
CA ASP H 251 -20.72 -34.18 6.04
C ASP H 251 -19.46 -34.96 5.62
N PHE H 252 -18.36 -34.23 5.41
CA PHE H 252 -17.14 -34.88 5.00
C PHE H 252 -16.72 -35.92 6.05
N ILE H 253 -16.78 -35.54 7.32
CA ILE H 253 -16.30 -36.41 8.39
C ILE H 253 -17.26 -37.59 8.54
N ARG H 254 -18.56 -37.33 8.53
CA ARG H 254 -19.56 -38.40 8.62
C ARG H 254 -19.28 -39.46 7.54
N GLN H 255 -19.12 -39.01 6.32
CA GLN H 255 -18.90 -39.90 5.18
C GLN H 255 -17.58 -40.65 5.36
N ALA H 256 -16.55 -39.96 5.84
CA ALA H 256 -15.23 -40.56 6.01
C ALA H 256 -15.28 -41.69 7.05
N VAL H 257 -15.97 -41.42 8.17
CA VAL H 257 -16.06 -42.39 9.26
C VAL H 257 -16.80 -43.64 8.77
N ALA H 258 -17.76 -43.45 7.86
CA ALA H 258 -18.66 -44.50 7.40
C ALA H 258 -18.02 -45.34 6.30
N TYR H 259 -16.74 -45.15 5.98
CA TYR H 259 -16.06 -46.03 5.00
C TYR H 259 -16.18 -47.50 5.44
N GLN H 260 -16.60 -48.36 4.51
CA GLN H 260 -16.78 -49.79 4.72
C GLN H 260 -15.84 -50.61 3.81
N LYS H 261 -15.37 -51.75 4.34
CA LYS H 261 -14.33 -52.59 3.75
C LYS H 261 -13.13 -51.69 3.42
N PRO I 5 -19.36 -43.17 -34.90
CA PRO I 5 -19.40 -41.81 -34.38
C PRO I 5 -19.41 -41.69 -32.86
N LYS I 6 -18.77 -40.66 -32.36
CA LYS I 6 -18.67 -40.39 -30.94
C LYS I 6 -19.99 -39.80 -30.46
N THR I 7 -20.41 -40.18 -29.26
CA THR I 7 -21.72 -39.79 -28.77
C THR I 7 -21.83 -38.27 -28.63
N LEU I 8 -20.75 -37.57 -28.31
CA LEU I 8 -20.84 -36.10 -28.15
C LEU I 8 -21.24 -35.43 -29.49
N THR I 9 -20.64 -35.90 -30.59
CA THR I 9 -20.98 -35.37 -31.90
C THR I 9 -22.47 -35.58 -32.19
N GLU I 10 -22.97 -36.80 -31.89
CA GLU I 10 -24.34 -37.13 -32.18
C GLU I 10 -25.27 -36.25 -31.37
N LYS I 11 -24.99 -36.09 -30.08
CA LYS I 11 -25.89 -35.37 -29.20
C LYS I 11 -25.99 -33.91 -29.63
N LEU I 12 -24.88 -33.31 -30.03
CA LEU I 12 -24.87 -31.90 -30.40
C LEU I 12 -25.52 -31.73 -31.78
N ASN I 13 -25.24 -32.65 -32.71
CA ASN I 13 -25.93 -32.65 -34.03
C ASN I 13 -27.45 -32.66 -33.83
N ALA I 14 -27.94 -33.46 -32.89
CA ALA I 14 -29.38 -33.61 -32.63
C ALA I 14 -29.98 -32.29 -32.16
N ILE I 15 -29.25 -31.56 -31.32
CA ILE I 15 -29.75 -30.29 -30.81
C ILE I 15 -29.82 -29.29 -31.98
N LYS I 16 -28.77 -29.28 -32.78
CA LYS I 16 -28.69 -28.40 -33.93
C LYS I 16 -29.80 -28.73 -34.92
N ALA I 17 -29.98 -30.03 -35.20
CA ALA I 17 -31.00 -30.49 -36.15
C ALA I 17 -32.40 -30.09 -35.67
N ALA I 18 -32.60 -30.00 -34.35
CA ALA I 18 -33.90 -29.58 -33.80
C ALA I 18 -34.07 -28.06 -33.86
N GLY I 19 -33.07 -27.34 -34.37
CA GLY I 19 -33.12 -25.88 -34.46
C GLY I 19 -32.94 -25.17 -33.13
N LYS I 20 -32.32 -25.86 -32.16
CA LYS I 20 -32.04 -25.25 -30.86
C LYS I 20 -30.55 -24.88 -30.80
N GLY I 21 -30.24 -23.83 -30.05
CA GLY I 21 -28.87 -23.42 -29.83
C GLY I 21 -28.18 -24.34 -28.83
N ILE I 22 -26.92 -24.65 -29.10
CA ILE I 22 -26.15 -25.46 -28.17
C ILE I 22 -25.64 -24.53 -27.07
N PHE I 23 -25.76 -24.98 -25.83
CA PHE I 23 -25.30 -24.18 -24.71
C PHE I 23 -24.42 -25.02 -23.79
N VAL I 24 -23.15 -24.61 -23.66
CA VAL I 24 -22.17 -25.37 -22.89
C VAL I 24 -21.56 -24.47 -21.81
N PRO I 25 -21.94 -24.68 -20.56
CA PRO I 25 -21.25 -24.00 -19.47
C PRO I 25 -19.89 -24.65 -19.17
N TYR I 26 -18.95 -23.82 -18.73
CA TYR I 26 -17.65 -24.27 -18.25
C TYR I 26 -17.61 -24.07 -16.72
N ILE I 27 -17.13 -25.10 -16.03
CA ILE I 27 -16.87 -24.99 -14.60
C ILE I 27 -15.45 -25.48 -14.33
N ALA I 29 -13.22 -27.71 -12.14
CA ALA I 29 -13.31 -28.83 -11.19
C ALA I 29 -12.59 -28.43 -9.91
N GLY I 30 -13.25 -28.62 -8.78
CA GLY I 30 -12.66 -28.31 -7.50
C GLY I 30 -12.98 -26.91 -7.00
N ASP I 31 -13.55 -26.04 -7.84
CA ASP I 31 -13.93 -24.67 -7.39
C ASP I 31 -15.33 -24.73 -6.79
N HIS I 32 -15.35 -25.04 -5.50
CA HIS I 32 -16.57 -25.32 -4.78
C HIS I 32 -16.27 -25.27 -3.29
N GLU I 33 -17.25 -24.97 -2.47
CA GLU I 33 -17.08 -24.99 -1.01
C GLU I 33 -16.51 -26.33 -0.55
N LYS I 34 -16.91 -27.42 -1.22
CA LYS I 34 -16.51 -28.79 -0.83
C LYS I 34 -15.41 -29.33 -1.76
N GLY I 35 -14.81 -28.47 -2.58
CA GLY I 35 -13.80 -28.90 -3.52
C GLY I 35 -14.35 -29.90 -4.53
N LEU I 36 -13.59 -30.95 -4.80
CA LEU I 36 -13.99 -31.96 -5.78
C LEU I 36 -15.27 -32.66 -5.31
N ASP I 37 -15.55 -32.67 -4.02
CA ASP I 37 -16.72 -33.35 -3.49
C ASP I 37 -17.97 -32.55 -3.86
N GLY I 38 -17.82 -31.32 -4.34
CA GLY I 38 -18.95 -30.52 -4.78
C GLY I 38 -19.24 -30.68 -6.26
N LEU I 39 -18.42 -31.44 -6.99
CA LEU I 39 -18.49 -31.47 -8.47
C LEU I 39 -19.81 -32.07 -8.93
N ALA I 40 -20.22 -33.20 -8.34
CA ALA I 40 -21.47 -33.85 -8.71
C ALA I 40 -22.65 -32.89 -8.57
N GLU I 41 -22.67 -32.16 -7.47
CA GLU I 41 -23.72 -31.23 -7.16
C GLU I 41 -23.80 -30.16 -8.26
N THR I 42 -22.65 -29.64 -8.65
CA THR I 42 -22.62 -28.60 -9.67
C THR I 42 -23.09 -29.17 -11.01
N ILE I 43 -22.65 -30.37 -11.34
CA ILE I 43 -23.01 -30.98 -12.64
C ILE I 43 -24.53 -31.23 -12.67
N HIS I 44 -25.09 -31.73 -11.58
CA HIS I 44 -26.50 -32.04 -11.54
C HIS I 44 -27.32 -30.74 -11.58
N PHE I 45 -26.81 -29.70 -10.97
CA PHE I 45 -27.45 -28.40 -11.02
C PHE I 45 -27.59 -27.93 -12.48
N LEU I 46 -26.53 -28.12 -13.27
CA LEU I 46 -26.51 -27.69 -14.66
C LEU I 46 -27.35 -28.65 -15.52
N GLU I 47 -27.32 -29.94 -15.19
CA GLU I 47 -28.14 -30.95 -15.89
C GLU I 47 -29.63 -30.62 -15.76
N ASP I 48 -30.04 -30.22 -14.56
CA ASP I 48 -31.42 -29.88 -14.27
C ASP I 48 -31.86 -28.70 -15.15
N LEU I 49 -30.93 -27.86 -15.58
CA LEU I 49 -31.28 -26.70 -16.39
C LEU I 49 -31.23 -27.05 -17.89
N GLY I 50 -30.85 -28.29 -18.23
CA GLY I 50 -30.96 -28.78 -19.62
C GLY I 50 -29.88 -28.26 -20.53
N VAL I 51 -28.66 -28.13 -20.01
CA VAL I 51 -27.51 -27.69 -20.84
C VAL I 51 -27.14 -28.81 -21.81
N SER I 52 -26.47 -28.45 -22.89
CA SER I 52 -26.14 -29.38 -23.99
C SER I 52 -24.98 -30.30 -23.56
N ALA I 53 -23.98 -29.67 -22.93
CA ALA I 53 -22.80 -30.38 -22.46
C ALA I 53 -22.14 -29.52 -21.38
N ILE I 54 -21.20 -30.10 -20.63
CA ILE I 54 -20.50 -29.34 -19.61
C ILE I 54 -18.99 -29.49 -19.80
N GLU I 55 -18.35 -28.34 -19.92
CA GLU I 55 -16.91 -28.24 -19.97
C GLU I 55 -16.36 -28.24 -18.54
N VAL I 56 -15.48 -29.18 -18.23
CA VAL I 56 -14.94 -29.34 -16.88
C VAL I 56 -13.44 -29.04 -16.92
N GLY I 57 -13.05 -27.95 -16.28
CA GLY I 57 -11.67 -27.50 -16.31
C GLY I 57 -10.83 -28.25 -15.29
N ILE I 58 -9.58 -28.53 -15.63
CA ILE I 58 -8.59 -29.00 -14.70
C ILE I 58 -7.67 -27.84 -14.32
N PRO I 59 -7.50 -27.58 -13.01
CA PRO I 59 -6.66 -26.50 -12.62
C PRO I 59 -5.19 -26.76 -12.99
N PHE I 60 -4.51 -25.69 -13.38
CA PHE I 60 -3.16 -25.82 -13.85
C PHE I 60 -2.23 -25.52 -12.68
N SER I 61 -1.35 -26.46 -12.32
CA SER I 61 -0.38 -26.13 -11.27
C SER I 61 1.00 -25.92 -11.89
N ASP I 62 1.61 -24.81 -11.54
CA ASP I 62 2.90 -24.46 -12.13
C ASP I 62 3.96 -25.37 -11.51
N PRO I 63 4.87 -25.90 -12.34
CA PRO I 63 5.87 -26.87 -11.90
C PRO I 63 7.19 -26.21 -11.52
N VAL I 64 7.29 -24.90 -11.66
CA VAL I 64 8.52 -24.17 -11.37
C VAL I 64 8.77 -24.24 -9.87
N ALA I 65 9.95 -24.70 -9.46
CA ALA I 65 10.27 -24.80 -8.03
C ALA I 65 11.68 -24.24 -7.77
N ASP I 66 12.09 -23.28 -8.59
CA ASP I 66 13.49 -22.86 -8.62
C ASP I 66 13.73 -21.76 -7.58
N GLY I 67 12.68 -21.12 -7.06
CA GLY I 67 12.85 -20.11 -6.02
C GLY I 67 12.73 -18.70 -6.56
N PRO I 68 12.63 -17.71 -5.68
CA PRO I 68 12.30 -16.33 -6.09
C PRO I 68 13.33 -15.69 -7.02
N VAL I 69 14.61 -15.87 -6.74
CA VAL I 69 15.66 -15.22 -7.54
C VAL I 69 15.56 -15.66 -9.00
N ILE I 70 15.44 -16.95 -9.21
CA ILE I 70 15.44 -17.53 -10.54
C ILE I 70 14.07 -17.29 -11.19
N GLU I 71 13.00 -17.33 -10.42
CA GLU I 71 11.66 -17.04 -10.94
C GLU I 71 11.66 -15.62 -11.53
N GLU I 72 12.24 -14.66 -10.78
CA GLU I 72 12.28 -13.28 -11.25
C GLU I 72 13.16 -13.18 -12.50
N ALA I 73 14.27 -13.90 -12.51
CA ALA I 73 15.20 -13.88 -13.66
C ALA I 73 14.48 -14.38 -14.92
N GLY I 74 13.63 -15.39 -14.78
CA GLY I 74 12.84 -15.88 -15.90
C GLY I 74 11.90 -14.82 -16.45
N LEU I 75 11.25 -14.08 -15.55
CA LEU I 75 10.33 -13.03 -15.98
C LEU I 75 11.09 -11.91 -16.68
N ARG I 76 12.29 -11.58 -16.19
CA ARG I 76 13.08 -10.56 -16.85
C ARG I 76 13.47 -11.04 -18.25
N SER I 77 13.85 -12.31 -18.35
CA SER I 77 14.27 -12.88 -19.62
C SER I 77 13.11 -12.83 -20.63
N LEU I 78 11.92 -13.17 -20.17
CA LEU I 78 10.77 -13.15 -21.08
C LEU I 78 10.45 -11.71 -21.48
N ALA I 79 10.68 -10.77 -20.59
CA ALA I 79 10.38 -9.35 -20.87
C ALA I 79 11.39 -8.79 -21.87
N HIS I 80 12.54 -9.42 -22.01
CA HIS I 80 13.51 -9.08 -23.05
C HIS I 80 13.18 -9.77 -24.37
N GLY I 81 12.08 -10.52 -24.44
CA GLY I 81 11.65 -11.14 -25.71
C GLY I 81 12.38 -12.43 -25.99
N THR I 82 12.90 -13.08 -24.96
CA THR I 82 13.50 -14.39 -25.10
C THR I 82 12.46 -15.40 -25.62
N SER I 83 12.83 -16.15 -26.64
CA SER I 83 12.06 -17.28 -27.09
C SER I 83 12.99 -18.50 -27.21
N THR I 84 12.40 -19.69 -27.15
CA THR I 84 13.20 -20.89 -27.30
C THR I 84 13.92 -20.85 -28.65
N GLN I 85 13.19 -20.47 -29.71
CA GLN I 85 13.79 -20.51 -31.04
C GLN I 85 15.00 -19.58 -31.11
N ALA I 86 14.86 -18.38 -30.56
CA ALA I 86 15.94 -17.41 -30.59
C ALA I 86 17.12 -17.88 -29.73
N LEU I 87 16.83 -18.58 -28.63
CA LEU I 87 17.90 -19.08 -27.78
C LEU I 87 18.72 -20.14 -28.55
N VAL I 88 18.04 -21.04 -29.22
CA VAL I 88 18.71 -22.09 -29.96
C VAL I 88 19.62 -21.44 -31.00
N GLU I 89 19.09 -20.47 -31.75
CA GLU I 89 19.88 -19.81 -32.79
C GLU I 89 21.08 -19.08 -32.17
N THR I 90 20.87 -18.41 -31.05
CA THR I 90 21.95 -17.71 -30.36
C THR I 90 23.04 -18.72 -29.95
N LEU I 91 22.63 -19.91 -29.50
CA LEU I 91 23.60 -20.88 -29.00
C LEU I 91 24.50 -21.39 -30.14
N LYS I 92 23.99 -21.43 -31.35
CA LYS I 92 24.79 -21.87 -32.50
C LYS I 92 25.93 -20.87 -32.75
N THR I 93 25.70 -19.64 -32.37
CA THR I 93 26.64 -18.54 -32.51
C THR I 93 27.82 -18.69 -31.54
N ILE I 94 27.60 -19.31 -30.40
CA ILE I 94 28.53 -19.15 -29.27
C ILE I 94 29.59 -20.25 -29.30
N GLU I 95 30.84 -19.83 -29.26
CA GLU I 95 31.94 -20.77 -29.32
C GLU I 95 32.66 -20.79 -27.97
N THR I 96 32.74 -21.98 -27.37
CA THR I 96 33.35 -22.13 -26.06
C THR I 96 33.77 -23.59 -25.84
N GLU I 97 34.85 -23.76 -25.09
CA GLU I 97 35.36 -25.08 -24.76
C GLU I 97 34.61 -25.64 -23.54
N ILE I 98 33.90 -24.76 -22.84
CA ILE I 98 33.14 -25.15 -21.66
C ILE I 98 31.85 -25.84 -22.12
N PRO I 99 31.56 -27.03 -21.60
CA PRO I 99 30.30 -27.68 -21.94
C PRO I 99 29.10 -26.95 -21.31
N LEU I 100 28.05 -26.78 -22.11
CA LEU I 100 26.83 -26.15 -21.65
C LEU I 100 25.77 -27.23 -21.42
N VAL I 101 25.02 -27.06 -20.33
CA VAL I 101 23.93 -27.95 -19.98
C VAL I 101 22.64 -27.16 -19.99
N ILE I 102 21.71 -27.55 -20.83
CA ILE I 102 20.41 -26.91 -20.89
C ILE I 102 19.53 -27.44 -19.76
N THR I 104 15.68 -27.15 -18.65
CA THR I 104 14.38 -26.69 -19.01
C THR I 104 13.32 -27.66 -18.48
N TYR I 105 12.13 -27.11 -18.27
CA TYR I 105 10.99 -27.93 -18.00
C TYR I 105 10.50 -28.52 -19.32
N PHE I 106 9.66 -29.53 -19.23
CA PHE I 106 9.31 -30.29 -20.39
C PHE I 106 8.48 -29.45 -21.36
N ASN I 107 7.61 -28.56 -20.90
CA ASN I 107 6.61 -27.97 -21.80
C ASN I 107 7.30 -27.19 -22.93
N PRO I 108 8.30 -26.33 -22.61
CA PRO I 108 8.92 -25.56 -23.69
C PRO I 108 9.55 -26.47 -24.74
N LEU I 109 10.11 -27.58 -24.28
CA LEU I 109 10.71 -28.57 -25.11
C LEU I 109 9.67 -29.21 -26.02
N PHE I 110 8.55 -29.56 -25.40
CA PHE I 110 7.47 -30.19 -26.10
C PHE I 110 6.90 -29.27 -27.18
N GLN I 111 6.75 -27.99 -26.85
CA GLN I 111 6.19 -27.01 -27.78
C GLN I 111 7.15 -26.85 -28.98
N TYR I 112 8.46 -26.81 -28.71
CA TYR I 112 9.45 -26.63 -29.75
C TYR I 112 9.53 -27.87 -30.63
N GLY I 113 9.32 -29.03 -30.00
CA GLY I 113 9.56 -30.30 -30.64
C GLY I 113 10.88 -30.87 -30.16
N VAL I 114 10.81 -31.98 -29.45
CA VAL I 114 11.99 -32.53 -28.81
C VAL I 114 13.04 -32.85 -29.87
N GLU I 115 12.63 -33.56 -30.93
CA GLU I 115 13.59 -33.99 -31.95
C GLU I 115 14.25 -32.76 -32.58
N ASN I 116 13.42 -31.79 -32.96
CA ASN I 116 13.91 -30.55 -33.52
C ASN I 116 14.95 -29.90 -32.60
N PHE I 117 14.65 -29.85 -31.32
CA PHE I 117 15.50 -29.17 -30.37
C PHE I 117 16.88 -29.84 -30.35
N VAL I 118 16.87 -31.15 -30.31
CA VAL I 118 18.11 -31.90 -30.20
C VAL I 118 18.92 -31.74 -31.49
N LYS I 119 18.26 -31.89 -32.63
CA LYS I 119 18.95 -31.78 -33.91
C LYS I 119 19.49 -30.36 -34.09
N ASP I 120 18.71 -29.35 -33.72
CA ASP I 120 19.13 -27.97 -33.90
C ASP I 120 20.33 -27.65 -33.02
N LEU I 121 20.59 -28.41 -31.96
CA LEU I 121 21.75 -28.15 -31.07
C LEU I 121 22.92 -29.06 -31.40
N ALA I 122 22.86 -29.79 -32.51
CA ALA I 122 23.85 -30.82 -32.79
C ALA I 122 25.26 -30.20 -32.85
N ASP I 123 25.39 -29.00 -33.41
CA ASP I 123 26.73 -28.50 -33.66
C ASP I 123 27.11 -27.44 -32.65
N THR I 124 26.47 -27.44 -31.48
CA THR I 124 26.65 -26.37 -30.50
C THR I 124 27.54 -26.83 -29.33
N ALA I 125 27.73 -25.91 -28.38
CA ALA I 125 28.49 -26.19 -27.17
C ALA I 125 27.62 -26.92 -26.14
N VAL I 126 26.39 -27.27 -26.48
CA VAL I 126 25.50 -27.94 -25.57
C VAL I 126 25.87 -29.42 -25.47
N LYS I 127 26.15 -29.89 -24.26
CA LYS I 127 26.58 -31.26 -24.05
C LYS I 127 25.70 -31.99 -23.03
N GLY I 128 24.70 -31.30 -22.49
CA GLY I 128 23.89 -31.90 -21.45
C GLY I 128 22.50 -31.30 -21.45
N LEU I 129 21.57 -32.04 -20.89
CA LEU I 129 20.18 -31.65 -20.85
C LEU I 129 19.59 -32.12 -19.51
N ILE I 130 18.95 -31.21 -18.79
CA ILE I 130 18.27 -31.52 -17.54
C ILE I 130 16.79 -31.16 -17.70
N ILE I 131 15.91 -32.11 -17.40
CA ILE I 131 14.49 -31.86 -17.48
C ILE I 131 13.85 -32.26 -16.16
N PRO I 132 13.77 -31.34 -15.23
CA PRO I 132 13.39 -31.65 -13.86
C PRO I 132 12.01 -32.30 -13.72
N ASP I 133 11.07 -31.97 -14.60
CA ASP I 133 9.72 -32.47 -14.43
C ASP I 133 9.42 -33.58 -15.43
N LEU I 134 10.46 -34.18 -16.01
CA LEU I 134 10.24 -35.35 -16.87
C LEU I 134 10.36 -36.62 -16.02
N PRO I 135 9.25 -37.34 -15.84
CA PRO I 135 9.27 -38.58 -15.10
C PRO I 135 10.10 -39.67 -15.81
N HIS I 136 10.79 -40.49 -15.03
CA HIS I 136 11.66 -41.54 -15.61
C HIS I 136 10.86 -42.45 -16.54
N GLU I 137 9.63 -42.72 -16.15
CA GLU I 137 8.69 -43.55 -16.88
C GLU I 137 8.49 -43.03 -18.31
N HIS I 138 8.69 -41.73 -18.54
CA HIS I 138 8.42 -41.12 -19.84
C HIS I 138 9.73 -40.66 -20.50
N ALA I 139 10.83 -41.32 -20.17
CA ALA I 139 12.14 -41.00 -20.76
C ALA I 139 12.16 -41.27 -22.27
N ASN I 140 11.25 -42.11 -22.79
CA ASN I 140 11.18 -42.44 -24.23
C ASN I 140 10.86 -41.19 -25.07
N PHE I 141 10.32 -40.14 -24.45
CA PHE I 141 10.02 -38.90 -25.17
C PHE I 141 11.31 -38.17 -25.53
N VAL I 142 12.39 -38.44 -24.81
CA VAL I 142 13.63 -37.71 -25.05
C VAL I 142 14.76 -38.66 -25.46
N GLU I 143 14.90 -39.80 -24.79
CA GLU I 143 16.16 -40.61 -24.83
C GLU I 143 16.51 -41.03 -26.27
N PRO I 144 15.54 -41.55 -27.03
CA PRO I 144 15.77 -41.96 -28.40
C PRO I 144 16.46 -40.89 -29.26
N PHE I 145 16.07 -39.63 -29.09
CA PHE I 145 16.54 -38.56 -29.94
C PHE I 145 17.97 -38.17 -29.56
N LEU I 146 18.43 -38.57 -28.37
CA LEU I 146 19.78 -38.24 -27.92
C LEU I 146 20.75 -39.37 -28.32
N ALA I 147 20.25 -40.42 -28.95
CA ALA I 147 21.05 -41.62 -29.17
C ALA I 147 22.37 -41.30 -29.91
N ASN I 148 22.31 -40.61 -31.06
CA ASN I 148 23.55 -40.45 -31.86
CA ASN I 148 23.51 -40.43 -31.91
C ASN I 148 24.23 -39.12 -31.53
N THR I 149 23.80 -38.44 -30.47
CA THR I 149 24.26 -37.08 -30.17
C THR I 149 25.36 -37.07 -29.11
N ASP I 150 25.92 -35.90 -28.89
CA ASP I 150 26.88 -35.68 -27.82
C ASP I 150 26.19 -34.96 -26.66
N ILE I 151 24.91 -35.23 -26.45
CA ILE I 151 24.16 -34.56 -25.41
C ILE I 151 23.72 -35.61 -24.38
N ALA I 152 24.20 -35.43 -23.15
CA ALA I 152 23.91 -36.32 -22.06
C ALA I 152 22.62 -35.88 -21.37
N LEU I 153 21.74 -36.85 -21.11
CA LEU I 153 20.55 -36.56 -20.33
C LEU I 153 20.87 -36.77 -18.85
N ILE I 154 20.89 -35.68 -18.08
CA ILE I 154 21.33 -35.73 -16.70
C ILE I 154 20.13 -36.06 -15.83
N PRO I 155 20.26 -37.12 -15.01
CA PRO I 155 19.17 -37.54 -14.16
C PRO I 155 19.19 -36.83 -12.80
N LEU I 156 17.99 -36.50 -12.34
CA LEU I 156 17.83 -35.96 -10.99
C LEU I 156 17.52 -37.12 -10.08
N VAL I 157 18.33 -37.26 -9.03
CA VAL I 157 18.14 -38.31 -8.09
C VAL I 157 17.81 -37.71 -6.72
N SER I 158 16.66 -38.12 -6.21
CA SER I 158 16.15 -37.66 -4.95
C SER I 158 16.90 -38.35 -3.81
N LEU I 159 17.38 -37.58 -2.85
CA LEU I 159 18.13 -38.13 -1.72
C LEU I 159 17.15 -38.56 -0.64
N THR I 160 15.87 -38.27 -0.76
CA THR I 160 14.89 -38.67 0.26
C THR I 160 14.35 -40.07 -0.06
N THR I 161 14.49 -40.51 -1.28
CA THR I 161 14.02 -41.82 -1.74
C THR I 161 15.20 -42.80 -1.63
N GLY I 162 14.90 -44.08 -1.57
CA GLY I 162 15.96 -45.11 -1.49
C GLY I 162 16.78 -45.16 -2.77
N ILE I 163 18.10 -45.38 -2.65
CA ILE I 163 18.98 -45.42 -3.84
C ILE I 163 18.70 -46.68 -4.65
N GLU I 164 18.36 -47.78 -3.98
CA GLU I 164 18.07 -49.04 -4.64
C GLU I 164 16.85 -48.86 -5.54
N ARG I 165 15.88 -48.09 -5.10
CA ARG I 165 14.68 -47.82 -5.87
C ARG I 165 15.03 -47.06 -7.16
N GLN I 166 16.02 -46.16 -7.10
CA GLN I 166 16.38 -45.33 -8.22
C GLN I 166 17.52 -45.95 -9.06
N LYS I 167 17.68 -47.27 -8.97
CA LYS I 167 18.75 -48.01 -9.60
C LYS I 167 18.72 -47.79 -11.11
N GLU I 168 17.51 -47.76 -11.69
CA GLU I 168 17.36 -47.61 -13.13
C GLU I 168 17.88 -46.24 -13.58
N LEU I 169 17.55 -45.20 -12.81
CA LEU I 169 17.95 -43.85 -13.20
C LEU I 169 19.46 -43.72 -13.11
N ILE I 170 20.04 -44.34 -12.12
CA ILE I 170 21.48 -44.15 -11.87
C ILE I 170 22.27 -44.99 -12.90
N GLU I 171 21.77 -46.16 -13.17
CA GLU I 171 22.38 -47.11 -14.13
C GLU I 171 22.34 -46.49 -15.51
N GLY I 172 23.50 -46.32 -16.15
CA GLY I 172 23.58 -45.71 -17.48
C GLY I 172 23.25 -44.21 -17.49
N ALA I 173 23.34 -43.56 -16.32
CA ALA I 173 23.28 -42.10 -16.22
C ALA I 173 24.48 -41.51 -16.96
N GLU I 174 24.29 -40.34 -17.58
CA GLU I 174 25.39 -39.77 -18.38
C GLU I 174 25.67 -38.34 -17.95
N GLY I 175 26.87 -37.87 -18.20
CA GLY I 175 27.24 -36.49 -17.85
C GLY I 175 27.62 -36.35 -16.37
N PHE I 176 26.61 -36.25 -15.51
CA PHE I 176 26.77 -36.28 -14.07
C PHE I 176 25.42 -36.62 -13.45
N ILE I 177 25.41 -36.82 -12.14
CA ILE I 177 24.19 -37.10 -11.43
C ILE I 177 23.86 -35.90 -10.55
N TYR I 178 22.64 -35.40 -10.70
CA TYR I 178 22.18 -34.24 -9.98
C TYR I 178 21.43 -34.71 -8.73
N ALA I 179 22.07 -34.61 -7.57
CA ALA I 179 21.44 -35.05 -6.35
C ALA I 179 20.61 -33.92 -5.77
N VAL I 180 19.35 -34.20 -5.48
CA VAL I 180 18.41 -33.17 -5.06
C VAL I 180 17.70 -33.64 -3.79
N ALA I 181 17.21 -32.70 -3.02
CA ALA I 181 16.35 -32.98 -1.89
C ALA I 181 15.23 -31.95 -1.87
N ILE I 182 13.99 -32.37 -1.68
CA ILE I 182 12.88 -31.41 -1.66
C ILE I 182 12.64 -30.97 -0.21
N SER I 189 11.20 -34.01 7.99
CA SER I 189 11.07 -34.48 9.36
C SER I 189 12.39 -34.34 10.12
N GLY I 190 12.57 -35.16 11.16
CA GLY I 190 13.85 -35.26 11.88
C GLY I 190 14.70 -36.40 11.31
N ASN I 191 14.01 -37.41 10.77
CA ASN I 191 14.65 -38.56 10.10
C ASN I 191 15.06 -38.18 8.68
N TYR I 192 14.56 -37.06 8.19
CA TYR I 192 14.86 -36.53 6.87
C TYR I 192 16.37 -36.25 6.68
N ARG I 193 17.02 -35.67 7.69
CA ARG I 193 18.43 -35.26 7.54
C ARG I 193 19.37 -36.45 7.71
N ALA I 194 18.99 -37.48 8.46
CA ALA I 194 19.91 -38.62 8.69
C ALA I 194 19.84 -39.52 7.47
N ASP I 195 18.65 -39.68 6.90
CA ASP I 195 18.49 -40.63 5.78
C ASP I 195 19.05 -39.97 4.53
N LEU I 196 19.09 -38.66 4.46
CA LEU I 196 19.64 -37.89 3.36
C LEU I 196 21.16 -38.16 3.29
N ASP I 197 21.81 -38.08 4.44
CA ASP I 197 23.25 -38.28 4.49
C ASP I 197 23.57 -39.71 4.04
N LYS I 198 22.81 -40.66 4.54
CA LYS I 198 22.98 -42.07 4.20
C LYS I 198 22.78 -42.24 2.69
N HIS I 199 21.72 -41.68 2.13
CA HIS I 199 21.38 -41.87 0.73
C HIS I 199 22.44 -41.23 -0.18
N LEU I 200 22.98 -40.09 0.25
CA LEU I 200 23.98 -39.40 -0.53
C LEU I 200 25.23 -40.28 -0.65
N ALA I 201 25.64 -40.79 0.51
CA ALA I 201 26.80 -41.66 0.60
C ALA I 201 26.61 -42.90 -0.27
N GLN I 202 25.40 -43.50 -0.21
CA GLN I 202 25.14 -44.72 -0.95
C GLN I 202 25.22 -44.42 -2.45
N LEU I 203 24.60 -43.33 -2.86
CA LEU I 203 24.54 -42.93 -4.26
C LEU I 203 25.96 -42.67 -4.76
N HIS I 204 26.78 -42.03 -3.91
CA HIS I 204 28.12 -41.68 -4.29
C HIS I 204 28.93 -42.94 -4.64
N GLN I 205 28.84 -43.96 -3.79
CA GLN I 205 29.60 -45.20 -4.02
C GLN I 205 29.12 -45.91 -5.30
N VAL I 206 27.82 -45.92 -5.51
CA VAL I 206 27.18 -46.74 -6.55
C VAL I 206 27.37 -46.09 -7.93
N ALA I 207 27.62 -44.79 -7.99
CA ALA I 207 27.64 -44.07 -9.25
C ALA I 207 28.99 -44.30 -9.98
N ASP I 208 28.90 -44.35 -11.31
CA ASP I 208 30.06 -44.49 -12.19
C ASP I 208 30.50 -43.11 -12.70
N ILE I 209 29.70 -42.08 -12.44
CA ILE I 209 30.00 -40.74 -12.93
C ILE I 209 29.93 -39.78 -11.74
N PRO I 210 30.31 -38.52 -11.95
CA PRO I 210 30.36 -37.59 -10.83
C PRO I 210 28.95 -37.29 -10.29
N VAL I 211 28.89 -37.10 -8.98
CA VAL I 211 27.67 -36.73 -8.30
C VAL I 211 27.77 -35.27 -7.85
N LEU I 212 26.83 -34.46 -8.27
CA LEU I 212 26.84 -33.05 -7.96
C LEU I 212 25.66 -32.70 -7.06
N THR I 213 25.96 -31.77 -6.17
CA THR I 213 25.04 -31.27 -5.20
C THR I 213 24.39 -30.00 -5.75
N GLY I 214 23.10 -29.87 -5.55
CA GLY I 214 22.40 -28.68 -6.02
C GLY I 214 21.83 -27.82 -4.90
N PHE I 215 22.34 -27.96 -3.68
CA PHE I 215 21.77 -27.25 -2.56
C PHE I 215 22.24 -25.81 -2.60
N GLY I 216 21.50 -24.95 -1.90
CA GLY I 216 21.77 -23.54 -1.83
C GLY I 216 23.16 -23.29 -1.25
N VAL I 217 24.02 -22.78 -2.11
CA VAL I 217 25.36 -22.36 -1.72
C VAL I 217 25.36 -20.83 -1.71
N SER I 218 25.56 -20.28 -0.52
CA SER I 218 25.71 -18.82 -0.42
C SER I 218 27.08 -18.40 0.16
N SER I 219 27.90 -19.37 0.61
CA SER I 219 29.16 -18.99 1.27
C SER I 219 30.24 -20.04 0.99
N GLN I 220 31.48 -19.68 1.30
CA GLN I 220 32.60 -20.59 1.13
C GLN I 220 32.39 -21.79 2.07
N ALA I 221 31.83 -21.56 3.24
CA ALA I 221 31.54 -22.62 4.18
C ALA I 221 30.55 -23.60 3.57
N ASP I 222 29.51 -23.10 2.93
CA ASP I 222 28.53 -23.97 2.27
C ASP I 222 29.26 -24.84 1.26
N LEU I 223 30.12 -24.20 0.48
CA LEU I 223 30.79 -24.83 -0.63
C LEU I 223 31.67 -25.98 -0.15
N GLU I 224 32.42 -25.76 0.91
CA GLU I 224 33.35 -26.76 1.42
C GLU I 224 32.56 -27.94 2.01
N ARG I 225 31.46 -27.65 2.69
CA ARG I 225 30.64 -28.67 3.33
C ARG I 225 30.17 -29.69 2.30
N PHE I 226 29.64 -29.21 1.19
CA PHE I 226 29.00 -30.08 0.21
C PHE I 226 30.08 -30.82 -0.62
N ASN I 227 31.22 -30.19 -0.81
CA ASN I 227 32.31 -30.80 -1.55
C ASN I 227 32.93 -31.96 -0.75
N ALA I 228 32.73 -31.98 0.55
CA ALA I 228 33.22 -33.09 1.39
C ALA I 228 32.45 -34.37 1.07
N VAL I 229 31.21 -34.24 0.59
CA VAL I 229 30.32 -35.40 0.49
C VAL I 229 29.85 -35.59 -0.97
N SER I 230 30.43 -34.83 -1.90
CA SER I 230 30.05 -34.96 -3.29
C SER I 230 31.23 -34.58 -4.17
N ASP I 231 31.05 -34.68 -5.47
CA ASP I 231 32.15 -34.42 -6.39
C ASP I 231 32.13 -32.93 -6.79
N GLY I 232 31.11 -32.19 -6.40
CA GLY I 232 31.01 -30.79 -6.75
C GLY I 232 29.61 -30.24 -6.51
N VAL I 233 29.42 -29.00 -6.99
CA VAL I 233 28.23 -28.25 -6.70
C VAL I 233 27.73 -27.54 -7.96
N ILE I 234 26.43 -27.28 -7.94
CA ILE I 234 25.80 -26.42 -8.89
C ILE I 234 25.29 -25.21 -8.12
N VAL I 235 25.60 -24.01 -8.62
CA VAL I 235 25.21 -22.80 -7.94
C VAL I 235 24.38 -21.93 -8.88
N GLY I 236 23.13 -21.68 -8.48
CA GLY I 236 22.25 -20.81 -9.25
C GLY I 236 22.02 -19.46 -8.60
N SER I 237 21.20 -19.43 -7.55
CA SER I 237 20.64 -18.18 -7.02
C SER I 237 21.71 -17.12 -6.81
N LYS I 238 22.81 -17.51 -6.19
CA LYS I 238 23.82 -16.56 -5.77
C LYS I 238 24.37 -15.83 -7.00
N ILE I 239 24.60 -16.58 -8.06
CA ILE I 239 25.23 -16.02 -9.24
C ILE I 239 24.23 -15.17 -10.01
N VAL I 240 23.02 -15.68 -10.15
CA VAL I 240 22.01 -14.99 -10.91
C VAL I 240 21.71 -13.64 -10.25
N LYS I 241 21.59 -13.64 -8.93
CA LYS I 241 21.28 -12.45 -8.19
C LYS I 241 22.43 -11.45 -8.32
N ALA I 242 23.65 -11.93 -8.17
CA ALA I 242 24.83 -11.07 -8.21
C ALA I 242 24.96 -10.43 -9.60
N LEU I 243 24.78 -11.21 -10.64
CA LEU I 243 24.90 -10.67 -12.00
C LEU I 243 23.84 -9.60 -12.22
N HIS I 244 22.63 -9.85 -11.75
CA HIS I 244 21.53 -8.92 -11.98
C HIS I 244 21.76 -7.63 -11.20
N GLN I 245 22.17 -7.78 -9.94
CA GLN I 245 22.24 -6.65 -9.03
C GLN I 245 23.61 -5.97 -9.14
N GLY I 246 24.54 -6.53 -9.92
CA GLY I 246 25.86 -5.93 -10.02
C GLY I 246 26.68 -6.08 -8.73
N GLU I 247 26.41 -7.11 -7.93
CA GLU I 247 27.32 -7.48 -6.83
C GLU I 247 28.57 -8.15 -7.43
N PRO I 248 29.71 -8.08 -6.73
CA PRO I 248 30.92 -8.76 -7.19
C PRO I 248 30.77 -10.28 -7.03
N ILE I 249 31.15 -11.03 -8.06
CA ILE I 249 30.99 -12.49 -7.99
C ILE I 249 32.28 -13.21 -8.42
N GLN I 250 33.21 -12.48 -9.02
CA GLN I 250 34.40 -13.08 -9.59
C GLN I 250 35.23 -13.78 -8.51
N ASP I 251 35.40 -13.10 -7.37
CA ASP I 251 36.26 -13.62 -6.29
C ASP I 251 35.66 -14.93 -5.77
N PHE I 252 34.35 -14.93 -5.57
CA PHE I 252 33.69 -16.12 -5.06
C PHE I 252 33.93 -17.30 -6.01
N ILE I 253 33.80 -17.07 -7.31
CA ILE I 253 33.90 -18.14 -8.28
C ILE I 253 35.36 -18.60 -8.36
N ARG I 254 36.29 -17.66 -8.41
CA ARG I 254 37.72 -18.00 -8.44
C ARG I 254 38.06 -18.94 -7.28
N GLN I 255 37.65 -18.55 -6.09
CA GLN I 255 37.95 -19.32 -4.89
C GLN I 255 37.26 -20.70 -4.97
N ALA I 256 36.03 -20.71 -5.45
CA ALA I 256 35.26 -21.94 -5.53
C ALA I 256 35.91 -22.95 -6.48
N VAL I 257 36.36 -22.45 -7.63
CA VAL I 257 36.96 -23.30 -8.65
C VAL I 257 38.26 -23.91 -8.10
N ALA I 258 38.94 -23.18 -7.24
CA ALA I 258 40.25 -23.58 -6.71
C ALA I 258 40.12 -24.57 -5.53
N TYR I 259 38.92 -25.03 -5.19
CA TYR I 259 38.77 -26.05 -4.13
C TYR I 259 39.58 -27.30 -4.50
N GLN I 260 40.38 -27.79 -3.56
CA GLN I 260 41.09 -29.08 -3.71
C GLN I 260 40.64 -30.09 -2.64
N LYS I 261 40.42 -31.35 -3.06
CA LYS I 261 40.39 -32.50 -2.13
C LYS I 261 41.74 -32.50 -1.38
N PRO J 5 31.08 -42.25 -25.82
CA PRO J 5 31.23 -41.47 -24.57
C PRO J 5 30.92 -40.00 -24.82
N LYS J 6 30.13 -39.38 -23.92
CA LYS J 6 29.79 -37.97 -24.10
C LYS J 6 30.93 -37.15 -23.53
N THR J 7 31.25 -36.05 -24.19
CA THR J 7 32.36 -35.20 -23.77
C THR J 7 32.14 -34.65 -22.34
N LEU J 8 30.90 -34.42 -21.94
CA LEU J 8 30.62 -33.90 -20.60
C LEU J 8 31.15 -34.83 -19.51
N THR J 9 30.93 -36.14 -19.67
CA THR J 9 31.41 -37.11 -18.71
C THR J 9 32.94 -37.04 -18.61
N GLU J 10 33.60 -36.97 -19.76
CA GLU J 10 35.04 -36.98 -19.82
C GLU J 10 35.58 -35.73 -19.09
N LYS J 11 35.01 -34.59 -19.39
CA LYS J 11 35.56 -33.35 -18.87
C LYS J 11 35.42 -33.29 -17.35
N LEU J 12 34.30 -33.78 -16.82
CA LEU J 12 34.08 -33.72 -15.39
C LEU J 12 34.94 -34.77 -14.68
N ASN J 13 35.05 -35.98 -15.27
CA ASN J 13 35.93 -37.01 -14.73
C ASN J 13 37.37 -36.47 -14.58
N ALA J 14 37.83 -35.71 -15.59
CA ALA J 14 39.20 -35.17 -15.59
C ALA J 14 39.40 -34.21 -14.41
N ILE J 15 38.40 -33.40 -14.12
CA ILE J 15 38.52 -32.44 -13.01
C ILE J 15 38.57 -33.21 -11.69
N LYS J 16 37.72 -34.20 -11.57
CA LYS J 16 37.67 -35.04 -10.39
C LYS J 16 39.01 -35.78 -10.22
N ALA J 17 39.50 -36.37 -11.31
CA ALA J 17 40.76 -37.12 -11.30
C ALA J 17 41.92 -36.21 -10.88
N ALA J 18 41.84 -34.92 -11.18
CA ALA J 18 42.88 -33.95 -10.81
C ALA J 18 42.73 -33.53 -9.35
N GLY J 19 41.74 -34.07 -8.64
CA GLY J 19 41.53 -33.76 -7.22
C GLY J 19 40.88 -32.40 -7.02
N LYS J 20 40.23 -31.85 -8.04
CA LYS J 20 39.59 -30.55 -7.91
C LYS J 20 38.08 -30.76 -7.81
N GLY J 21 37.42 -29.87 -7.09
CA GLY J 21 35.96 -29.87 -7.02
C GLY J 21 35.34 -29.34 -8.30
N ILE J 22 34.25 -29.97 -8.71
CA ILE J 22 33.53 -29.54 -9.89
C ILE J 22 32.64 -28.36 -9.49
N PHE J 23 32.65 -27.33 -10.31
CA PHE J 23 31.88 -26.14 -10.01
C PHE J 23 31.07 -25.75 -11.25
N VAL J 24 29.74 -25.76 -11.10
CA VAL J 24 28.83 -25.49 -12.22
C VAL J 24 27.89 -24.35 -11.84
N PRO J 25 28.12 -23.16 -12.41
CA PRO J 25 27.18 -22.08 -12.26
C PRO J 25 25.94 -22.29 -13.17
N TYR J 26 24.80 -21.81 -12.67
CA TYR J 26 23.57 -21.74 -13.46
C TYR J 26 23.29 -20.28 -13.82
N ILE J 27 22.94 -20.05 -15.08
CA ILE J 27 22.47 -18.74 -15.50
C ILE J 27 21.17 -18.91 -16.28
N ALA J 29 19.15 -18.00 -19.43
CA ALA J 29 19.32 -17.45 -20.76
C ALA J 29 18.37 -16.27 -20.93
N GLY J 30 18.91 -15.14 -21.37
CA GLY J 30 18.11 -13.97 -21.64
C GLY J 30 18.05 -13.01 -20.45
N ASP J 31 18.52 -13.41 -19.27
CA ASP J 31 18.57 -12.50 -18.11
C ASP J 31 19.85 -11.68 -18.16
N HIS J 32 19.78 -10.58 -18.90
CA HIS J 32 20.92 -9.75 -19.20
C HIS J 32 20.40 -8.41 -19.71
N GLU J 33 21.18 -7.34 -19.55
CA GLU J 33 20.81 -6.04 -20.09
C GLU J 33 20.48 -6.13 -21.58
N LYS J 34 21.19 -6.99 -22.30
CA LYS J 34 21.03 -7.14 -23.75
C LYS J 34 20.19 -8.39 -24.11
N GLY J 35 19.54 -8.99 -23.13
CA GLY J 35 18.77 -10.20 -23.36
C GLY J 35 19.65 -11.34 -23.86
N LEU J 36 19.17 -12.07 -24.86
CA LEU J 36 19.91 -13.22 -25.39
C LEU J 36 21.21 -12.75 -26.03
N ASP J 37 21.29 -11.49 -26.44
CA ASP J 37 22.52 -10.99 -27.07
C ASP J 37 23.63 -10.87 -26.01
N GLY J 38 23.27 -10.94 -24.73
CA GLY J 38 24.26 -10.90 -23.67
C GLY J 38 24.77 -12.28 -23.27
N LEU J 39 24.21 -13.35 -23.84
CA LEU J 39 24.49 -14.71 -23.36
C LEU J 39 25.97 -15.08 -23.57
N ALA J 40 26.51 -14.80 -24.75
CA ALA J 40 27.90 -15.13 -25.05
C ALA J 40 28.84 -14.45 -24.03
N GLU J 41 28.55 -13.20 -23.74
CA GLU J 41 29.36 -12.40 -22.83
C GLU J 41 29.36 -13.06 -21.45
N THR J 42 28.19 -13.50 -20.99
CA THR J 42 28.08 -14.11 -19.68
C THR J 42 28.84 -15.44 -19.67
N ILE J 43 28.71 -16.22 -20.73
CA ILE J 43 29.36 -17.54 -20.80
C ILE J 43 30.88 -17.35 -20.79
N HIS J 44 31.37 -16.38 -21.55
CA HIS J 44 32.82 -16.16 -21.63
C HIS J 44 33.34 -15.61 -20.30
N PHE J 45 32.54 -14.82 -19.62
CA PHE J 45 32.90 -14.33 -18.30
C PHE J 45 33.13 -15.51 -17.35
N LEU J 46 32.26 -16.51 -17.41
CA LEU J 46 32.35 -17.68 -16.53
C LEU J 46 33.48 -18.60 -17.00
N GLU J 47 33.68 -18.71 -18.31
CA GLU J 47 34.77 -19.50 -18.87
C GLU J 47 36.12 -18.97 -18.39
N ASP J 48 36.27 -17.65 -18.38
CA ASP J 48 37.50 -17.00 -17.94
C ASP J 48 37.79 -17.33 -16.47
N LEU J 49 36.77 -17.67 -15.70
CA LEU J 49 36.98 -17.99 -14.29
C LEU J 49 37.21 -19.50 -14.11
N GLY J 50 37.18 -20.28 -15.19
CA GLY J 50 37.61 -21.68 -15.15
C GLY J 50 36.55 -22.61 -14.56
N VAL J 51 35.27 -22.33 -14.81
CA VAL J 51 34.20 -23.18 -14.30
C VAL J 51 34.20 -24.51 -15.06
N SER J 52 33.62 -25.55 -14.45
CA SER J 52 33.67 -26.89 -14.97
C SER J 52 32.69 -27.05 -16.14
N ALA J 53 31.50 -26.50 -15.94
CA ALA J 53 30.44 -26.52 -16.95
C ALA J 53 29.45 -25.40 -16.63
N ILE J 54 28.56 -25.08 -17.56
CA ILE J 54 27.58 -24.04 -17.29
C ILE J 54 26.18 -24.56 -17.58
N GLU J 55 25.33 -24.44 -16.57
CA GLU J 55 23.91 -24.73 -16.68
C GLU J 55 23.20 -23.50 -17.25
N VAL J 56 22.49 -23.68 -18.36
CA VAL J 56 21.81 -22.58 -19.03
C VAL J 56 20.29 -22.81 -18.99
N GLY J 57 19.61 -21.97 -18.23
CA GLY J 57 18.19 -22.12 -18.01
C GLY J 57 17.36 -21.56 -19.16
N ILE J 58 16.25 -22.21 -19.44
CA ILE J 58 15.23 -21.70 -20.35
C ILE J 58 14.07 -21.16 -19.52
N PRO J 59 13.68 -19.91 -19.76
CA PRO J 59 12.58 -19.35 -19.01
C PRO J 59 11.28 -20.06 -19.31
N PHE J 60 10.46 -20.21 -18.27
CA PHE J 60 9.23 -20.92 -18.41
C PHE J 60 8.12 -19.89 -18.63
N SER J 61 7.40 -19.96 -19.73
CA SER J 61 6.23 -19.07 -19.86
C SER J 61 4.96 -19.93 -19.75
N ASP J 62 4.06 -19.50 -18.89
CA ASP J 62 2.91 -20.32 -18.62
C ASP J 62 1.92 -20.10 -19.77
N PRO J 63 1.15 -21.14 -20.06
CA PRO J 63 0.22 -21.17 -21.19
C PRO J 63 -1.18 -20.69 -20.82
N VAL J 64 -1.43 -20.39 -19.54
CA VAL J 64 -2.78 -20.11 -19.10
C VAL J 64 -3.22 -18.78 -19.72
N ALA J 65 -4.38 -18.80 -20.37
CA ALA J 65 -4.86 -17.60 -21.07
C ALA J 65 -6.34 -17.37 -20.77
N ASP J 66 -6.80 -17.85 -19.62
CA ASP J 66 -8.26 -18.06 -19.43
C ASP J 66 -8.89 -16.78 -18.87
N GLY J 67 -8.09 -15.84 -18.33
CA GLY J 67 -8.61 -14.61 -17.75
C GLY J 67 -8.73 -14.69 -16.23
N PRO J 68 -8.94 -13.54 -15.58
CA PRO J 68 -8.82 -13.44 -14.12
C PRO J 68 -9.82 -14.31 -13.34
N VAL J 69 -11.06 -14.34 -13.78
CA VAL J 69 -12.10 -15.09 -13.03
C VAL J 69 -11.72 -16.57 -12.94
N ILE J 70 -11.34 -17.13 -14.07
CA ILE J 70 -11.04 -18.55 -14.15
C ILE J 70 -9.66 -18.83 -13.54
N GLU J 71 -8.72 -17.92 -13.71
CA GLU J 71 -7.42 -18.05 -13.08
C GLU J 71 -7.60 -18.16 -11.55
N GLU J 72 -8.43 -17.28 -10.98
CA GLU J 72 -8.68 -17.30 -9.54
C GLU J 72 -9.38 -18.62 -9.14
N ALA J 73 -10.31 -19.08 -9.97
CA ALA J 73 -11.04 -20.32 -9.69
C ALA J 73 -10.07 -21.51 -9.65
N GLY J 74 -9.08 -21.51 -10.53
CA GLY J 74 -8.04 -22.54 -10.53
C GLY J 74 -7.23 -22.55 -9.23
N LEU J 75 -6.88 -21.36 -8.75
CA LEU J 75 -6.13 -21.25 -7.51
C LEU J 75 -6.99 -21.76 -6.33
N ARG J 76 -8.28 -21.44 -6.33
CA ARG J 76 -9.14 -21.91 -5.27
C ARG J 76 -9.21 -23.45 -5.32
N SER J 77 -9.32 -23.99 -6.53
CA SER J 77 -9.42 -25.43 -6.72
C SER J 77 -8.16 -26.12 -6.20
N LEU J 78 -7.01 -25.56 -6.51
CA LEU J 78 -5.76 -26.17 -6.06
C LEU J 78 -5.66 -26.08 -4.53
N ALA J 79 -6.19 -25.01 -3.96
CA ALA J 79 -6.11 -24.80 -2.51
C ALA J 79 -7.04 -25.78 -1.79
N HIS J 80 -8.02 -26.33 -2.49
CA HIS J 80 -8.87 -27.39 -1.95
C HIS J 80 -8.22 -28.77 -2.14
N GLY J 81 -7.01 -28.83 -2.69
CA GLY J 81 -6.28 -30.10 -2.79
C GLY J 81 -6.67 -30.88 -4.03
N THR J 82 -7.25 -30.22 -5.02
CA THR J 82 -7.62 -30.87 -6.26
C THR J 82 -6.38 -31.45 -6.94
N SER J 83 -6.46 -32.70 -7.35
CA SER J 83 -5.43 -33.34 -8.15
C SER J 83 -6.09 -34.00 -9.36
N THR J 84 -5.31 -34.24 -10.40
CA THR J 84 -5.82 -34.94 -11.57
C THR J 84 -6.35 -36.31 -11.14
N GLN J 85 -5.59 -37.03 -10.32
CA GLN J 85 -5.97 -38.39 -9.97
C GLN J 85 -7.30 -38.38 -9.22
N ALA J 86 -7.46 -37.45 -8.29
CA ALA J 86 -8.70 -37.37 -7.51
C ALA J 86 -9.87 -36.95 -8.41
N LEU J 87 -9.61 -36.11 -9.40
CA LEU J 87 -10.67 -35.70 -10.33
C LEU J 87 -11.16 -36.92 -11.13
N VAL J 88 -10.23 -37.70 -11.65
CA VAL J 88 -10.59 -38.86 -12.43
C VAL J 88 -11.47 -39.79 -11.57
N GLU J 89 -11.03 -40.05 -10.35
CA GLU J 89 -11.76 -40.96 -9.46
C GLU J 89 -13.14 -40.39 -9.15
N THR J 90 -13.22 -39.10 -8.89
CA THR J 90 -14.50 -38.44 -8.63
C THR J 90 -15.43 -38.59 -9.84
N LEU J 91 -14.89 -38.48 -11.04
CA LEU J 91 -15.73 -38.51 -12.24
C LEU J 91 -16.35 -39.90 -12.44
N LYS J 92 -15.67 -40.95 -11.99
CA LYS J 92 -16.22 -42.30 -12.10
C LYS J 92 -17.47 -42.44 -11.23
N THR J 93 -17.51 -41.65 -10.17
CA THR J 93 -18.62 -41.61 -9.22
C THR J 93 -19.87 -40.98 -9.82
N ILE J 94 -19.71 -40.07 -10.79
CA ILE J 94 -20.78 -39.14 -11.11
C ILE J 94 -21.65 -39.71 -12.24
N GLU J 95 -22.94 -39.72 -11.99
CA GLU J 95 -23.89 -40.26 -12.96
C GLU J 95 -24.71 -39.09 -13.52
N THR J 96 -24.68 -38.95 -14.86
CA THR J 96 -25.37 -37.87 -15.53
C THR J 96 -25.53 -38.23 -17.01
N GLU J 97 -26.64 -37.76 -17.59
CA GLU J 97 -26.91 -37.98 -19.00
C GLU J 97 -26.20 -36.91 -19.84
N ILE J 98 -25.75 -35.85 -19.19
CA ILE J 98 -25.10 -34.75 -19.86
C ILE J 98 -23.66 -35.17 -20.19
N PRO J 99 -23.24 -35.00 -21.45
CA PRO J 99 -21.86 -35.29 -21.77
C PRO J 99 -20.89 -34.24 -21.17
N LEU J 100 -19.78 -34.74 -20.61
CA LEU J 100 -18.77 -33.90 -20.03
C LEU J 100 -17.57 -33.80 -20.99
N VAL J 101 -17.03 -32.59 -21.11
CA VAL J 101 -15.88 -32.32 -21.90
C VAL J 101 -14.77 -31.81 -20.97
N ILE J 102 -13.67 -32.53 -20.90
CA ILE J 102 -12.55 -32.14 -20.09
C ILE J 102 -11.72 -31.10 -20.83
N THR J 104 -8.18 -29.22 -20.44
CA THR J 104 -6.93 -29.22 -19.70
C THR J 104 -5.79 -28.80 -20.63
N TYR J 105 -4.77 -28.21 -20.02
CA TYR J 105 -3.53 -28.00 -20.71
C TYR J 105 -2.76 -29.31 -20.74
N PHE J 106 -1.77 -29.38 -21.59
CA PHE J 106 -1.16 -30.65 -21.88
C PHE J 106 -0.39 -31.20 -20.67
N ASN J 107 0.24 -30.35 -19.87
CA ASN J 107 1.19 -30.85 -18.87
C ASN J 107 0.50 -31.80 -17.87
N PRO J 108 -0.66 -31.42 -17.32
CA PRO J 108 -1.29 -32.30 -16.33
C PRO J 108 -1.62 -33.67 -16.93
N LEU J 109 -2.02 -33.65 -18.21
CA LEU J 109 -2.33 -34.85 -18.93
C LEU J 109 -1.07 -35.71 -19.10
N PHE J 110 0.01 -35.05 -19.48
CA PHE J 110 1.26 -35.70 -19.71
C PHE J 110 1.79 -36.34 -18.42
N GLN J 111 1.65 -35.62 -17.31
CA GLN J 111 2.13 -36.12 -16.02
C GLN J 111 1.32 -37.35 -15.60
N TYR J 112 0.02 -37.31 -15.83
CA TYR J 112 -0.86 -38.41 -15.46
C TYR J 112 -0.59 -39.62 -16.35
N GLY J 113 -0.26 -39.34 -17.61
CA GLY J 113 -0.17 -40.35 -18.62
C GLY J 113 -1.41 -40.31 -19.49
N VAL J 114 -1.22 -39.98 -20.76
CA VAL J 114 -2.35 -39.75 -21.64
C VAL J 114 -3.17 -41.04 -21.75
N GLU J 115 -2.52 -42.16 -21.99
CA GLU J 115 -3.22 -43.42 -22.20
C GLU J 115 -3.99 -43.78 -20.92
N ASN J 116 -3.32 -43.68 -19.78
CA ASN J 116 -3.96 -43.94 -18.50
C ASN J 116 -5.22 -43.08 -18.34
N PHE J 117 -5.10 -41.81 -18.67
CA PHE J 117 -6.20 -40.86 -18.46
C PHE J 117 -7.41 -41.32 -19.27
N VAL J 118 -7.18 -41.68 -20.52
CA VAL J 118 -8.26 -42.04 -21.40
C VAL J 118 -8.89 -43.35 -20.94
N LYS J 119 -8.06 -44.33 -20.61
CA LYS J 119 -8.57 -45.63 -20.19
C LYS J 119 -9.33 -45.48 -18.87
N ASP J 120 -8.82 -44.67 -17.95
CA ASP J 120 -9.45 -44.52 -16.65
C ASP J 120 -10.81 -43.84 -16.80
N LEU J 121 -11.06 -43.12 -17.89
CA LEU J 121 -12.36 -42.43 -18.06
C LEU J 121 -13.30 -43.24 -18.97
N ALA J 122 -12.94 -44.46 -19.29
CA ALA J 122 -13.68 -45.25 -20.27
C ALA J 122 -15.16 -45.36 -19.85
N ASP J 123 -15.44 -45.53 -18.57
CA ASP J 123 -16.80 -45.87 -18.18
C ASP J 123 -17.55 -44.64 -17.66
N THR J 124 -17.06 -43.43 -17.94
CA THR J 124 -17.56 -42.23 -17.30
C THR J 124 -18.45 -41.42 -18.27
N ALA J 125 -18.94 -40.30 -17.76
CA ALA J 125 -19.74 -39.36 -18.54
C ALA J 125 -18.85 -38.48 -19.41
N VAL J 126 -17.54 -38.69 -19.42
CA VAL J 126 -16.65 -37.87 -20.22
C VAL J 126 -16.73 -38.29 -21.70
N LYS J 127 -17.06 -37.35 -22.57
CA LYS J 127 -17.22 -37.65 -23.98
C LYS J 127 -16.35 -36.77 -24.86
N GLY J 128 -15.59 -35.87 -24.26
CA GLY J 128 -14.84 -34.89 -25.04
C GLY J 128 -13.61 -34.44 -24.29
N LEU J 129 -12.63 -33.96 -25.04
CA LEU J 129 -11.38 -33.52 -24.49
C LEU J 129 -10.89 -32.31 -25.28
N ILE J 130 -10.55 -31.22 -24.59
CA ILE J 130 -9.99 -30.02 -25.20
C ILE J 130 -8.59 -29.79 -24.62
N ILE J 131 -7.61 -29.61 -25.48
CA ILE J 131 -6.26 -29.35 -25.03
C ILE J 131 -5.73 -28.13 -25.77
N PRO J 132 -5.94 -26.96 -25.20
CA PRO J 132 -5.67 -25.71 -25.88
C PRO J 132 -4.23 -25.53 -26.34
N ASP J 133 -3.26 -26.10 -25.62
CA ASP J 133 -1.87 -25.83 -25.95
C ASP J 133 -1.25 -27.06 -26.61
N LEU J 134 -2.07 -27.97 -27.14
CA LEU J 134 -1.51 -29.09 -27.92
C LEU J 134 -1.47 -28.70 -29.40
N PRO J 135 -0.27 -28.54 -29.96
CA PRO J 135 -0.14 -28.19 -31.37
C PRO J 135 -0.65 -29.32 -32.28
N HIS J 136 -1.28 -28.98 -33.40
CA HIS J 136 -1.81 -30.00 -34.33
C HIS J 136 -0.69 -30.94 -34.79
N GLU J 137 0.49 -30.37 -34.98
CA GLU J 137 1.67 -31.11 -35.43
C GLU J 137 1.98 -32.25 -34.45
N HIS J 138 1.59 -32.13 -33.18
CA HIS J 138 1.94 -33.12 -32.17
C HIS J 138 0.69 -33.89 -31.69
N ALA J 139 -0.30 -33.99 -32.56
CA ALA J 139 -1.57 -34.66 -32.22
C ALA J 139 -1.34 -36.16 -31.99
N ASN J 140 -0.25 -36.74 -32.49
CA ASN J 140 0.06 -38.19 -32.32
C ASN J 140 0.20 -38.56 -30.83
N PHE J 141 0.45 -37.56 -29.97
CA PHE J 141 0.59 -37.84 -28.55
C PHE J 141 -0.76 -38.18 -27.93
N VAL J 142 -1.85 -37.75 -28.56
CA VAL J 142 -3.17 -37.96 -27.98
C VAL J 142 -4.05 -38.82 -28.91
N GLU J 143 -4.05 -38.54 -30.21
CA GLU J 143 -5.13 -39.03 -31.12
C GLU J 143 -5.24 -40.56 -31.10
N PRO J 144 -4.10 -41.27 -31.22
CA PRO J 144 -4.08 -42.72 -31.19
C PRO J 144 -4.84 -43.33 -30.01
N PHE J 145 -4.71 -42.73 -28.83
CA PHE J 145 -5.29 -43.32 -27.63
C PHE J 145 -6.80 -43.11 -27.59
N LEU J 146 -7.31 -42.18 -28.39
CA LEU J 146 -8.75 -41.91 -28.41
C LEU J 146 -9.43 -42.74 -29.50
N ALA J 147 -8.66 -43.53 -30.24
CA ALA J 147 -9.15 -44.12 -31.49
C ALA J 147 -10.41 -44.96 -31.22
N ASN J 148 -10.36 -45.92 -30.29
CA ASN J 148 -11.51 -46.85 -30.17
C ASN J 148 -12.44 -46.38 -29.06
N THR J 149 -12.29 -45.15 -28.60
CA THR J 149 -13.01 -44.67 -27.40
C THR J 149 -14.24 -43.84 -27.78
N ASP J 150 -15.00 -43.44 -26.75
CA ASP J 150 -16.12 -42.54 -26.96
C ASP J 150 -15.75 -41.12 -26.51
N ILE J 151 -14.47 -40.77 -26.64
CA ILE J 151 -14.01 -39.44 -26.28
C ILE J 151 -13.53 -38.71 -27.52
N ALA J 152 -14.20 -37.60 -27.81
CA ALA J 152 -13.91 -36.79 -28.97
C ALA J 152 -12.84 -35.76 -28.61
N LEU J 153 -11.85 -35.61 -29.48
CA LEU J 153 -10.86 -34.57 -29.32
C LEU J 153 -11.33 -33.31 -30.03
N ILE J 154 -11.66 -32.27 -29.26
CA ILE J 154 -12.19 -31.04 -29.83
C ILE J 154 -11.03 -30.12 -30.22
N PRO J 155 -10.98 -29.69 -31.47
CA PRO J 155 -9.96 -28.76 -31.92
C PRO J 155 -10.37 -27.30 -31.69
N LEU J 156 -9.40 -26.49 -31.31
CA LEU J 156 -9.54 -25.05 -31.33
C LEU J 156 -9.12 -24.52 -32.69
N VAL J 157 -10.02 -23.80 -33.33
CA VAL J 157 -9.76 -23.25 -34.62
C VAL J 157 -9.80 -21.73 -34.53
N SER J 158 -8.69 -21.16 -34.95
CA SER J 158 -8.46 -19.74 -34.82
C SER J 158 -9.21 -19.01 -35.93
N LEU J 159 -9.96 -17.98 -35.57
CA LEU J 159 -10.72 -17.22 -36.56
C LEU J 159 -9.81 -16.16 -37.17
N THR J 160 -8.62 -15.93 -36.64
CA THR J 160 -7.72 -14.91 -37.22
C THR J 160 -6.87 -15.53 -38.34
N THR J 161 -6.75 -16.83 -38.36
CA THR J 161 -6.01 -17.57 -39.37
C THR J 161 -6.99 -17.96 -40.47
N GLY J 162 -6.48 -18.14 -41.68
CA GLY J 162 -7.33 -18.56 -42.82
C GLY J 162 -7.89 -19.94 -42.60
N ILE J 163 -9.14 -20.16 -43.03
CA ILE J 163 -9.82 -21.44 -42.77
C ILE J 163 -9.20 -22.54 -43.64
N GLU J 164 -8.76 -22.17 -44.85
CA GLU J 164 -8.18 -23.11 -45.78
C GLU J 164 -6.90 -23.68 -45.18
N ARG J 165 -6.14 -22.84 -44.46
CA ARG J 165 -4.91 -23.27 -43.85
C ARG J 165 -5.19 -24.33 -42.77
N GLN J 166 -6.31 -24.21 -42.05
CA GLN J 166 -6.63 -25.09 -40.95
C GLN J 166 -7.51 -26.26 -41.42
N LYS J 167 -7.46 -26.62 -42.70
CA LYS J 167 -8.34 -27.62 -43.28
C LYS J 167 -8.20 -28.97 -42.55
N GLU J 168 -6.96 -29.31 -42.20
CA GLU J 168 -6.67 -30.58 -41.57
C GLU J 168 -7.30 -30.64 -40.19
N LEU J 169 -7.21 -29.53 -39.45
CA LEU J 169 -7.77 -29.46 -38.11
C LEU J 169 -9.29 -29.64 -38.15
N ILE J 170 -9.90 -29.02 -39.14
CA ILE J 170 -11.34 -28.93 -39.17
C ILE J 170 -11.90 -30.29 -39.66
N GLU J 171 -11.20 -30.92 -40.60
CA GLU J 171 -11.72 -32.16 -41.20
C GLU J 171 -11.56 -33.27 -40.16
N GLY J 172 -10.52 -33.20 -39.33
CA GLY J 172 -10.26 -34.25 -38.33
C GLY J 172 -11.15 -34.11 -37.09
N ALA J 173 -11.94 -33.04 -37.01
CA ALA J 173 -12.62 -32.65 -35.79
C ALA J 173 -13.73 -33.65 -35.47
N GLU J 174 -13.91 -33.89 -34.17
CA GLU J 174 -14.98 -34.74 -33.65
C GLU J 174 -15.65 -33.97 -32.51
N GLY J 175 -16.90 -34.28 -32.21
CA GLY J 175 -17.60 -33.61 -31.09
C GLY J 175 -18.16 -32.26 -31.46
N PHE J 176 -17.31 -31.24 -31.50
CA PHE J 176 -17.65 -29.93 -32.05
C PHE J 176 -16.38 -29.20 -32.39
N ILE J 177 -16.54 -28.05 -33.02
CA ILE J 177 -15.39 -27.20 -33.34
C ILE J 177 -15.45 -25.96 -32.47
N TYR J 178 -14.35 -25.69 -31.79
CA TYR J 178 -14.27 -24.57 -30.88
C TYR J 178 -13.64 -23.38 -31.62
N ALA J 179 -14.46 -22.41 -32.02
CA ALA J 179 -13.96 -21.28 -32.75
C ALA J 179 -13.47 -20.23 -31.78
N VAL J 180 -12.22 -19.80 -31.94
CA VAL J 180 -11.56 -19.00 -30.92
C VAL J 180 -10.90 -17.81 -31.60
N ALA J 181 -10.75 -16.73 -30.87
CA ALA J 181 -9.96 -15.58 -31.37
C ALA J 181 -9.13 -15.05 -30.21
N ILE J 182 -7.92 -14.59 -30.47
CA ILE J 182 -6.95 -14.29 -29.44
C ILE J 182 -7.28 -12.98 -28.71
N ASN J 183 -8.02 -12.05 -29.33
CA ASN J 183 -8.49 -10.74 -28.71
C ASN J 183 -7.31 -10.06 -27.99
N GLY J 187 -10.76 -7.41 -30.50
CA GLY J 187 -9.51 -6.81 -30.98
C GLY J 187 -9.72 -5.48 -31.68
N LYS J 188 -8.76 -4.56 -31.54
CA LYS J 188 -8.98 -3.12 -31.86
C LYS J 188 -8.26 -2.72 -33.17
N SER J 189 -7.85 -3.73 -33.96
CA SER J 189 -6.95 -3.53 -35.10
C SER J 189 -7.72 -3.06 -36.35
N GLY J 190 -9.05 -3.17 -36.33
CA GLY J 190 -9.88 -2.71 -37.45
C GLY J 190 -10.03 -3.76 -38.56
N ASN J 191 -8.90 -4.26 -39.09
CA ASN J 191 -8.93 -5.36 -40.09
C ASN J 191 -9.19 -6.71 -39.38
N TYR J 192 -8.94 -6.73 -38.09
CA TYR J 192 -9.10 -7.91 -37.24
C TYR J 192 -10.58 -8.30 -37.11
N ARG J 193 -11.47 -7.32 -36.94
CA ARG J 193 -12.89 -7.62 -36.63
C ARG J 193 -13.64 -8.02 -37.91
N ALA J 194 -13.19 -7.54 -39.09
CA ALA J 194 -13.81 -7.94 -40.35
C ALA J 194 -13.33 -9.36 -40.70
N ASP J 195 -12.08 -9.66 -40.37
CA ASP J 195 -11.49 -10.95 -40.66
C ASP J 195 -12.20 -12.06 -39.91
N LEU J 196 -12.67 -11.80 -38.68
CA LEU J 196 -13.28 -12.86 -37.89
C LEU J 196 -14.62 -13.27 -38.54
N ASP J 197 -15.39 -12.30 -38.98
CA ASP J 197 -16.72 -12.55 -39.51
C ASP J 197 -16.58 -13.44 -40.76
N LYS J 198 -15.61 -13.08 -41.62
CA LYS J 198 -15.38 -13.81 -42.86
C LYS J 198 -15.00 -15.26 -42.52
N HIS J 199 -14.06 -15.41 -41.58
CA HIS J 199 -13.52 -16.72 -41.27
C HIS J 199 -14.55 -17.60 -40.57
N LEU J 200 -15.42 -17.00 -39.79
CA LEU J 200 -16.47 -17.74 -39.11
C LEU J 200 -17.40 -18.35 -40.15
N ALA J 201 -17.82 -17.52 -41.09
CA ALA J 201 -18.69 -17.96 -42.17
C ALA J 201 -18.02 -19.07 -43.00
N GLN J 202 -16.73 -18.90 -43.28
CA GLN J 202 -16.00 -19.89 -44.09
C GLN J 202 -15.95 -21.22 -43.31
N LEU J 203 -15.65 -21.13 -42.04
CA LEU J 203 -15.55 -22.31 -41.15
C LEU J 203 -16.91 -22.99 -41.09
N HIS J 204 -17.96 -22.20 -41.01
CA HIS J 204 -19.33 -22.70 -40.96
C HIS J 204 -19.63 -23.60 -42.16
N GLN J 205 -19.27 -23.16 -43.37
CA GLN J 205 -19.55 -23.91 -44.58
C GLN J 205 -18.75 -25.22 -44.58
N VAL J 206 -17.50 -25.15 -44.15
CA VAL J 206 -16.55 -26.24 -44.29
C VAL J 206 -16.83 -27.34 -43.25
N ALA J 207 -17.44 -26.99 -42.13
CA ALA J 207 -17.49 -27.89 -40.97
C ALA J 207 -18.61 -28.90 -41.14
N ASP J 208 -18.32 -30.15 -40.73
CA ASP J 208 -19.30 -31.25 -40.81
C ASP J 208 -19.98 -31.44 -39.45
N ILE J 209 -19.51 -30.75 -38.44
CA ILE J 209 -20.04 -30.87 -37.08
C ILE J 209 -20.32 -29.45 -36.56
N PRO J 210 -20.92 -29.36 -35.38
CA PRO J 210 -21.36 -28.02 -34.92
C PRO J 210 -20.15 -27.15 -34.57
N VAL J 211 -20.29 -25.87 -34.81
CA VAL J 211 -19.26 -24.88 -34.51
C VAL J 211 -19.73 -24.02 -33.34
N LEU J 212 -18.95 -24.00 -32.28
CA LEU J 212 -19.30 -23.28 -31.07
C LEU J 212 -18.34 -22.11 -30.84
N THR J 213 -18.93 -21.05 -30.32
CA THR J 213 -18.26 -19.82 -30.03
C THR J 213 -17.82 -19.81 -28.57
N GLY J 214 -16.63 -19.35 -28.29
CA GLY J 214 -16.17 -19.28 -26.91
C GLY J 214 -15.88 -17.88 -26.41
N PHE J 215 -16.49 -16.88 -27.01
CA PHE J 215 -16.10 -15.50 -26.60
C PHE J 215 -16.81 -15.14 -25.30
N GLY J 216 -16.32 -14.08 -24.70
CA GLY J 216 -16.86 -13.53 -23.46
C GLY J 216 -18.34 -13.22 -23.57
N VAL J 217 -19.14 -14.02 -22.91
CA VAL J 217 -20.59 -13.78 -22.83
C VAL J 217 -20.91 -13.29 -21.42
N SER J 218 -21.33 -12.04 -21.33
CA SER J 218 -21.71 -11.49 -20.03
C SER J 218 -23.17 -11.00 -20.04
N SER J 219 -23.86 -11.03 -21.17
CA SER J 219 -25.24 -10.52 -21.22
C SER J 219 -26.08 -11.34 -22.21
N GLN J 220 -27.38 -11.14 -22.15
CA GLN J 220 -28.30 -11.80 -23.05
C GLN J 220 -28.01 -11.35 -24.49
N ALA J 221 -27.64 -10.08 -24.62
CA ALA J 221 -27.30 -9.51 -25.92
C ALA J 221 -26.07 -10.23 -26.49
N ASP J 222 -25.07 -10.46 -25.65
CA ASP J 222 -23.88 -11.18 -26.10
C ASP J 222 -24.30 -12.56 -26.62
N LEU J 223 -25.16 -13.20 -25.85
CA LEU J 223 -25.52 -14.57 -26.11
C LEU J 223 -26.25 -14.70 -27.47
N GLU J 224 -27.17 -13.77 -27.72
CA GLU J 224 -27.93 -13.85 -28.95
C GLU J 224 -27.04 -13.52 -30.16
N ARG J 225 -26.13 -12.58 -29.99
CA ARG J 225 -25.23 -12.13 -31.05
C ARG J 225 -24.40 -13.29 -31.57
N PHE J 226 -23.85 -14.09 -30.67
CA PHE J 226 -22.94 -15.16 -31.06
C PHE J 226 -23.72 -16.35 -31.65
N ASN J 227 -24.94 -16.55 -31.15
CA ASN J 227 -25.79 -17.63 -31.65
C ASN J 227 -26.23 -17.34 -33.10
N ALA J 228 -26.22 -16.08 -33.50
CA ALA J 228 -26.62 -15.72 -34.87
C ALA J 228 -25.57 -16.20 -35.87
N VAL J 229 -24.32 -16.37 -35.42
CA VAL J 229 -23.22 -16.65 -36.36
C VAL J 229 -22.53 -17.97 -36.00
N SER J 230 -23.12 -18.74 -35.09
CA SER J 230 -22.57 -20.04 -34.75
C SER J 230 -23.69 -20.99 -34.34
N ASP J 231 -23.32 -22.21 -34.02
CA ASP J 231 -24.32 -23.20 -33.63
C ASP J 231 -24.56 -23.16 -32.12
N GLY J 232 -23.76 -22.41 -31.38
CA GLY J 232 -23.90 -22.34 -29.95
C GLY J 232 -22.72 -21.65 -29.28
N VAL J 233 -22.75 -21.65 -27.95
CA VAL J 233 -21.78 -20.90 -27.17
C VAL J 233 -21.27 -21.74 -26.01
N ILE J 234 -20.08 -21.37 -25.59
CA ILE J 234 -19.49 -21.81 -24.37
C ILE J 234 -19.38 -20.60 -23.44
N VAL J 235 -19.85 -20.75 -22.22
CA VAL J 235 -19.83 -19.66 -21.26
C VAL J 235 -19.08 -20.13 -20.02
N GLY J 236 -17.96 -19.44 -19.74
CA GLY J 236 -17.13 -19.72 -18.58
C GLY J 236 -17.29 -18.67 -17.49
N SER J 237 -16.61 -17.53 -17.66
CA SER J 237 -16.39 -16.57 -16.59
C SER J 237 -17.69 -16.25 -15.84
N LYS J 238 -18.74 -15.98 -16.57
CA LYS J 238 -19.97 -15.50 -15.96
C LYS J 238 -20.49 -16.54 -14.95
N ILE J 239 -20.42 -17.81 -15.34
CA ILE J 239 -21.00 -18.86 -14.54
C ILE J 239 -20.08 -19.15 -13.35
N VAL J 240 -18.78 -19.20 -13.61
CA VAL J 240 -17.82 -19.51 -12.57
C VAL J 240 -17.90 -18.44 -11.47
N LYS J 241 -17.97 -17.18 -11.88
CA LYS J 241 -18.01 -16.08 -10.97
C LYS J 241 -19.30 -16.13 -10.15
N ALA J 242 -20.42 -16.38 -10.84
CA ALA J 242 -21.73 -16.40 -10.17
C ALA J 242 -21.78 -17.55 -9.14
N LEU J 243 -21.30 -18.73 -9.51
CA LEU J 243 -21.30 -19.86 -8.60
C LEU J 243 -20.45 -19.54 -7.37
N HIS J 244 -19.31 -18.91 -7.58
CA HIS J 244 -18.40 -18.63 -6.48
C HIS J 244 -19.00 -17.56 -5.56
N GLN J 245 -19.58 -16.53 -6.15
CA GLN J 245 -20.08 -15.40 -5.40
C GLN J 245 -21.52 -15.66 -4.89
N GLY J 246 -22.13 -16.76 -5.30
CA GLY J 246 -23.48 -17.09 -4.90
C GLY J 246 -24.53 -16.16 -5.52
N GLU J 247 -24.22 -15.55 -6.66
CA GLU J 247 -25.18 -14.77 -7.40
C GLU J 247 -26.11 -15.73 -8.15
N PRO J 248 -27.31 -15.23 -8.48
CA PRO J 248 -28.26 -16.03 -9.28
C PRO J 248 -27.75 -16.23 -10.72
N ILE J 249 -27.80 -17.47 -11.20
CA ILE J 249 -27.36 -17.76 -12.57
C ILE J 249 -28.39 -18.61 -13.30
N GLN J 250 -29.36 -19.19 -12.57
CA GLN J 250 -30.32 -20.11 -13.15
C GLN J 250 -31.12 -19.42 -14.25
N ASP J 251 -31.58 -18.21 -14.00
CA ASP J 251 -32.45 -17.51 -14.96
C ASP J 251 -31.68 -17.28 -16.27
N PHE J 252 -30.43 -16.85 -16.14
CA PHE J 252 -29.62 -16.59 -17.32
C PHE J 252 -29.49 -17.87 -18.15
N ILE J 253 -29.23 -18.98 -17.48
CA ILE J 253 -28.99 -20.24 -18.18
C ILE J 253 -30.31 -20.73 -18.79
N ARG J 254 -31.39 -20.68 -18.05
CA ARG J 254 -32.70 -21.07 -18.57
C ARG J 254 -33.01 -20.33 -19.88
N GLN J 255 -32.85 -19.02 -19.84
CA GLN J 255 -33.12 -18.18 -21.00
C GLN J 255 -32.18 -18.55 -22.16
N ALA J 256 -30.91 -18.78 -21.83
CA ALA J 256 -29.90 -19.08 -22.84
C ALA J 256 -30.22 -20.42 -23.54
N VAL J 257 -30.60 -21.42 -22.75
CA VAL J 257 -30.88 -22.75 -23.28
C VAL J 257 -32.09 -22.69 -24.21
N ALA J 258 -33.02 -21.78 -23.91
CA ALA J 258 -34.29 -21.68 -24.64
C ALA J 258 -34.14 -20.88 -25.95
N TYR J 259 -32.93 -20.51 -26.34
CA TYR J 259 -32.71 -19.88 -27.65
C TYR J 259 -33.25 -20.75 -28.79
N GLN J 260 -34.08 -20.13 -29.64
CA GLN J 260 -34.82 -20.79 -30.72
C GLN J 260 -34.65 -19.88 -31.90
N LYS J 261 -33.71 -20.15 -32.79
CA LYS J 261 -33.54 -19.37 -34.06
C LYS J 261 -32.59 -20.15 -34.98
#